data_1B24
# 
_entry.id   1B24 
# 
_audit_conform.dict_name       mmcif_pdbx.dic 
_audit_conform.dict_version    5.398 
_audit_conform.dict_location   http://mmcif.pdb.org/dictionaries/ascii/mmcif_pdbx.dic 
# 
loop_
_database_2.database_id 
_database_2.database_code 
_database_2.pdbx_database_accession 
_database_2.pdbx_DOI 
PDB   1B24         pdb_00001b24 10.2210/pdb1b24/pdb 
RCSB  RCSB000208   ?            ?                   
WWPDB D_1000000208 ?            ?                   
# 
loop_
_pdbx_audit_revision_history.ordinal 
_pdbx_audit_revision_history.data_content_type 
_pdbx_audit_revision_history.major_revision 
_pdbx_audit_revision_history.minor_revision 
_pdbx_audit_revision_history.revision_date 
1 'Structure model' 1 0 1999-03-24 
2 'Structure model' 1 1 2008-04-26 
3 'Structure model' 1 2 2011-07-13 
4 'Structure model' 1 3 2022-12-21 
5 'Structure model' 1 4 2024-11-13 
# 
_pdbx_audit_revision_details.ordinal             1 
_pdbx_audit_revision_details.revision_ordinal    1 
_pdbx_audit_revision_details.data_content_type   'Structure model' 
_pdbx_audit_revision_details.provider            repository 
_pdbx_audit_revision_details.type                'Initial release' 
_pdbx_audit_revision_details.description         ? 
_pdbx_audit_revision_details.details             ? 
# 
loop_
_pdbx_audit_revision_group.ordinal 
_pdbx_audit_revision_group.revision_ordinal 
_pdbx_audit_revision_group.data_content_type 
_pdbx_audit_revision_group.group 
1 2 'Structure model' 'Version format compliance' 
2 3 'Structure model' 'Version format compliance' 
3 4 'Structure model' 'Database references'       
4 4 'Structure model' 'Derived calculations'      
5 4 'Structure model' 'Source and taxonomy'       
6 4 'Structure model' 'Structure summary'         
7 5 'Structure model' 'Data collection'           
8 5 'Structure model' 'Structure summary'         
# 
loop_
_pdbx_audit_revision_category.ordinal 
_pdbx_audit_revision_category.revision_ordinal 
_pdbx_audit_revision_category.data_content_type 
_pdbx_audit_revision_category.category 
1  4 'Structure model' database_2                
2  4 'Structure model' entity                    
3  4 'Structure model' entity_src_gen            
4  4 'Structure model' pdbx_struct_mod_residue   
5  4 'Structure model' struct_conn               
6  4 'Structure model' struct_ref                
7  4 'Structure model' struct_ref_seq_dif        
8  5 'Structure model' chem_comp_atom            
9  5 'Structure model' chem_comp_bond            
10 5 'Structure model' pdbx_entry_details        
11 5 'Structure model' pdbx_modification_feature 
# 
loop_
_pdbx_audit_revision_item.ordinal 
_pdbx_audit_revision_item.revision_ordinal 
_pdbx_audit_revision_item.data_content_type 
_pdbx_audit_revision_item.item 
1  4 'Structure model' '_database_2.pdbx_DOI'                           
2  4 'Structure model' '_database_2.pdbx_database_accession'            
3  4 'Structure model' '_entity.pdbx_description'                       
4  4 'Structure model' '_entity.pdbx_ec'                                
5  4 'Structure model' '_entity_src_gen.pdbx_beg_seq_num'               
6  4 'Structure model' '_entity_src_gen.pdbx_end_seq_num'               
7  4 'Structure model' '_entity_src_gen.pdbx_gene_src_ncbi_taxonomy_id' 
8  4 'Structure model' '_entity_src_gen.pdbx_seq_type'                  
9  4 'Structure model' '_pdbx_struct_mod_residue.details'               
10 4 'Structure model' '_struct_conn.pdbx_leaving_atom_flag'            
11 4 'Structure model' '_struct_ref.pdbx_align_begin'                   
12 4 'Structure model' '_struct_ref.pdbx_seq_one_letter_code'           
# 
_pdbx_database_status.status_code                     REL 
_pdbx_database_status.entry_id                        1B24 
_pdbx_database_status.recvd_initial_deposition_date   1998-12-03 
_pdbx_database_status.deposit_site                    BNL 
_pdbx_database_status.process_site                    RCSB 
_pdbx_database_status.status_code_sf                  REL 
_pdbx_database_status.SG_entry                        . 
_pdbx_database_status.pdb_format_compatible           Y 
_pdbx_database_status.status_code_mr                  ? 
_pdbx_database_status.status_code_cs                  ? 
_pdbx_database_status.status_code_nmr_data            ? 
_pdbx_database_status.methods_development_category    ? 
# 
loop_
_audit_author.name 
_audit_author.pdbx_ordinal 
'Van Roey, P.' 1 
'Silva, G.H.'  2 
# 
_citation.id                        primary 
_citation.title                     'Crystal structure of the thermostable archaeal intron-encoded endonuclease I-DmoI.' 
_citation.journal_abbrev            J.Mol.Biol. 
_citation.journal_volume            286 
_citation.page_first                1123 
_citation.page_last                 1136 
_citation.year                      1999 
_citation.journal_id_ASTM           JMOBAK 
_citation.country                   UK 
_citation.journal_id_ISSN           0022-2836 
_citation.journal_id_CSD            0070 
_citation.book_publisher            ? 
_citation.pdbx_database_id_PubMed   10047486 
_citation.pdbx_database_id_DOI      10.1006/jmbi.1998.2519 
# 
loop_
_citation_author.citation_id 
_citation_author.name 
_citation_author.ordinal 
_citation_author.identifier_ORCID 
primary 'Silva, G.H.'    1 ? 
primary 'Dalgaard, J.Z.' 2 ? 
primary 'Belfort, M.'    3 ? 
primary 'Van Roey, P.'   4 ? 
# 
loop_
_entity.id 
_entity.type 
_entity.src_method 
_entity.pdbx_description 
_entity.formula_weight 
_entity.pdbx_number_of_molecules 
_entity.pdbx_ec 
_entity.pdbx_mutation 
_entity.pdbx_fragment 
_entity.details 
1 polymer man 'Homing endonuclease I-DmoI' 22181.473 1  3.1.-.- ? ? 'SELENOMETHIONYL PROTEIN' 
2 water   nat water                        18.015    78 ?       ? ? ?                         
# 
_entity_poly.entity_id                      1 
_entity_poly.type                           'polypeptide(L)' 
_entity_poly.nstd_linkage                   no 
_entity_poly.nstd_monomer                   yes 
_entity_poly.pdbx_seq_one_letter_code       
;MHNNENVSGISAYLLGLIIGDGGLYKLKYKGNRSEYRVVITQKSENLIKQHIAPL(MSE)QFLIDELNVKSKIQIVKGDT
RYELRVSSKKLYYYFAN(MSE)LERIRLFN(MSE)REQIAFIKGLYVAEGDKTLKRLRIWNKNKALLEIVSRWLNNLGVR
NTIHLDDHRHGVYVLNISLRDRIKFVHTILSSHLNPLPPE
;
_entity_poly.pdbx_seq_one_letter_code_can   
;MHNNENVSGISAYLLGLIIGDGGLYKLKYKGNRSEYRVVITQKSENLIKQHIAPLMQFLIDELNVKSKIQIVKGDTRYEL
RVSSKKLYYYFANMLERIRLFNMREQIAFIKGLYVAEGDKTLKRLRIWNKNKALLEIVSRWLNNLGVRNTIHLDDHRHGV
YVLNISLRDRIKFVHTILSSHLNPLPPE
;
_entity_poly.pdbx_strand_id                 A 
_entity_poly.pdbx_target_identifier         ? 
# 
_pdbx_entity_nonpoly.entity_id   2 
_pdbx_entity_nonpoly.name        water 
_pdbx_entity_nonpoly.comp_id     HOH 
# 
loop_
_entity_poly_seq.entity_id 
_entity_poly_seq.num 
_entity_poly_seq.mon_id 
_entity_poly_seq.hetero 
1 1   MET n 
1 2   HIS n 
1 3   ASN n 
1 4   ASN n 
1 5   GLU n 
1 6   ASN n 
1 7   VAL n 
1 8   SER n 
1 9   GLY n 
1 10  ILE n 
1 11  SER n 
1 12  ALA n 
1 13  TYR n 
1 14  LEU n 
1 15  LEU n 
1 16  GLY n 
1 17  LEU n 
1 18  ILE n 
1 19  ILE n 
1 20  GLY n 
1 21  ASP n 
1 22  GLY n 
1 23  GLY n 
1 24  LEU n 
1 25  TYR n 
1 26  LYS n 
1 27  LEU n 
1 28  LYS n 
1 29  TYR n 
1 30  LYS n 
1 31  GLY n 
1 32  ASN n 
1 33  ARG n 
1 34  SER n 
1 35  GLU n 
1 36  TYR n 
1 37  ARG n 
1 38  VAL n 
1 39  VAL n 
1 40  ILE n 
1 41  THR n 
1 42  GLN n 
1 43  LYS n 
1 44  SER n 
1 45  GLU n 
1 46  ASN n 
1 47  LEU n 
1 48  ILE n 
1 49  LYS n 
1 50  GLN n 
1 51  HIS n 
1 52  ILE n 
1 53  ALA n 
1 54  PRO n 
1 55  LEU n 
1 56  MSE n 
1 57  GLN n 
1 58  PHE n 
1 59  LEU n 
1 60  ILE n 
1 61  ASP n 
1 62  GLU n 
1 63  LEU n 
1 64  ASN n 
1 65  VAL n 
1 66  LYS n 
1 67  SER n 
1 68  LYS n 
1 69  ILE n 
1 70  GLN n 
1 71  ILE n 
1 72  VAL n 
1 73  LYS n 
1 74  GLY n 
1 75  ASP n 
1 76  THR n 
1 77  ARG n 
1 78  TYR n 
1 79  GLU n 
1 80  LEU n 
1 81  ARG n 
1 82  VAL n 
1 83  SER n 
1 84  SER n 
1 85  LYS n 
1 86  LYS n 
1 87  LEU n 
1 88  TYR n 
1 89  TYR n 
1 90  TYR n 
1 91  PHE n 
1 92  ALA n 
1 93  ASN n 
1 94  MSE n 
1 95  LEU n 
1 96  GLU n 
1 97  ARG n 
1 98  ILE n 
1 99  ARG n 
1 100 LEU n 
1 101 PHE n 
1 102 ASN n 
1 103 MSE n 
1 104 ARG n 
1 105 GLU n 
1 106 GLN n 
1 107 ILE n 
1 108 ALA n 
1 109 PHE n 
1 110 ILE n 
1 111 LYS n 
1 112 GLY n 
1 113 LEU n 
1 114 TYR n 
1 115 VAL n 
1 116 ALA n 
1 117 GLU n 
1 118 GLY n 
1 119 ASP n 
1 120 LYS n 
1 121 THR n 
1 122 LEU n 
1 123 LYS n 
1 124 ARG n 
1 125 LEU n 
1 126 ARG n 
1 127 ILE n 
1 128 TRP n 
1 129 ASN n 
1 130 LYS n 
1 131 ASN n 
1 132 LYS n 
1 133 ALA n 
1 134 LEU n 
1 135 LEU n 
1 136 GLU n 
1 137 ILE n 
1 138 VAL n 
1 139 SER n 
1 140 ARG n 
1 141 TRP n 
1 142 LEU n 
1 143 ASN n 
1 144 ASN n 
1 145 LEU n 
1 146 GLY n 
1 147 VAL n 
1 148 ARG n 
1 149 ASN n 
1 150 THR n 
1 151 ILE n 
1 152 HIS n 
1 153 LEU n 
1 154 ASP n 
1 155 ASP n 
1 156 HIS n 
1 157 ARG n 
1 158 HIS n 
1 159 GLY n 
1 160 VAL n 
1 161 TYR n 
1 162 VAL n 
1 163 LEU n 
1 164 ASN n 
1 165 ILE n 
1 166 SER n 
1 167 LEU n 
1 168 ARG n 
1 169 ASP n 
1 170 ARG n 
1 171 ILE n 
1 172 LYS n 
1 173 PHE n 
1 174 VAL n 
1 175 HIS n 
1 176 THR n 
1 177 ILE n 
1 178 LEU n 
1 179 SER n 
1 180 SER n 
1 181 HIS n 
1 182 LEU n 
1 183 ASN n 
1 184 PRO n 
1 185 LEU n 
1 186 PRO n 
1 187 PRO n 
1 188 GLU n 
# 
_entity_src_gen.entity_id                          1 
_entity_src_gen.pdbx_src_id                        1 
_entity_src_gen.pdbx_alt_source_flag               sample 
_entity_src_gen.pdbx_seq_type                      'Biological sequence' 
_entity_src_gen.pdbx_beg_seq_num                   1 
_entity_src_gen.pdbx_end_seq_num                   188 
_entity_src_gen.gene_src_common_name               ? 
_entity_src_gen.gene_src_genus                     Desulfurococcus 
_entity_src_gen.pdbx_gene_src_gene                 ? 
_entity_src_gen.gene_src_species                   ? 
_entity_src_gen.gene_src_strain                    ? 
_entity_src_gen.gene_src_tissue                    ? 
_entity_src_gen.gene_src_tissue_fraction           ? 
_entity_src_gen.gene_src_details                   ? 
_entity_src_gen.pdbx_gene_src_fragment             ? 
_entity_src_gen.pdbx_gene_src_scientific_name      'Desulfurococcus mobilis' 
_entity_src_gen.pdbx_gene_src_ncbi_taxonomy_id     2275 
_entity_src_gen.pdbx_gene_src_variant              ? 
_entity_src_gen.pdbx_gene_src_cell_line            ? 
_entity_src_gen.pdbx_gene_src_atcc                 ? 
_entity_src_gen.pdbx_gene_src_organ                ? 
_entity_src_gen.pdbx_gene_src_organelle            ? 
_entity_src_gen.pdbx_gene_src_cell                 ? 
_entity_src_gen.pdbx_gene_src_cellular_location    ? 
_entity_src_gen.host_org_common_name               ? 
_entity_src_gen.pdbx_host_org_scientific_name      'Escherichia coli' 
_entity_src_gen.pdbx_host_org_ncbi_taxonomy_id     562 
_entity_src_gen.host_org_genus                     Escherichia 
_entity_src_gen.pdbx_host_org_gene                 ? 
_entity_src_gen.pdbx_host_org_organ                ? 
_entity_src_gen.host_org_species                   ? 
_entity_src_gen.pdbx_host_org_tissue               ? 
_entity_src_gen.pdbx_host_org_tissue_fraction      ? 
_entity_src_gen.pdbx_host_org_strain               'DL41(DE3)' 
_entity_src_gen.pdbx_host_org_variant              ? 
_entity_src_gen.pdbx_host_org_cell_line            ? 
_entity_src_gen.pdbx_host_org_atcc                 ? 
_entity_src_gen.pdbx_host_org_culture_collection   ? 
_entity_src_gen.pdbx_host_org_cell                 ? 
_entity_src_gen.pdbx_host_org_organelle            ? 
_entity_src_gen.pdbx_host_org_cellular_location    ? 
_entity_src_gen.pdbx_host_org_vector_type          ? 
_entity_src_gen.pdbx_host_org_vector               ? 
_entity_src_gen.host_org_details                   ? 
_entity_src_gen.expression_system_id               ? 
_entity_src_gen.plasmid_name                       ? 
_entity_src_gen.plasmid_details                    ? 
_entity_src_gen.pdbx_description                   'SELENOMETHIONINE AUXOTROPH' 
# 
loop_
_chem_comp.id 
_chem_comp.type 
_chem_comp.mon_nstd_flag 
_chem_comp.name 
_chem_comp.pdbx_synonyms 
_chem_comp.formula 
_chem_comp.formula_weight 
ALA 'L-peptide linking' y ALANINE          ? 'C3 H7 N O2'     89.093  
ARG 'L-peptide linking' y ARGININE         ? 'C6 H15 N4 O2 1' 175.209 
ASN 'L-peptide linking' y ASPARAGINE       ? 'C4 H8 N2 O3'    132.118 
ASP 'L-peptide linking' y 'ASPARTIC ACID'  ? 'C4 H7 N O4'     133.103 
GLN 'L-peptide linking' y GLUTAMINE        ? 'C5 H10 N2 O3'   146.144 
GLU 'L-peptide linking' y 'GLUTAMIC ACID'  ? 'C5 H9 N O4'     147.129 
GLY 'peptide linking'   y GLYCINE          ? 'C2 H5 N O2'     75.067  
HIS 'L-peptide linking' y HISTIDINE        ? 'C6 H10 N3 O2 1' 156.162 
HOH non-polymer         . WATER            ? 'H2 O'           18.015  
ILE 'L-peptide linking' y ISOLEUCINE       ? 'C6 H13 N O2'    131.173 
LEU 'L-peptide linking' y LEUCINE          ? 'C6 H13 N O2'    131.173 
LYS 'L-peptide linking' y LYSINE           ? 'C6 H15 N2 O2 1' 147.195 
MET 'L-peptide linking' y METHIONINE       ? 'C5 H11 N O2 S'  149.211 
MSE 'L-peptide linking' n SELENOMETHIONINE ? 'C5 H11 N O2 Se' 196.106 
PHE 'L-peptide linking' y PHENYLALANINE    ? 'C9 H11 N O2'    165.189 
PRO 'L-peptide linking' y PROLINE          ? 'C5 H9 N O2'     115.130 
SER 'L-peptide linking' y SERINE           ? 'C3 H7 N O3'     105.093 
THR 'L-peptide linking' y THREONINE        ? 'C4 H9 N O3'     119.119 
TRP 'L-peptide linking' y TRYPTOPHAN       ? 'C11 H12 N2 O2'  204.225 
TYR 'L-peptide linking' y TYROSINE         ? 'C9 H11 N O3'    181.189 
VAL 'L-peptide linking' y VALINE           ? 'C5 H11 N O2'    117.146 
# 
loop_
_pdbx_poly_seq_scheme.asym_id 
_pdbx_poly_seq_scheme.entity_id 
_pdbx_poly_seq_scheme.seq_id 
_pdbx_poly_seq_scheme.mon_id 
_pdbx_poly_seq_scheme.ndb_seq_num 
_pdbx_poly_seq_scheme.pdb_seq_num 
_pdbx_poly_seq_scheme.auth_seq_num 
_pdbx_poly_seq_scheme.pdb_mon_id 
_pdbx_poly_seq_scheme.auth_mon_id 
_pdbx_poly_seq_scheme.pdb_strand_id 
_pdbx_poly_seq_scheme.pdb_ins_code 
_pdbx_poly_seq_scheme.hetero 
A 1 1   MET 1   1   ?   ?   ?   A . n 
A 1 2   HIS 2   2   ?   ?   ?   A . n 
A 1 3   ASN 3   3   ?   ?   ?   A . n 
A 1 4   ASN 4   4   ?   ?   ?   A . n 
A 1 5   GLU 5   5   ?   ?   ?   A . n 
A 1 6   ASN 6   6   ?   ?   ?   A . n 
A 1 7   VAL 7   7   7   VAL VAL A . n 
A 1 8   SER 8   8   8   SER SER A . n 
A 1 9   GLY 9   9   9   GLY GLY A . n 
A 1 10  ILE 10  10  10  ILE ILE A . n 
A 1 11  SER 11  11  11  SER SER A . n 
A 1 12  ALA 12  12  12  ALA ALA A . n 
A 1 13  TYR 13  13  13  TYR TYR A . n 
A 1 14  LEU 14  14  14  LEU LEU A . n 
A 1 15  LEU 15  15  15  LEU LEU A . n 
A 1 16  GLY 16  16  16  GLY GLY A . n 
A 1 17  LEU 17  17  17  LEU LEU A . n 
A 1 18  ILE 18  18  18  ILE ILE A . n 
A 1 19  ILE 19  19  19  ILE ILE A . n 
A 1 20  GLY 20  20  20  GLY GLY A . n 
A 1 21  ASP 21  21  21  ASP ASP A . n 
A 1 22  GLY 22  22  22  GLY GLY A . n 
A 1 23  GLY 23  23  23  GLY GLY A . n 
A 1 24  LEU 24  24  24  LEU LEU A . n 
A 1 25  TYR 25  25  25  TYR TYR A . n 
A 1 26  LYS 26  26  26  LYS LYS A . n 
A 1 27  LEU 27  27  27  LEU LEU A . n 
A 1 28  LYS 28  28  28  LYS LYS A . n 
A 1 29  TYR 29  29  29  TYR TYR A . n 
A 1 30  LYS 30  30  30  LYS LYS A . n 
A 1 31  GLY 31  31  31  GLY GLY A . n 
A 1 32  ASN 32  32  32  ASN ASN A . n 
A 1 33  ARG 33  33  33  ARG ARG A . n 
A 1 34  SER 34  34  34  SER SER A . n 
A 1 35  GLU 35  35  35  GLU GLU A . n 
A 1 36  TYR 36  36  36  TYR TYR A . n 
A 1 37  ARG 37  37  37  ARG ARG A . n 
A 1 38  VAL 38  38  38  VAL VAL A . n 
A 1 39  VAL 39  39  39  VAL VAL A . n 
A 1 40  ILE 40  40  40  ILE ILE A . n 
A 1 41  THR 41  41  41  THR THR A . n 
A 1 42  GLN 42  42  42  GLN GLN A . n 
A 1 43  LYS 43  43  43  LYS LYS A . n 
A 1 44  SER 44  44  44  SER SER A . n 
A 1 45  GLU 45  45  45  GLU GLU A . n 
A 1 46  ASN 46  46  46  ASN ASN A . n 
A 1 47  LEU 47  47  47  LEU LEU A . n 
A 1 48  ILE 48  48  48  ILE ILE A . n 
A 1 49  LYS 49  49  49  LYS LYS A . n 
A 1 50  GLN 50  50  50  GLN GLN A . n 
A 1 51  HIS 51  51  51  HIS HIS A . n 
A 1 52  ILE 52  52  52  ILE ILE A . n 
A 1 53  ALA 53  53  53  ALA ALA A . n 
A 1 54  PRO 54  54  54  PRO PRO A . n 
A 1 55  LEU 55  55  55  LEU LEU A . n 
A 1 56  MSE 56  56  56  MSE MSE A . n 
A 1 57  GLN 57  57  57  GLN GLN A . n 
A 1 58  PHE 58  58  58  PHE PHE A . n 
A 1 59  LEU 59  59  59  LEU LEU A . n 
A 1 60  ILE 60  60  60  ILE ILE A . n 
A 1 61  ASP 61  61  61  ASP ASP A . n 
A 1 62  GLU 62  62  62  GLU GLU A . n 
A 1 63  LEU 63  63  63  LEU LEU A . n 
A 1 64  ASN 64  64  64  ASN ASN A . n 
A 1 65  VAL 65  65  65  VAL VAL A . n 
A 1 66  LYS 66  66  66  LYS LYS A . n 
A 1 67  SER 67  67  67  SER SER A . n 
A 1 68  LYS 68  68  68  LYS LYS A . n 
A 1 69  ILE 69  69  69  ILE ILE A . n 
A 1 70  GLN 70  70  70  GLN GLN A . n 
A 1 71  ILE 71  71  71  ILE ILE A . n 
A 1 72  VAL 72  72  72  VAL VAL A . n 
A 1 73  LYS 73  73  73  LYS LYS A . n 
A 1 74  GLY 74  74  74  GLY GLY A . n 
A 1 75  ASP 75  75  75  ASP ASP A . n 
A 1 76  THR 76  76  76  THR THR A . n 
A 1 77  ARG 77  77  77  ARG ARG A . n 
A 1 78  TYR 78  78  78  TYR TYR A . n 
A 1 79  GLU 79  79  79  GLU GLU A . n 
A 1 80  LEU 80  80  80  LEU LEU A . n 
A 1 81  ARG 81  81  81  ARG ARG A . n 
A 1 82  VAL 82  82  82  VAL VAL A . n 
A 1 83  SER 83  83  83  SER SER A . n 
A 1 84  SER 84  84  84  SER SER A . n 
A 1 85  LYS 85  85  85  LYS LYS A . n 
A 1 86  LYS 86  86  86  LYS LYS A . n 
A 1 87  LEU 87  87  87  LEU LEU A . n 
A 1 88  TYR 88  88  88  TYR TYR A . n 
A 1 89  TYR 89  89  89  TYR TYR A . n 
A 1 90  TYR 90  90  90  TYR TYR A . n 
A 1 91  PHE 91  91  91  PHE PHE A . n 
A 1 92  ALA 92  92  92  ALA ALA A . n 
A 1 93  ASN 93  93  93  ASN ASN A . n 
A 1 94  MSE 94  94  94  MSE MSE A . n 
A 1 95  LEU 95  95  95  LEU LEU A . n 
A 1 96  GLU 96  96  96  GLU GLU A . n 
A 1 97  ARG 97  97  97  ARG ARG A . n 
A 1 98  ILE 98  98  98  ILE ILE A . n 
A 1 99  ARG 99  99  99  ARG ARG A . n 
A 1 100 LEU 100 100 100 LEU LEU A . n 
A 1 101 PHE 101 101 101 PHE PHE A . n 
A 1 102 ASN 102 102 102 ASN ASN A . n 
A 1 103 MSE 103 103 103 MSE MSE A . n 
A 1 104 ARG 104 104 104 ARG ARG A . n 
A 1 105 GLU 105 105 105 GLU GLU A . n 
A 1 106 GLN 106 106 106 GLN GLN A . n 
A 1 107 ILE 107 107 107 ILE ILE A . n 
A 1 108 ALA 108 108 108 ALA ALA A . n 
A 1 109 PHE 109 109 109 PHE PHE A . n 
A 1 110 ILE 110 110 110 ILE ILE A . n 
A 1 111 LYS 111 111 111 LYS LYS A . n 
A 1 112 GLY 112 112 112 GLY GLY A . n 
A 1 113 LEU 113 113 113 LEU LEU A . n 
A 1 114 TYR 114 114 114 TYR TYR A . n 
A 1 115 VAL 115 115 115 VAL VAL A . n 
A 1 116 ALA 116 116 116 ALA ALA A . n 
A 1 117 GLU 117 117 117 GLU GLU A . n 
A 1 118 GLY 118 118 118 GLY GLY A . n 
A 1 119 ASP 119 119 119 ASP ASP A . n 
A 1 120 LYS 120 120 120 LYS LYS A . n 
A 1 121 THR 121 121 121 THR THR A . n 
A 1 122 LEU 122 122 122 LEU LEU A . n 
A 1 123 LYS 123 123 123 LYS LYS A . n 
A 1 124 ARG 124 124 124 ARG ARG A . n 
A 1 125 LEU 125 125 125 LEU LEU A . n 
A 1 126 ARG 126 126 126 ARG ARG A . n 
A 1 127 ILE 127 127 127 ILE ILE A . n 
A 1 128 TRP 128 128 128 TRP TRP A . n 
A 1 129 ASN 129 129 129 ASN ASN A . n 
A 1 130 LYS 130 130 130 LYS LYS A . n 
A 1 131 ASN 131 131 131 ASN ASN A . n 
A 1 132 LYS 132 132 132 LYS LYS A . n 
A 1 133 ALA 133 133 133 ALA ALA A . n 
A 1 134 LEU 134 134 134 LEU LEU A . n 
A 1 135 LEU 135 135 135 LEU LEU A . n 
A 1 136 GLU 136 136 136 GLU GLU A . n 
A 1 137 ILE 137 137 137 ILE ILE A . n 
A 1 138 VAL 138 138 138 VAL VAL A . n 
A 1 139 SER 139 139 139 SER SER A . n 
A 1 140 ARG 140 140 140 ARG ARG A . n 
A 1 141 TRP 141 141 141 TRP TRP A . n 
A 1 142 LEU 142 142 142 LEU LEU A . n 
A 1 143 ASN 143 143 143 ASN ASN A . n 
A 1 144 ASN 144 144 144 ASN ASN A . n 
A 1 145 LEU 145 145 145 LEU LEU A . n 
A 1 146 GLY 146 146 146 GLY GLY A . n 
A 1 147 VAL 147 147 147 VAL VAL A . n 
A 1 148 ARG 148 148 148 ARG ARG A . n 
A 1 149 ASN 149 149 149 ASN ASN A . n 
A 1 150 THR 150 150 150 THR THR A . n 
A 1 151 ILE 151 151 151 ILE ILE A . n 
A 1 152 HIS 152 152 152 HIS HIS A . n 
A 1 153 LEU 153 153 153 LEU LEU A . n 
A 1 154 ASP 154 154 154 ASP ASP A . n 
A 1 155 ASP 155 155 155 ASP ASP A . n 
A 1 156 HIS 156 156 156 HIS HIS A . n 
A 1 157 ARG 157 157 157 ARG ARG A . n 
A 1 158 HIS 158 158 158 HIS HIS A . n 
A 1 159 GLY 159 159 159 GLY GLY A . n 
A 1 160 VAL 160 160 160 VAL VAL A . n 
A 1 161 TYR 161 161 161 TYR TYR A . n 
A 1 162 VAL 162 162 162 VAL VAL A . n 
A 1 163 LEU 163 163 163 LEU LEU A . n 
A 1 164 ASN 164 164 164 ASN ASN A . n 
A 1 165 ILE 165 165 165 ILE ILE A . n 
A 1 166 SER 166 166 166 SER SER A . n 
A 1 167 LEU 167 167 167 LEU LEU A . n 
A 1 168 ARG 168 168 168 ARG ARG A . n 
A 1 169 ASP 169 169 169 ASP ASP A . n 
A 1 170 ARG 170 170 170 ARG ARG A . n 
A 1 171 ILE 171 171 171 ILE ILE A . n 
A 1 172 LYS 172 172 172 LYS LYS A . n 
A 1 173 PHE 173 173 173 PHE PHE A . n 
A 1 174 VAL 174 174 174 VAL VAL A . n 
A 1 175 HIS 175 175 175 HIS HIS A . n 
A 1 176 THR 176 176 176 THR THR A . n 
A 1 177 ILE 177 177 177 ILE ILE A . n 
A 1 178 LEU 178 178 178 LEU LEU A . n 
A 1 179 SER 179 179 179 SER SER A . n 
A 1 180 SER 180 180 ?   ?   ?   A . n 
A 1 181 HIS 181 181 ?   ?   ?   A . n 
A 1 182 LEU 182 182 ?   ?   ?   A . n 
A 1 183 ASN 183 183 ?   ?   ?   A . n 
A 1 184 PRO 184 184 ?   ?   ?   A . n 
A 1 185 LEU 185 185 ?   ?   ?   A . n 
A 1 186 PRO 186 186 ?   ?   ?   A . n 
A 1 187 PRO 187 187 ?   ?   ?   A . n 
A 1 188 GLU 188 188 ?   ?   ?   A . n 
# 
loop_
_pdbx_nonpoly_scheme.asym_id 
_pdbx_nonpoly_scheme.entity_id 
_pdbx_nonpoly_scheme.mon_id 
_pdbx_nonpoly_scheme.ndb_seq_num 
_pdbx_nonpoly_scheme.pdb_seq_num 
_pdbx_nonpoly_scheme.auth_seq_num 
_pdbx_nonpoly_scheme.pdb_mon_id 
_pdbx_nonpoly_scheme.auth_mon_id 
_pdbx_nonpoly_scheme.pdb_strand_id 
_pdbx_nonpoly_scheme.pdb_ins_code 
B 2 HOH 1  189 1   HOH HOH A . 
B 2 HOH 2  190 2   HOH HOH A . 
B 2 HOH 3  191 6   HOH HOH A . 
B 2 HOH 4  192 9   HOH HOH A . 
B 2 HOH 5  193 12  HOH HOH A . 
B 2 HOH 6  194 13  HOH HOH A . 
B 2 HOH 7  195 14  HOH HOH A . 
B 2 HOH 8  196 15  HOH HOH A . 
B 2 HOH 9  197 16  HOH HOH A . 
B 2 HOH 10 198 17  HOH HOH A . 
B 2 HOH 11 199 20  HOH HOH A . 
B 2 HOH 12 200 22  HOH HOH A . 
B 2 HOH 13 201 23  HOH HOH A . 
B 2 HOH 14 202 24  HOH HOH A . 
B 2 HOH 15 203 25  HOH HOH A . 
B 2 HOH 16 204 26  HOH HOH A . 
B 2 HOH 17 205 28  HOH HOH A . 
B 2 HOH 18 206 30  HOH HOH A . 
B 2 HOH 19 207 31  HOH HOH A . 
B 2 HOH 20 208 33  HOH HOH A . 
B 2 HOH 21 209 36  HOH HOH A . 
B 2 HOH 22 210 37  HOH HOH A . 
B 2 HOH 23 211 38  HOH HOH A . 
B 2 HOH 24 212 40  HOH HOH A . 
B 2 HOH 25 213 43  HOH HOH A . 
B 2 HOH 26 214 45  HOH HOH A . 
B 2 HOH 27 215 47  HOH HOH A . 
B 2 HOH 28 216 48  HOH HOH A . 
B 2 HOH 29 217 49  HOH HOH A . 
B 2 HOH 30 218 50  HOH HOH A . 
B 2 HOH 31 219 51  HOH HOH A . 
B 2 HOH 32 220 52  HOH HOH A . 
B 2 HOH 33 221 54  HOH HOH A . 
B 2 HOH 34 222 55  HOH HOH A . 
B 2 HOH 35 223 56  HOH HOH A . 
B 2 HOH 36 224 58  HOH HOH A . 
B 2 HOH 37 225 59  HOH HOH A . 
B 2 HOH 38 226 60  HOH HOH A . 
B 2 HOH 39 227 61  HOH HOH A . 
B 2 HOH 40 228 62  HOH HOH A . 
B 2 HOH 41 229 63  HOH HOH A . 
B 2 HOH 42 230 65  HOH HOH A . 
B 2 HOH 43 231 66  HOH HOH A . 
B 2 HOH 44 232 67  HOH HOH A . 
B 2 HOH 45 233 68  HOH HOH A . 
B 2 HOH 46 234 71  HOH HOH A . 
B 2 HOH 47 235 72  HOH HOH A . 
B 2 HOH 48 236 73  HOH HOH A . 
B 2 HOH 49 237 74  HOH HOH A . 
B 2 HOH 50 238 75  HOH HOH A . 
B 2 HOH 51 239 76  HOH HOH A . 
B 2 HOH 52 240 80  HOH HOH A . 
B 2 HOH 53 241 81  HOH HOH A . 
B 2 HOH 54 242 82  HOH HOH A . 
B 2 HOH 55 243 83  HOH HOH A . 
B 2 HOH 56 244 87  HOH HOH A . 
B 2 HOH 57 245 91  HOH HOH A . 
B 2 HOH 58 246 92  HOH HOH A . 
B 2 HOH 59 247 93  HOH HOH A . 
B 2 HOH 60 248 94  HOH HOH A . 
B 2 HOH 61 249 95  HOH HOH A . 
B 2 HOH 62 250 96  HOH HOH A . 
B 2 HOH 63 251 100 HOH HOH A . 
B 2 HOH 64 252 101 HOH HOH A . 
B 2 HOH 65 253 102 HOH HOH A . 
B 2 HOH 66 254 103 HOH HOH A . 
B 2 HOH 67 255 104 HOH HOH A . 
B 2 HOH 68 256 106 HOH HOH A . 
B 2 HOH 69 257 107 HOH HOH A . 
B 2 HOH 70 258 108 HOH HOH A . 
B 2 HOH 71 259 109 HOH HOH A . 
B 2 HOH 72 260 111 HOH HOH A . 
B 2 HOH 73 261 112 HOH HOH A . 
B 2 HOH 74 262 113 HOH HOH A . 
B 2 HOH 75 263 116 HOH HOH A . 
B 2 HOH 76 264 117 HOH HOH A . 
B 2 HOH 77 265 118 HOH HOH A . 
B 2 HOH 78 266 119 HOH HOH A . 
# 
loop_
_pdbx_unobs_or_zero_occ_atoms.id 
_pdbx_unobs_or_zero_occ_atoms.PDB_model_num 
_pdbx_unobs_or_zero_occ_atoms.polymer_flag 
_pdbx_unobs_or_zero_occ_atoms.occupancy_flag 
_pdbx_unobs_or_zero_occ_atoms.auth_asym_id 
_pdbx_unobs_or_zero_occ_atoms.auth_comp_id 
_pdbx_unobs_or_zero_occ_atoms.auth_seq_id 
_pdbx_unobs_or_zero_occ_atoms.PDB_ins_code 
_pdbx_unobs_or_zero_occ_atoms.auth_atom_id 
_pdbx_unobs_or_zero_occ_atoms.label_alt_id 
_pdbx_unobs_or_zero_occ_atoms.label_asym_id 
_pdbx_unobs_or_zero_occ_atoms.label_comp_id 
_pdbx_unobs_or_zero_occ_atoms.label_seq_id 
_pdbx_unobs_or_zero_occ_atoms.label_atom_id 
1 1 Y 1 A SER 179 ? CA ? A SER 179 CA 
2 1 Y 1 A SER 179 ? C  ? A SER 179 C  
3 1 Y 1 A SER 179 ? O  ? A SER 179 O  
4 1 Y 1 A SER 179 ? CB ? A SER 179 CB 
5 1 Y 1 A SER 179 ? OG ? A SER 179 OG 
# 
loop_
_software.name 
_software.classification 
_software.version 
_software.citation_id 
_software.pdbx_ordinal 
PHASES    phasing          .     ? 1 
X-PLOR    refinement       3.851 ? 2 
DENZO     'data reduction' .     ? 3 
SCALEPACK 'data scaling'   .     ? 4 
# 
_cell.entry_id           1B24 
_cell.length_a           93.730 
_cell.length_b           37.220 
_cell.length_c           56.280 
_cell.angle_alpha        90.00 
_cell.angle_beta         112.80 
_cell.angle_gamma        90.00 
_cell.Z_PDB              4 
_cell.pdbx_unique_axis   ? 
# 
_symmetry.entry_id                         1B24 
_symmetry.space_group_name_H-M             'C 1 2 1' 
_symmetry.pdbx_full_space_group_name_H-M   ? 
_symmetry.cell_setting                     ? 
_symmetry.Int_Tables_number                5 
# 
_exptl.entry_id          1B24 
_exptl.method            'X-RAY DIFFRACTION' 
_exptl.crystals_number   1 
# 
_exptl_crystal.id                    1 
_exptl_crystal.density_meas          ? 
_exptl_crystal.density_Matthews      2.01 
_exptl_crystal.density_percent_sol   33.3 
_exptl_crystal.description           'MAD DATA TREATED AS A SPECIAL CASE OF MIR' 
# 
_exptl_crystal_grow.crystal_id      1 
_exptl_crystal_grow.method          'VAPOR DIFFUSION, HANGING DROP' 
_exptl_crystal_grow.temp            ? 
_exptl_crystal_grow.temp_details    ? 
_exptl_crystal_grow.pH              8.5 
_exptl_crystal_grow.pdbx_details    
;HANGING DROP VAPOR-DIFFUSION METHOD: 4UL I-DMOI PROTEIN 1UL 20MM N-OCTYL-B- 
GLUCOPYRANOSIDE 4UL PRECIPITATING BUFFER: 30% PEG 3350 200MM SODIUM ACETATE 
100MM TRIS-HCL PH 8.5, VAPOR DIFFUSION, HANGING DROP
;
_exptl_crystal_grow.pdbx_pH_range   . 
# 
loop_
_exptl_crystal_grow_comp.crystal_id 
_exptl_crystal_grow_comp.id 
_exptl_crystal_grow_comp.sol_id 
_exptl_crystal_grow_comp.name 
_exptl_crystal_grow_comp.volume 
_exptl_crystal_grow_comp.conc 
_exptl_crystal_grow_comp.details 
1 1 1 '4UL I-DMOI PROTEIN'                 ? ? ? 
1 2 2 '1UL 20MM N-OCTYL-B-GLUCOPYRANOSIDE' ? ? ? 
1 3 2 '4UL PRECIPITATING BUFFER'           ? ? ? 
1 4 2 '30% PEG 3350'                       ? ? ? 
1 5 2 '200MM SODIUM ACETATE'               ? ? ? 
1 6 2 '100MM TRIS-HCL PH 8.5'              ? ? ? 
# 
_diffrn.id                     1 
_diffrn.ambient_temp           100.0 
_diffrn.ambient_temp_details   ? 
_diffrn.crystal_id             1 
# 
_diffrn_detector.diffrn_id              1 
_diffrn_detector.detector               CCD 
_diffrn_detector.type                   BRANDEIS 
_diffrn_detector.pdbx_collection_date   1997-09 
_diffrn_detector.details                ? 
# 
_diffrn_radiation.diffrn_id                        1 
_diffrn_radiation.wavelength_id                    1 
_diffrn_radiation.pdbx_monochromatic_or_laue_m_l   M 
_diffrn_radiation.monochromator                    ? 
_diffrn_radiation.pdbx_diffrn_protocol             MAD 
_diffrn_radiation.pdbx_scattering_type             x-ray 
# 
loop_
_diffrn_radiation_wavelength.id 
_diffrn_radiation_wavelength.wavelength 
_diffrn_radiation_wavelength.wt 
1 0.9300 1.0 
2 0.9785 1.0 
3 0.9789 1.0 
# 
_diffrn_source.diffrn_id                   1 
_diffrn_source.source                      SYNCHROTRON 
_diffrn_source.type                        'NSLS BEAMLINE X12C' 
_diffrn_source.pdbx_synchrotron_site       NSLS 
_diffrn_source.pdbx_synchrotron_beamline   X12C 
_diffrn_source.pdbx_wavelength             ? 
_diffrn_source.pdbx_wavelength_list        0.9300,0.9785,0.9789 
# 
_reflns.entry_id                     1B24 
_reflns.observed_criterion_sigma_I   0.0 
_reflns.observed_criterion_sigma_F   ? 
_reflns.d_resolution_low             20.0 
_reflns.d_resolution_high            2.2 
_reflns.number_obs                   8884 
_reflns.number_all                   ? 
_reflns.percent_possible_obs         98.5 
_reflns.pdbx_Rmerge_I_obs            ? 
_reflns.pdbx_Rsym_value              0.059 
_reflns.pdbx_netI_over_sigmaI        32.3 
_reflns.B_iso_Wilson_estimate        ? 
_reflns.pdbx_redundancy              11.1 
_reflns.R_free_details               ? 
_reflns.pdbx_diffrn_id               1 
_reflns.pdbx_ordinal                 1 
# 
_reflns_shell.d_res_high             2.20 
_reflns_shell.d_res_low              2.28 
_reflns_shell.percent_possible_all   97.4 
_reflns_shell.Rmerge_I_obs           ? 
_reflns_shell.pdbx_Rsym_value        0.070 
_reflns_shell.meanI_over_sigI_obs    24.7 
_reflns_shell.pdbx_redundancy        6 
_reflns_shell.percent_possible_obs   ? 
_reflns_shell.number_unique_all      ? 
_reflns_shell.pdbx_diffrn_id         ? 
_reflns_shell.pdbx_ordinal           1 
# 
_refine.entry_id                                 1B24 
_refine.ls_number_reflns_obs                     8878 
_refine.ls_number_reflns_all                     ? 
_refine.pdbx_ls_sigma_I                          ? 
_refine.pdbx_ls_sigma_F                          0.0 
_refine.pdbx_data_cutoff_high_absF               ? 
_refine.pdbx_data_cutoff_low_absF                ? 
_refine.pdbx_data_cutoff_high_rms_absF           ? 
_refine.ls_d_res_low                             10.0 
_refine.ls_d_res_high                            2.2 
_refine.ls_percent_reflns_obs                    98.7 
_refine.ls_R_factor_obs                          ? 
_refine.ls_R_factor_all                          ? 
_refine.ls_R_factor_R_work                       0.2180000 
_refine.ls_R_factor_R_free                       0.3240000 
_refine.ls_R_factor_R_free_error                 ? 
_refine.ls_R_factor_R_free_error_details         ? 
_refine.ls_percent_reflns_R_free                 10.0 
_refine.ls_number_reflns_R_free                  887 
_refine.ls_number_parameters                     ? 
_refine.ls_number_restraints                     ? 
_refine.occupancy_min                            ? 
_refine.occupancy_max                            ? 
_refine.B_iso_mean                               ? 
_refine.aniso_B[1][1]                            ? 
_refine.aniso_B[2][2]                            ? 
_refine.aniso_B[3][3]                            ? 
_refine.aniso_B[1][2]                            ? 
_refine.aniso_B[1][3]                            ? 
_refine.aniso_B[2][3]                            ? 
_refine.solvent_model_details                    ? 
_refine.solvent_model_param_ksol                 ? 
_refine.solvent_model_param_bsol                 ? 
_refine.pdbx_ls_cross_valid_method               THROUGHOUT 
_refine.details                                  ? 
_refine.pdbx_starting_model                      ? 
_refine.pdbx_method_to_determine_struct          MAD 
_refine.pdbx_isotropic_thermal_model             ? 
_refine.pdbx_stereochemistry_target_values       ? 
_refine.pdbx_stereochem_target_val_spec_case     ? 
_refine.pdbx_R_Free_selection_details            RANDOM 
_refine.pdbx_overall_ESU_R                       ? 
_refine.pdbx_overall_ESU_R_Free                  ? 
_refine.overall_SU_ML                            ? 
_refine.overall_SU_B                             ? 
_refine.ls_redundancy_reflns_obs                 ? 
_refine.pdbx_refine_id                           'X-RAY DIFFRACTION' 
_refine.pdbx_diffrn_id                           1 
_refine.pdbx_TLS_residual_ADP_flag               ? 
_refine.correlation_coeff_Fo_to_Fc               ? 
_refine.correlation_coeff_Fo_to_Fc_free          ? 
_refine.pdbx_solvent_vdw_probe_radii             ? 
_refine.pdbx_solvent_ion_probe_radii             ? 
_refine.pdbx_solvent_shrinkage_radii             ? 
_refine.pdbx_overall_phase_error                 ? 
_refine.overall_SU_R_Cruickshank_DPI             ? 
_refine.pdbx_overall_SU_R_free_Cruickshank_DPI   ? 
_refine.pdbx_overall_SU_R_Blow_DPI               ? 
_refine.pdbx_overall_SU_R_free_Blow_DPI          ? 
# 
_refine_hist.pdbx_refine_id                   'X-RAY DIFFRACTION' 
_refine_hist.cycle_id                         LAST 
_refine_hist.pdbx_number_atoms_protein        1427 
_refine_hist.pdbx_number_atoms_nucleic_acid   0 
_refine_hist.pdbx_number_atoms_ligand         0 
_refine_hist.number_atoms_solvent             78 
_refine_hist.number_atoms_total               1505 
_refine_hist.d_res_high                       2.2 
_refine_hist.d_res_low                        10.0 
# 
loop_
_refine_ls_restr.type 
_refine_ls_restr.dev_ideal 
_refine_ls_restr.dev_ideal_target 
_refine_ls_restr.weight 
_refine_ls_restr.number 
_refine_ls_restr.pdbx_refine_id 
_refine_ls_restr.pdbx_restraint_function 
x_bond_d                0.007 ? ? ? 'X-RAY DIFFRACTION' ? 
x_bond_d_na             ?     ? ? ? 'X-RAY DIFFRACTION' ? 
x_bond_d_prot           ?     ? ? ? 'X-RAY DIFFRACTION' ? 
x_angle_d               ?     ? ? ? 'X-RAY DIFFRACTION' ? 
x_angle_d_na            ?     ? ? ? 'X-RAY DIFFRACTION' ? 
x_angle_d_prot          ?     ? ? ? 'X-RAY DIFFRACTION' ? 
x_angle_deg             1.285 ? ? ? 'X-RAY DIFFRACTION' ? 
x_angle_deg_na          ?     ? ? ? 'X-RAY DIFFRACTION' ? 
x_angle_deg_prot        ?     ? ? ? 'X-RAY DIFFRACTION' ? 
x_dihedral_angle_d      26.23 ? ? ? 'X-RAY DIFFRACTION' ? 
x_dihedral_angle_d_na   ?     ? ? ? 'X-RAY DIFFRACTION' ? 
x_dihedral_angle_d_prot ?     ? ? ? 'X-RAY DIFFRACTION' ? 
x_improper_angle_d      0.609 ? ? ? 'X-RAY DIFFRACTION' ? 
x_improper_angle_d_na   ?     ? ? ? 'X-RAY DIFFRACTION' ? 
x_improper_angle_d_prot ?     ? ? ? 'X-RAY DIFFRACTION' ? 
x_mcbond_it             ?     ? ? ? 'X-RAY DIFFRACTION' ? 
x_mcangle_it            ?     ? ? ? 'X-RAY DIFFRACTION' ? 
x_scbond_it             ?     ? ? ? 'X-RAY DIFFRACTION' ? 
x_scangle_it            ?     ? ? ? 'X-RAY DIFFRACTION' ? 
# 
_refine_ls_shell.pdbx_total_number_of_bins_used   8 
_refine_ls_shell.d_res_high                       2.20 
_refine_ls_shell.d_res_low                        2.30 
_refine_ls_shell.number_reflns_R_work             737 
_refine_ls_shell.R_factor_R_work                  0.2996000 
_refine_ls_shell.percent_reflns_obs               98.7 
_refine_ls_shell.R_factor_R_free                  0.3613000 
_refine_ls_shell.R_factor_R_free_error            ? 
_refine_ls_shell.percent_reflns_R_free            10.0 
_refine_ls_shell.number_reflns_R_free             80 
_refine_ls_shell.redundancy_reflns_obs            ? 
_refine_ls_shell.pdbx_refine_id                   'X-RAY DIFFRACTION' 
_refine_ls_shell.number_reflns_all                ? 
_refine_ls_shell.R_factor_all                     ? 
# 
loop_
_pdbx_xplor_file.serial_no 
_pdbx_xplor_file.param_file 
_pdbx_xplor_file.topol_file 
_pdbx_xplor_file.pdbx_refine_id 
1 PROTEIN_REP.PARAM TOPHCSDX.PRO 'X-RAY DIFFRACTION' 
2 PARAM19.SOL       TOPH19.SOL   'X-RAY DIFFRACTION' 
3 TOPH19.PEP        ?            'X-RAY DIFFRACTION' 
4 PARHCSDX.PRO      ?            'X-RAY DIFFRACTION' 
# 
_struct.entry_id                  1B24 
_struct.title                     'I-DMOI, INTRON-ENCODED ENDONUCLEASE' 
_struct.pdbx_model_details        ? 
_struct.pdbx_CASP_flag            ? 
_struct.pdbx_model_type_details   ? 
# 
_struct_keywords.entry_id        1B24 
_struct_keywords.pdbx_keywords   INTRON-ENCODED 
_struct_keywords.text            'INTRON-ENCODED, ENDONUCLEASE, HOMING, THERMOSTABLE' 
# 
loop_
_struct_asym.id 
_struct_asym.pdbx_blank_PDB_chainid_flag 
_struct_asym.pdbx_modified 
_struct_asym.entity_id 
_struct_asym.details 
A N N 1 ? 
B N N 2 ? 
# 
_struct_ref.id                         1 
_struct_ref.db_name                    UNP 
_struct_ref.db_code                    DMO1_DESMO 
_struct_ref.pdbx_db_accession          P21505 
_struct_ref.pdbx_db_isoform            ? 
_struct_ref.entity_id                  1 
_struct_ref.pdbx_seq_one_letter_code   
;MHNNENVSGISAYLLGLIIGDGGLYKLKYKGNRSEYRVVITQKSENLIKQHIAPLMQFLIDELNVKSKIQIVKGDTRYEL
RVSSKKLYYYFANMLERIRLFNMREQIAFIKGLYVAEGDKTLKRLRIWNKNKALLEIVSRWLNNLGVRNTIHLDDHRHGV
YVLNISLRDRIKFVHTILSSHLNPLPPE
;
_struct_ref.pdbx_align_begin           1 
# 
_struct_ref_seq.align_id                      1 
_struct_ref_seq.ref_id                        1 
_struct_ref_seq.pdbx_PDB_id_code              1B24 
_struct_ref_seq.pdbx_strand_id                A 
_struct_ref_seq.seq_align_beg                 1 
_struct_ref_seq.pdbx_seq_align_beg_ins_code   ? 
_struct_ref_seq.seq_align_end                 188 
_struct_ref_seq.pdbx_seq_align_end_ins_code   ? 
_struct_ref_seq.pdbx_db_accession             P21505 
_struct_ref_seq.db_align_beg                  1 
_struct_ref_seq.pdbx_db_align_beg_ins_code    ? 
_struct_ref_seq.db_align_end                  188 
_struct_ref_seq.pdbx_db_align_end_ins_code    ? 
_struct_ref_seq.pdbx_auth_seq_align_beg       1 
_struct_ref_seq.pdbx_auth_seq_align_end       188 
# 
_pdbx_struct_assembly.id                   1 
_pdbx_struct_assembly.details              author_defined_assembly 
_pdbx_struct_assembly.method_details       ? 
_pdbx_struct_assembly.oligomeric_details   monomeric 
_pdbx_struct_assembly.oligomeric_count     1 
# 
_pdbx_struct_assembly_gen.assembly_id       1 
_pdbx_struct_assembly_gen.oper_expression   1 
_pdbx_struct_assembly_gen.asym_id_list      A,B 
# 
_pdbx_struct_oper_list.id                   1 
_pdbx_struct_oper_list.type                 'identity operation' 
_pdbx_struct_oper_list.name                 1_555 
_pdbx_struct_oper_list.symmetry_operation   x,y,z 
_pdbx_struct_oper_list.matrix[1][1]         1.0000000000 
_pdbx_struct_oper_list.matrix[1][2]         0.0000000000 
_pdbx_struct_oper_list.matrix[1][3]         0.0000000000 
_pdbx_struct_oper_list.vector[1]            0.0000000000 
_pdbx_struct_oper_list.matrix[2][1]         0.0000000000 
_pdbx_struct_oper_list.matrix[2][2]         1.0000000000 
_pdbx_struct_oper_list.matrix[2][3]         0.0000000000 
_pdbx_struct_oper_list.vector[2]            0.0000000000 
_pdbx_struct_oper_list.matrix[3][1]         0.0000000000 
_pdbx_struct_oper_list.matrix[3][2]         0.0000000000 
_pdbx_struct_oper_list.matrix[3][3]         1.0000000000 
_pdbx_struct_oper_list.vector[3]            0.0000000000 
# 
_struct_biol.id   1 
# 
loop_
_struct_conf.conf_type_id 
_struct_conf.id 
_struct_conf.pdbx_PDB_helix_id 
_struct_conf.beg_label_comp_id 
_struct_conf.beg_label_asym_id 
_struct_conf.beg_label_seq_id 
_struct_conf.pdbx_beg_PDB_ins_code 
_struct_conf.end_label_comp_id 
_struct_conf.end_label_asym_id 
_struct_conf.end_label_seq_id 
_struct_conf.pdbx_end_PDB_ins_code 
_struct_conf.beg_auth_comp_id 
_struct_conf.beg_auth_asym_id 
_struct_conf.beg_auth_seq_id 
_struct_conf.end_auth_comp_id 
_struct_conf.end_auth_asym_id 
_struct_conf.end_auth_seq_id 
_struct_conf.pdbx_PDB_helix_class 
_struct_conf.details 
_struct_conf.pdbx_PDB_helix_length 
HELX_P HELX_P1 1 SER A 8   ? GLY A 20  ? SER A 8   GLY A 20  1 ? 13 
HELX_P HELX_P2 2 GLU A 45  ? GLN A 50  ? GLU A 45  GLN A 50  1 ? 6  
HELX_P HELX_P3 3 PRO A 54  ? GLU A 62  ? PRO A 54  GLU A 62  5 ? 9  
HELX_P HELX_P4 4 LYS A 85  ? ALA A 92  ? LYS A 85  ALA A 92  1 ? 8  
HELX_P HELX_P5 5 ILE A 98  ? LEU A 100 ? ILE A 98  LEU A 100 5 ? 3  
HELX_P HELX_P6 6 GLU A 105 ? GLU A 117 ? GLU A 105 GLU A 117 1 ? 13 
HELX_P HELX_P7 7 LYS A 132 ? LEU A 145 ? LYS A 132 LEU A 145 1 ? 14 
HELX_P HELX_P8 8 LEU A 167 ? THR A 176 ? LEU A 167 THR A 176 5 ? 10 
# 
_struct_conf_type.id          HELX_P 
_struct_conf_type.criteria    ? 
_struct_conf_type.reference   ? 
# 
loop_
_struct_conn.id 
_struct_conn.conn_type_id 
_struct_conn.pdbx_leaving_atom_flag 
_struct_conn.pdbx_PDB_id 
_struct_conn.ptnr1_label_asym_id 
_struct_conn.ptnr1_label_comp_id 
_struct_conn.ptnr1_label_seq_id 
_struct_conn.ptnr1_label_atom_id 
_struct_conn.pdbx_ptnr1_label_alt_id 
_struct_conn.pdbx_ptnr1_PDB_ins_code 
_struct_conn.pdbx_ptnr1_standard_comp_id 
_struct_conn.ptnr1_symmetry 
_struct_conn.ptnr2_label_asym_id 
_struct_conn.ptnr2_label_comp_id 
_struct_conn.ptnr2_label_seq_id 
_struct_conn.ptnr2_label_atom_id 
_struct_conn.pdbx_ptnr2_label_alt_id 
_struct_conn.pdbx_ptnr2_PDB_ins_code 
_struct_conn.ptnr1_auth_asym_id 
_struct_conn.ptnr1_auth_comp_id 
_struct_conn.ptnr1_auth_seq_id 
_struct_conn.ptnr2_auth_asym_id 
_struct_conn.ptnr2_auth_comp_id 
_struct_conn.ptnr2_auth_seq_id 
_struct_conn.ptnr2_symmetry 
_struct_conn.pdbx_ptnr3_label_atom_id 
_struct_conn.pdbx_ptnr3_label_seq_id 
_struct_conn.pdbx_ptnr3_label_comp_id 
_struct_conn.pdbx_ptnr3_label_asym_id 
_struct_conn.pdbx_ptnr3_label_alt_id 
_struct_conn.pdbx_ptnr3_PDB_ins_code 
_struct_conn.details 
_struct_conn.pdbx_dist_value 
_struct_conn.pdbx_value_order 
_struct_conn.pdbx_role 
covale1 covale both ? A LEU 55  C ? ? ? 1_555 A MSE 56  N ? ? A LEU 55  A MSE 56  1_555 ? ? ? ? ? ? ? 1.330 ? ? 
covale2 covale both ? A MSE 56  C ? ? ? 1_555 A GLN 57  N ? ? A MSE 56  A GLN 57  1_555 ? ? ? ? ? ? ? 1.330 ? ? 
covale3 covale both ? A ASN 93  C ? ? ? 1_555 A MSE 94  N ? ? A ASN 93  A MSE 94  1_555 ? ? ? ? ? ? ? 1.335 ? ? 
covale4 covale both ? A MSE 94  C ? ? ? 1_555 A LEU 95  N ? ? A MSE 94  A LEU 95  1_555 ? ? ? ? ? ? ? 1.327 ? ? 
covale5 covale both ? A ASN 102 C ? ? ? 1_555 A MSE 103 N ? ? A ASN 102 A MSE 103 1_555 ? ? ? ? ? ? ? 1.323 ? ? 
covale6 covale both ? A MSE 103 C ? ? ? 1_555 A ARG 104 N ? ? A MSE 103 A ARG 104 1_555 ? ? ? ? ? ? ? 1.328 ? ? 
# 
_struct_conn_type.id          covale 
_struct_conn_type.criteria    ? 
_struct_conn_type.reference   ? 
# 
loop_
_pdbx_modification_feature.ordinal 
_pdbx_modification_feature.label_comp_id 
_pdbx_modification_feature.label_asym_id 
_pdbx_modification_feature.label_seq_id 
_pdbx_modification_feature.label_alt_id 
_pdbx_modification_feature.modified_residue_label_comp_id 
_pdbx_modification_feature.modified_residue_label_asym_id 
_pdbx_modification_feature.modified_residue_label_seq_id 
_pdbx_modification_feature.modified_residue_label_alt_id 
_pdbx_modification_feature.auth_comp_id 
_pdbx_modification_feature.auth_asym_id 
_pdbx_modification_feature.auth_seq_id 
_pdbx_modification_feature.PDB_ins_code 
_pdbx_modification_feature.symmetry 
_pdbx_modification_feature.modified_residue_auth_comp_id 
_pdbx_modification_feature.modified_residue_auth_asym_id 
_pdbx_modification_feature.modified_residue_auth_seq_id 
_pdbx_modification_feature.modified_residue_PDB_ins_code 
_pdbx_modification_feature.modified_residue_symmetry 
_pdbx_modification_feature.comp_id_linking_atom 
_pdbx_modification_feature.modified_residue_id_linking_atom 
_pdbx_modification_feature.modified_residue_id 
_pdbx_modification_feature.ref_pcm_id 
_pdbx_modification_feature.ref_comp_id 
_pdbx_modification_feature.type 
_pdbx_modification_feature.category 
1 MSE A 56  ? . . . . MSE A 56  ? 1_555 . . . . . . . MET 1 MSE Selenomethionine 'Named protein modification' 
2 MSE A 94  ? . . . . MSE A 94  ? 1_555 . . . . . . . MET 1 MSE Selenomethionine 'Named protein modification' 
3 MSE A 103 ? . . . . MSE A 103 ? 1_555 . . . . . . . MET 1 MSE Selenomethionine 'Named protein modification' 
# 
loop_
_struct_sheet.id 
_struct_sheet.type 
_struct_sheet.number_strands 
_struct_sheet.details 
A ? 4 ? 
B ? 3 ? 
# 
loop_
_struct_sheet_order.sheet_id 
_struct_sheet_order.range_id_1 
_struct_sheet_order.range_id_2 
_struct_sheet_order.offset 
_struct_sheet_order.sense 
A 1 2 ? anti-parallel 
A 2 3 ? anti-parallel 
A 3 4 ? anti-parallel 
B 1 2 ? anti-parallel 
B 2 3 ? anti-parallel 
# 
loop_
_struct_sheet_range.sheet_id 
_struct_sheet_range.id 
_struct_sheet_range.beg_label_comp_id 
_struct_sheet_range.beg_label_asym_id 
_struct_sheet_range.beg_label_seq_id 
_struct_sheet_range.pdbx_beg_PDB_ins_code 
_struct_sheet_range.end_label_comp_id 
_struct_sheet_range.end_label_asym_id 
_struct_sheet_range.end_label_seq_id 
_struct_sheet_range.pdbx_end_PDB_ins_code 
_struct_sheet_range.beg_auth_comp_id 
_struct_sheet_range.beg_auth_asym_id 
_struct_sheet_range.beg_auth_seq_id 
_struct_sheet_range.end_auth_comp_id 
_struct_sheet_range.end_auth_asym_id 
_struct_sheet_range.end_auth_seq_id 
A 1 GLY A 22  ? LYS A 28  ? GLY A 22  LYS A 28  
A 2 SER A 34  ? GLN A 42  ? SER A 34  GLN A 42  
A 3 TYR A 78  ? SER A 83  ? TYR A 78  SER A 83  
A 4 GLN A 70  ? LYS A 73  ? GLN A 70  LYS A 73  
B 1 ARG A 126 ? ASN A 129 ? ARG A 126 ASN A 129 
B 2 VAL A 160 ? ILE A 165 ? VAL A 160 ILE A 165 
B 3 ASN A 149 ? ASP A 155 ? ASN A 149 ASP A 155 
# 
loop_
_pdbx_struct_sheet_hbond.sheet_id 
_pdbx_struct_sheet_hbond.range_id_1 
_pdbx_struct_sheet_hbond.range_id_2 
_pdbx_struct_sheet_hbond.range_1_label_atom_id 
_pdbx_struct_sheet_hbond.range_1_label_comp_id 
_pdbx_struct_sheet_hbond.range_1_label_asym_id 
_pdbx_struct_sheet_hbond.range_1_label_seq_id 
_pdbx_struct_sheet_hbond.range_1_PDB_ins_code 
_pdbx_struct_sheet_hbond.range_1_auth_atom_id 
_pdbx_struct_sheet_hbond.range_1_auth_comp_id 
_pdbx_struct_sheet_hbond.range_1_auth_asym_id 
_pdbx_struct_sheet_hbond.range_1_auth_seq_id 
_pdbx_struct_sheet_hbond.range_2_label_atom_id 
_pdbx_struct_sheet_hbond.range_2_label_comp_id 
_pdbx_struct_sheet_hbond.range_2_label_asym_id 
_pdbx_struct_sheet_hbond.range_2_label_seq_id 
_pdbx_struct_sheet_hbond.range_2_PDB_ins_code 
_pdbx_struct_sheet_hbond.range_2_auth_atom_id 
_pdbx_struct_sheet_hbond.range_2_auth_comp_id 
_pdbx_struct_sheet_hbond.range_2_auth_asym_id 
_pdbx_struct_sheet_hbond.range_2_auth_seq_id 
A 1 2 O GLY A 23  ? O GLY A 23  N VAL A 39  ? N VAL A 39  
A 2 3 O VAL A 38  ? O VAL A 38  N VAL A 82  ? N VAL A 82  
A 3 4 O GLU A 79  ? O GLU A 79  N VAL A 72  ? N VAL A 72  
B 1 2 O ILE A 127 ? O ILE A 127 N LEU A 163 ? N LEU A 163 
B 2 3 O VAL A 160 ? O VAL A 160 N ASP A 155 ? N ASP A 155 
# 
_pdbx_entry_details.entry_id                   1B24 
_pdbx_entry_details.compound_details           ? 
_pdbx_entry_details.source_details             ? 
_pdbx_entry_details.nonpolymer_details         ? 
_pdbx_entry_details.sequence_details           ? 
_pdbx_entry_details.has_ligand_of_interest     ? 
_pdbx_entry_details.has_protein_modification   Y 
# 
loop_
_pdbx_validate_close_contact.id 
_pdbx_validate_close_contact.PDB_model_num 
_pdbx_validate_close_contact.auth_atom_id_1 
_pdbx_validate_close_contact.auth_asym_id_1 
_pdbx_validate_close_contact.auth_comp_id_1 
_pdbx_validate_close_contact.auth_seq_id_1 
_pdbx_validate_close_contact.PDB_ins_code_1 
_pdbx_validate_close_contact.label_alt_id_1 
_pdbx_validate_close_contact.auth_atom_id_2 
_pdbx_validate_close_contact.auth_asym_id_2 
_pdbx_validate_close_contact.auth_comp_id_2 
_pdbx_validate_close_contact.auth_seq_id_2 
_pdbx_validate_close_contact.PDB_ins_code_2 
_pdbx_validate_close_contact.label_alt_id_2 
_pdbx_validate_close_contact.dist 
1 1 O A HOH 210 ? ? O A HOH 255 ? ? 1.86 
2 1 O A HOH 229 ? ? O A HOH 234 ? ? 1.88 
3 1 O A HOH 237 ? ? O A HOH 257 ? ? 1.95 
4 1 O A HOH 203 ? ? O A HOH 230 ? ? 2.03 
5 1 O A HOH 230 ? ? O A HOH 255 ? ? 2.19 
# 
loop_
_pdbx_validate_torsion.id 
_pdbx_validate_torsion.PDB_model_num 
_pdbx_validate_torsion.auth_comp_id 
_pdbx_validate_torsion.auth_asym_id 
_pdbx_validate_torsion.auth_seq_id 
_pdbx_validate_torsion.PDB_ins_code 
_pdbx_validate_torsion.label_alt_id 
_pdbx_validate_torsion.phi 
_pdbx_validate_torsion.psi 
1 1 ASP A 21 ? ? -158.15 88.02  
2 1 TYR A 29 ? ? -91.46  -77.37 
3 1 HIS A 51 ? ? -130.99 -62.66 
4 1 THR A 76 ? ? 84.47   -38.74 
5 1 ARG A 97 ? ? -96.58  42.29  
# 
loop_
_pdbx_struct_mod_residue.id 
_pdbx_struct_mod_residue.label_asym_id 
_pdbx_struct_mod_residue.label_comp_id 
_pdbx_struct_mod_residue.label_seq_id 
_pdbx_struct_mod_residue.auth_asym_id 
_pdbx_struct_mod_residue.auth_comp_id 
_pdbx_struct_mod_residue.auth_seq_id 
_pdbx_struct_mod_residue.PDB_ins_code 
_pdbx_struct_mod_residue.parent_comp_id 
_pdbx_struct_mod_residue.details 
1 A MSE 56  A MSE 56  ? MET 'modified residue' 
2 A MSE 94  A MSE 94  ? MET 'modified residue' 
3 A MSE 103 A MSE 103 ? MET 'modified residue' 
# 
loop_
_pdbx_unobs_or_zero_occ_residues.id 
_pdbx_unobs_or_zero_occ_residues.PDB_model_num 
_pdbx_unobs_or_zero_occ_residues.polymer_flag 
_pdbx_unobs_or_zero_occ_residues.occupancy_flag 
_pdbx_unobs_or_zero_occ_residues.auth_asym_id 
_pdbx_unobs_or_zero_occ_residues.auth_comp_id 
_pdbx_unobs_or_zero_occ_residues.auth_seq_id 
_pdbx_unobs_or_zero_occ_residues.PDB_ins_code 
_pdbx_unobs_or_zero_occ_residues.label_asym_id 
_pdbx_unobs_or_zero_occ_residues.label_comp_id 
_pdbx_unobs_or_zero_occ_residues.label_seq_id 
1  1 Y 1 A MET 1   ? A MET 1   
2  1 Y 1 A HIS 2   ? A HIS 2   
3  1 Y 1 A ASN 3   ? A ASN 3   
4  1 Y 1 A ASN 4   ? A ASN 4   
5  1 Y 1 A GLU 5   ? A GLU 5   
6  1 Y 1 A ASN 6   ? A ASN 6   
7  1 Y 1 A SER 180 ? A SER 180 
8  1 Y 1 A HIS 181 ? A HIS 181 
9  1 Y 1 A LEU 182 ? A LEU 182 
10 1 Y 1 A ASN 183 ? A ASN 183 
11 1 Y 1 A PRO 184 ? A PRO 184 
12 1 Y 1 A LEU 185 ? A LEU 185 
13 1 Y 1 A PRO 186 ? A PRO 186 
14 1 Y 1 A PRO 187 ? A PRO 187 
15 1 Y 1 A GLU 188 ? A GLU 188 
# 
loop_
_chem_comp_atom.comp_id 
_chem_comp_atom.atom_id 
_chem_comp_atom.type_symbol 
_chem_comp_atom.pdbx_aromatic_flag 
_chem_comp_atom.pdbx_stereo_config 
_chem_comp_atom.pdbx_ordinal 
ALA N    N  N N 1   
ALA CA   C  N S 2   
ALA C    C  N N 3   
ALA O    O  N N 4   
ALA CB   C  N N 5   
ALA OXT  O  N N 6   
ALA H    H  N N 7   
ALA H2   H  N N 8   
ALA HA   H  N N 9   
ALA HB1  H  N N 10  
ALA HB2  H  N N 11  
ALA HB3  H  N N 12  
ALA HXT  H  N N 13  
ARG N    N  N N 14  
ARG CA   C  N S 15  
ARG C    C  N N 16  
ARG O    O  N N 17  
ARG CB   C  N N 18  
ARG CG   C  N N 19  
ARG CD   C  N N 20  
ARG NE   N  N N 21  
ARG CZ   C  N N 22  
ARG NH1  N  N N 23  
ARG NH2  N  N N 24  
ARG OXT  O  N N 25  
ARG H    H  N N 26  
ARG H2   H  N N 27  
ARG HA   H  N N 28  
ARG HB2  H  N N 29  
ARG HB3  H  N N 30  
ARG HG2  H  N N 31  
ARG HG3  H  N N 32  
ARG HD2  H  N N 33  
ARG HD3  H  N N 34  
ARG HE   H  N N 35  
ARG HH11 H  N N 36  
ARG HH12 H  N N 37  
ARG HH21 H  N N 38  
ARG HH22 H  N N 39  
ARG HXT  H  N N 40  
ASN N    N  N N 41  
ASN CA   C  N S 42  
ASN C    C  N N 43  
ASN O    O  N N 44  
ASN CB   C  N N 45  
ASN CG   C  N N 46  
ASN OD1  O  N N 47  
ASN ND2  N  N N 48  
ASN OXT  O  N N 49  
ASN H    H  N N 50  
ASN H2   H  N N 51  
ASN HA   H  N N 52  
ASN HB2  H  N N 53  
ASN HB3  H  N N 54  
ASN HD21 H  N N 55  
ASN HD22 H  N N 56  
ASN HXT  H  N N 57  
ASP N    N  N N 58  
ASP CA   C  N S 59  
ASP C    C  N N 60  
ASP O    O  N N 61  
ASP CB   C  N N 62  
ASP CG   C  N N 63  
ASP OD1  O  N N 64  
ASP OD2  O  N N 65  
ASP OXT  O  N N 66  
ASP H    H  N N 67  
ASP H2   H  N N 68  
ASP HA   H  N N 69  
ASP HB2  H  N N 70  
ASP HB3  H  N N 71  
ASP HD2  H  N N 72  
ASP HXT  H  N N 73  
GLN N    N  N N 74  
GLN CA   C  N S 75  
GLN C    C  N N 76  
GLN O    O  N N 77  
GLN CB   C  N N 78  
GLN CG   C  N N 79  
GLN CD   C  N N 80  
GLN OE1  O  N N 81  
GLN NE2  N  N N 82  
GLN OXT  O  N N 83  
GLN H    H  N N 84  
GLN H2   H  N N 85  
GLN HA   H  N N 86  
GLN HB2  H  N N 87  
GLN HB3  H  N N 88  
GLN HG2  H  N N 89  
GLN HG3  H  N N 90  
GLN HE21 H  N N 91  
GLN HE22 H  N N 92  
GLN HXT  H  N N 93  
GLU N    N  N N 94  
GLU CA   C  N S 95  
GLU C    C  N N 96  
GLU O    O  N N 97  
GLU CB   C  N N 98  
GLU CG   C  N N 99  
GLU CD   C  N N 100 
GLU OE1  O  N N 101 
GLU OE2  O  N N 102 
GLU OXT  O  N N 103 
GLU H    H  N N 104 
GLU H2   H  N N 105 
GLU HA   H  N N 106 
GLU HB2  H  N N 107 
GLU HB3  H  N N 108 
GLU HG2  H  N N 109 
GLU HG3  H  N N 110 
GLU HE2  H  N N 111 
GLU HXT  H  N N 112 
GLY N    N  N N 113 
GLY CA   C  N N 114 
GLY C    C  N N 115 
GLY O    O  N N 116 
GLY OXT  O  N N 117 
GLY H    H  N N 118 
GLY H2   H  N N 119 
GLY HA2  H  N N 120 
GLY HA3  H  N N 121 
GLY HXT  H  N N 122 
HIS N    N  N N 123 
HIS CA   C  N S 124 
HIS C    C  N N 125 
HIS O    O  N N 126 
HIS CB   C  N N 127 
HIS CG   C  Y N 128 
HIS ND1  N  Y N 129 
HIS CD2  C  Y N 130 
HIS CE1  C  Y N 131 
HIS NE2  N  Y N 132 
HIS OXT  O  N N 133 
HIS H    H  N N 134 
HIS H2   H  N N 135 
HIS HA   H  N N 136 
HIS HB2  H  N N 137 
HIS HB3  H  N N 138 
HIS HD1  H  N N 139 
HIS HD2  H  N N 140 
HIS HE1  H  N N 141 
HIS HE2  H  N N 142 
HIS HXT  H  N N 143 
HOH O    O  N N 144 
HOH H1   H  N N 145 
HOH H2   H  N N 146 
ILE N    N  N N 147 
ILE CA   C  N S 148 
ILE C    C  N N 149 
ILE O    O  N N 150 
ILE CB   C  N S 151 
ILE CG1  C  N N 152 
ILE CG2  C  N N 153 
ILE CD1  C  N N 154 
ILE OXT  O  N N 155 
ILE H    H  N N 156 
ILE H2   H  N N 157 
ILE HA   H  N N 158 
ILE HB   H  N N 159 
ILE HG12 H  N N 160 
ILE HG13 H  N N 161 
ILE HG21 H  N N 162 
ILE HG22 H  N N 163 
ILE HG23 H  N N 164 
ILE HD11 H  N N 165 
ILE HD12 H  N N 166 
ILE HD13 H  N N 167 
ILE HXT  H  N N 168 
LEU N    N  N N 169 
LEU CA   C  N S 170 
LEU C    C  N N 171 
LEU O    O  N N 172 
LEU CB   C  N N 173 
LEU CG   C  N N 174 
LEU CD1  C  N N 175 
LEU CD2  C  N N 176 
LEU OXT  O  N N 177 
LEU H    H  N N 178 
LEU H2   H  N N 179 
LEU HA   H  N N 180 
LEU HB2  H  N N 181 
LEU HB3  H  N N 182 
LEU HG   H  N N 183 
LEU HD11 H  N N 184 
LEU HD12 H  N N 185 
LEU HD13 H  N N 186 
LEU HD21 H  N N 187 
LEU HD22 H  N N 188 
LEU HD23 H  N N 189 
LEU HXT  H  N N 190 
LYS N    N  N N 191 
LYS CA   C  N S 192 
LYS C    C  N N 193 
LYS O    O  N N 194 
LYS CB   C  N N 195 
LYS CG   C  N N 196 
LYS CD   C  N N 197 
LYS CE   C  N N 198 
LYS NZ   N  N N 199 
LYS OXT  O  N N 200 
LYS H    H  N N 201 
LYS H2   H  N N 202 
LYS HA   H  N N 203 
LYS HB2  H  N N 204 
LYS HB3  H  N N 205 
LYS HG2  H  N N 206 
LYS HG3  H  N N 207 
LYS HD2  H  N N 208 
LYS HD3  H  N N 209 
LYS HE2  H  N N 210 
LYS HE3  H  N N 211 
LYS HZ1  H  N N 212 
LYS HZ2  H  N N 213 
LYS HZ3  H  N N 214 
LYS HXT  H  N N 215 
MET N    N  N N 216 
MET CA   C  N S 217 
MET C    C  N N 218 
MET O    O  N N 219 
MET CB   C  N N 220 
MET CG   C  N N 221 
MET SD   S  N N 222 
MET CE   C  N N 223 
MET OXT  O  N N 224 
MET H    H  N N 225 
MET H2   H  N N 226 
MET HA   H  N N 227 
MET HB2  H  N N 228 
MET HB3  H  N N 229 
MET HG2  H  N N 230 
MET HG3  H  N N 231 
MET HE1  H  N N 232 
MET HE2  H  N N 233 
MET HE3  H  N N 234 
MET HXT  H  N N 235 
MSE N    N  N N 236 
MSE CA   C  N S 237 
MSE C    C  N N 238 
MSE O    O  N N 239 
MSE OXT  O  N N 240 
MSE CB   C  N N 241 
MSE CG   C  N N 242 
MSE SE   SE N N 243 
MSE CE   C  N N 244 
MSE H    H  N N 245 
MSE H2   H  N N 246 
MSE HA   H  N N 247 
MSE HXT  H  N N 248 
MSE HB2  H  N N 249 
MSE HB3  H  N N 250 
MSE HG2  H  N N 251 
MSE HG3  H  N N 252 
MSE HE1  H  N N 253 
MSE HE2  H  N N 254 
MSE HE3  H  N N 255 
PHE N    N  N N 256 
PHE CA   C  N S 257 
PHE C    C  N N 258 
PHE O    O  N N 259 
PHE CB   C  N N 260 
PHE CG   C  Y N 261 
PHE CD1  C  Y N 262 
PHE CD2  C  Y N 263 
PHE CE1  C  Y N 264 
PHE CE2  C  Y N 265 
PHE CZ   C  Y N 266 
PHE OXT  O  N N 267 
PHE H    H  N N 268 
PHE H2   H  N N 269 
PHE HA   H  N N 270 
PHE HB2  H  N N 271 
PHE HB3  H  N N 272 
PHE HD1  H  N N 273 
PHE HD2  H  N N 274 
PHE HE1  H  N N 275 
PHE HE2  H  N N 276 
PHE HZ   H  N N 277 
PHE HXT  H  N N 278 
PRO N    N  N N 279 
PRO CA   C  N S 280 
PRO C    C  N N 281 
PRO O    O  N N 282 
PRO CB   C  N N 283 
PRO CG   C  N N 284 
PRO CD   C  N N 285 
PRO OXT  O  N N 286 
PRO H    H  N N 287 
PRO HA   H  N N 288 
PRO HB2  H  N N 289 
PRO HB3  H  N N 290 
PRO HG2  H  N N 291 
PRO HG3  H  N N 292 
PRO HD2  H  N N 293 
PRO HD3  H  N N 294 
PRO HXT  H  N N 295 
SER N    N  N N 296 
SER CA   C  N S 297 
SER C    C  N N 298 
SER O    O  N N 299 
SER CB   C  N N 300 
SER OG   O  N N 301 
SER OXT  O  N N 302 
SER H    H  N N 303 
SER H2   H  N N 304 
SER HA   H  N N 305 
SER HB2  H  N N 306 
SER HB3  H  N N 307 
SER HG   H  N N 308 
SER HXT  H  N N 309 
THR N    N  N N 310 
THR CA   C  N S 311 
THR C    C  N N 312 
THR O    O  N N 313 
THR CB   C  N R 314 
THR OG1  O  N N 315 
THR CG2  C  N N 316 
THR OXT  O  N N 317 
THR H    H  N N 318 
THR H2   H  N N 319 
THR HA   H  N N 320 
THR HB   H  N N 321 
THR HG1  H  N N 322 
THR HG21 H  N N 323 
THR HG22 H  N N 324 
THR HG23 H  N N 325 
THR HXT  H  N N 326 
TRP N    N  N N 327 
TRP CA   C  N S 328 
TRP C    C  N N 329 
TRP O    O  N N 330 
TRP CB   C  N N 331 
TRP CG   C  Y N 332 
TRP CD1  C  Y N 333 
TRP CD2  C  Y N 334 
TRP NE1  N  Y N 335 
TRP CE2  C  Y N 336 
TRP CE3  C  Y N 337 
TRP CZ2  C  Y N 338 
TRP CZ3  C  Y N 339 
TRP CH2  C  Y N 340 
TRP OXT  O  N N 341 
TRP H    H  N N 342 
TRP H2   H  N N 343 
TRP HA   H  N N 344 
TRP HB2  H  N N 345 
TRP HB3  H  N N 346 
TRP HD1  H  N N 347 
TRP HE1  H  N N 348 
TRP HE3  H  N N 349 
TRP HZ2  H  N N 350 
TRP HZ3  H  N N 351 
TRP HH2  H  N N 352 
TRP HXT  H  N N 353 
TYR N    N  N N 354 
TYR CA   C  N S 355 
TYR C    C  N N 356 
TYR O    O  N N 357 
TYR CB   C  N N 358 
TYR CG   C  Y N 359 
TYR CD1  C  Y N 360 
TYR CD2  C  Y N 361 
TYR CE1  C  Y N 362 
TYR CE2  C  Y N 363 
TYR CZ   C  Y N 364 
TYR OH   O  N N 365 
TYR OXT  O  N N 366 
TYR H    H  N N 367 
TYR H2   H  N N 368 
TYR HA   H  N N 369 
TYR HB2  H  N N 370 
TYR HB3  H  N N 371 
TYR HD1  H  N N 372 
TYR HD2  H  N N 373 
TYR HE1  H  N N 374 
TYR HE2  H  N N 375 
TYR HH   H  N N 376 
TYR HXT  H  N N 377 
VAL N    N  N N 378 
VAL CA   C  N S 379 
VAL C    C  N N 380 
VAL O    O  N N 381 
VAL CB   C  N N 382 
VAL CG1  C  N N 383 
VAL CG2  C  N N 384 
VAL OXT  O  N N 385 
VAL H    H  N N 386 
VAL H2   H  N N 387 
VAL HA   H  N N 388 
VAL HB   H  N N 389 
VAL HG11 H  N N 390 
VAL HG12 H  N N 391 
VAL HG13 H  N N 392 
VAL HG21 H  N N 393 
VAL HG22 H  N N 394 
VAL HG23 H  N N 395 
VAL HXT  H  N N 396 
# 
loop_
_chem_comp_bond.comp_id 
_chem_comp_bond.atom_id_1 
_chem_comp_bond.atom_id_2 
_chem_comp_bond.value_order 
_chem_comp_bond.pdbx_aromatic_flag 
_chem_comp_bond.pdbx_stereo_config 
_chem_comp_bond.pdbx_ordinal 
ALA N   CA   sing N N 1   
ALA N   H    sing N N 2   
ALA N   H2   sing N N 3   
ALA CA  C    sing N N 4   
ALA CA  CB   sing N N 5   
ALA CA  HA   sing N N 6   
ALA C   O    doub N N 7   
ALA C   OXT  sing N N 8   
ALA CB  HB1  sing N N 9   
ALA CB  HB2  sing N N 10  
ALA CB  HB3  sing N N 11  
ALA OXT HXT  sing N N 12  
ARG N   CA   sing N N 13  
ARG N   H    sing N N 14  
ARG N   H2   sing N N 15  
ARG CA  C    sing N N 16  
ARG CA  CB   sing N N 17  
ARG CA  HA   sing N N 18  
ARG C   O    doub N N 19  
ARG C   OXT  sing N N 20  
ARG CB  CG   sing N N 21  
ARG CB  HB2  sing N N 22  
ARG CB  HB3  sing N N 23  
ARG CG  CD   sing N N 24  
ARG CG  HG2  sing N N 25  
ARG CG  HG3  sing N N 26  
ARG CD  NE   sing N N 27  
ARG CD  HD2  sing N N 28  
ARG CD  HD3  sing N N 29  
ARG NE  CZ   sing N N 30  
ARG NE  HE   sing N N 31  
ARG CZ  NH1  sing N N 32  
ARG CZ  NH2  doub N N 33  
ARG NH1 HH11 sing N N 34  
ARG NH1 HH12 sing N N 35  
ARG NH2 HH21 sing N N 36  
ARG NH2 HH22 sing N N 37  
ARG OXT HXT  sing N N 38  
ASN N   CA   sing N N 39  
ASN N   H    sing N N 40  
ASN N   H2   sing N N 41  
ASN CA  C    sing N N 42  
ASN CA  CB   sing N N 43  
ASN CA  HA   sing N N 44  
ASN C   O    doub N N 45  
ASN C   OXT  sing N N 46  
ASN CB  CG   sing N N 47  
ASN CB  HB2  sing N N 48  
ASN CB  HB3  sing N N 49  
ASN CG  OD1  doub N N 50  
ASN CG  ND2  sing N N 51  
ASN ND2 HD21 sing N N 52  
ASN ND2 HD22 sing N N 53  
ASN OXT HXT  sing N N 54  
ASP N   CA   sing N N 55  
ASP N   H    sing N N 56  
ASP N   H2   sing N N 57  
ASP CA  C    sing N N 58  
ASP CA  CB   sing N N 59  
ASP CA  HA   sing N N 60  
ASP C   O    doub N N 61  
ASP C   OXT  sing N N 62  
ASP CB  CG   sing N N 63  
ASP CB  HB2  sing N N 64  
ASP CB  HB3  sing N N 65  
ASP CG  OD1  doub N N 66  
ASP CG  OD2  sing N N 67  
ASP OD2 HD2  sing N N 68  
ASP OXT HXT  sing N N 69  
GLN N   CA   sing N N 70  
GLN N   H    sing N N 71  
GLN N   H2   sing N N 72  
GLN CA  C    sing N N 73  
GLN CA  CB   sing N N 74  
GLN CA  HA   sing N N 75  
GLN C   O    doub N N 76  
GLN C   OXT  sing N N 77  
GLN CB  CG   sing N N 78  
GLN CB  HB2  sing N N 79  
GLN CB  HB3  sing N N 80  
GLN CG  CD   sing N N 81  
GLN CG  HG2  sing N N 82  
GLN CG  HG3  sing N N 83  
GLN CD  OE1  doub N N 84  
GLN CD  NE2  sing N N 85  
GLN NE2 HE21 sing N N 86  
GLN NE2 HE22 sing N N 87  
GLN OXT HXT  sing N N 88  
GLU N   CA   sing N N 89  
GLU N   H    sing N N 90  
GLU N   H2   sing N N 91  
GLU CA  C    sing N N 92  
GLU CA  CB   sing N N 93  
GLU CA  HA   sing N N 94  
GLU C   O    doub N N 95  
GLU C   OXT  sing N N 96  
GLU CB  CG   sing N N 97  
GLU CB  HB2  sing N N 98  
GLU CB  HB3  sing N N 99  
GLU CG  CD   sing N N 100 
GLU CG  HG2  sing N N 101 
GLU CG  HG3  sing N N 102 
GLU CD  OE1  doub N N 103 
GLU CD  OE2  sing N N 104 
GLU OE2 HE2  sing N N 105 
GLU OXT HXT  sing N N 106 
GLY N   CA   sing N N 107 
GLY N   H    sing N N 108 
GLY N   H2   sing N N 109 
GLY CA  C    sing N N 110 
GLY CA  HA2  sing N N 111 
GLY CA  HA3  sing N N 112 
GLY C   O    doub N N 113 
GLY C   OXT  sing N N 114 
GLY OXT HXT  sing N N 115 
HIS N   CA   sing N N 116 
HIS N   H    sing N N 117 
HIS N   H2   sing N N 118 
HIS CA  C    sing N N 119 
HIS CA  CB   sing N N 120 
HIS CA  HA   sing N N 121 
HIS C   O    doub N N 122 
HIS C   OXT  sing N N 123 
HIS CB  CG   sing N N 124 
HIS CB  HB2  sing N N 125 
HIS CB  HB3  sing N N 126 
HIS CG  ND1  sing Y N 127 
HIS CG  CD2  doub Y N 128 
HIS ND1 CE1  doub Y N 129 
HIS ND1 HD1  sing N N 130 
HIS CD2 NE2  sing Y N 131 
HIS CD2 HD2  sing N N 132 
HIS CE1 NE2  sing Y N 133 
HIS CE1 HE1  sing N N 134 
HIS NE2 HE2  sing N N 135 
HIS OXT HXT  sing N N 136 
HOH O   H1   sing N N 137 
HOH O   H2   sing N N 138 
ILE N   CA   sing N N 139 
ILE N   H    sing N N 140 
ILE N   H2   sing N N 141 
ILE CA  C    sing N N 142 
ILE CA  CB   sing N N 143 
ILE CA  HA   sing N N 144 
ILE C   O    doub N N 145 
ILE C   OXT  sing N N 146 
ILE CB  CG1  sing N N 147 
ILE CB  CG2  sing N N 148 
ILE CB  HB   sing N N 149 
ILE CG1 CD1  sing N N 150 
ILE CG1 HG12 sing N N 151 
ILE CG1 HG13 sing N N 152 
ILE CG2 HG21 sing N N 153 
ILE CG2 HG22 sing N N 154 
ILE CG2 HG23 sing N N 155 
ILE CD1 HD11 sing N N 156 
ILE CD1 HD12 sing N N 157 
ILE CD1 HD13 sing N N 158 
ILE OXT HXT  sing N N 159 
LEU N   CA   sing N N 160 
LEU N   H    sing N N 161 
LEU N   H2   sing N N 162 
LEU CA  C    sing N N 163 
LEU CA  CB   sing N N 164 
LEU CA  HA   sing N N 165 
LEU C   O    doub N N 166 
LEU C   OXT  sing N N 167 
LEU CB  CG   sing N N 168 
LEU CB  HB2  sing N N 169 
LEU CB  HB3  sing N N 170 
LEU CG  CD1  sing N N 171 
LEU CG  CD2  sing N N 172 
LEU CG  HG   sing N N 173 
LEU CD1 HD11 sing N N 174 
LEU CD1 HD12 sing N N 175 
LEU CD1 HD13 sing N N 176 
LEU CD2 HD21 sing N N 177 
LEU CD2 HD22 sing N N 178 
LEU CD2 HD23 sing N N 179 
LEU OXT HXT  sing N N 180 
LYS N   CA   sing N N 181 
LYS N   H    sing N N 182 
LYS N   H2   sing N N 183 
LYS CA  C    sing N N 184 
LYS CA  CB   sing N N 185 
LYS CA  HA   sing N N 186 
LYS C   O    doub N N 187 
LYS C   OXT  sing N N 188 
LYS CB  CG   sing N N 189 
LYS CB  HB2  sing N N 190 
LYS CB  HB3  sing N N 191 
LYS CG  CD   sing N N 192 
LYS CG  HG2  sing N N 193 
LYS CG  HG3  sing N N 194 
LYS CD  CE   sing N N 195 
LYS CD  HD2  sing N N 196 
LYS CD  HD3  sing N N 197 
LYS CE  NZ   sing N N 198 
LYS CE  HE2  sing N N 199 
LYS CE  HE3  sing N N 200 
LYS NZ  HZ1  sing N N 201 
LYS NZ  HZ2  sing N N 202 
LYS NZ  HZ3  sing N N 203 
LYS OXT HXT  sing N N 204 
MET N   CA   sing N N 205 
MET N   H    sing N N 206 
MET N   H2   sing N N 207 
MET CA  C    sing N N 208 
MET CA  CB   sing N N 209 
MET CA  HA   sing N N 210 
MET C   O    doub N N 211 
MET C   OXT  sing N N 212 
MET CB  CG   sing N N 213 
MET CB  HB2  sing N N 214 
MET CB  HB3  sing N N 215 
MET CG  SD   sing N N 216 
MET CG  HG2  sing N N 217 
MET CG  HG3  sing N N 218 
MET SD  CE   sing N N 219 
MET CE  HE1  sing N N 220 
MET CE  HE2  sing N N 221 
MET CE  HE3  sing N N 222 
MET OXT HXT  sing N N 223 
MSE N   CA   sing N N 224 
MSE N   H    sing N N 225 
MSE N   H2   sing N N 226 
MSE CA  C    sing N N 227 
MSE CA  CB   sing N N 228 
MSE CA  HA   sing N N 229 
MSE C   O    doub N N 230 
MSE C   OXT  sing N N 231 
MSE OXT HXT  sing N N 232 
MSE CB  CG   sing N N 233 
MSE CB  HB2  sing N N 234 
MSE CB  HB3  sing N N 235 
MSE CG  SE   sing N N 236 
MSE CG  HG2  sing N N 237 
MSE CG  HG3  sing N N 238 
MSE SE  CE   sing N N 239 
MSE CE  HE1  sing N N 240 
MSE CE  HE2  sing N N 241 
MSE CE  HE3  sing N N 242 
PHE N   CA   sing N N 243 
PHE N   H    sing N N 244 
PHE N   H2   sing N N 245 
PHE CA  C    sing N N 246 
PHE CA  CB   sing N N 247 
PHE CA  HA   sing N N 248 
PHE C   O    doub N N 249 
PHE C   OXT  sing N N 250 
PHE CB  CG   sing N N 251 
PHE CB  HB2  sing N N 252 
PHE CB  HB3  sing N N 253 
PHE CG  CD1  doub Y N 254 
PHE CG  CD2  sing Y N 255 
PHE CD1 CE1  sing Y N 256 
PHE CD1 HD1  sing N N 257 
PHE CD2 CE2  doub Y N 258 
PHE CD2 HD2  sing N N 259 
PHE CE1 CZ   doub Y N 260 
PHE CE1 HE1  sing N N 261 
PHE CE2 CZ   sing Y N 262 
PHE CE2 HE2  sing N N 263 
PHE CZ  HZ   sing N N 264 
PHE OXT HXT  sing N N 265 
PRO N   CA   sing N N 266 
PRO N   CD   sing N N 267 
PRO N   H    sing N N 268 
PRO CA  C    sing N N 269 
PRO CA  CB   sing N N 270 
PRO CA  HA   sing N N 271 
PRO C   O    doub N N 272 
PRO C   OXT  sing N N 273 
PRO CB  CG   sing N N 274 
PRO CB  HB2  sing N N 275 
PRO CB  HB3  sing N N 276 
PRO CG  CD   sing N N 277 
PRO CG  HG2  sing N N 278 
PRO CG  HG3  sing N N 279 
PRO CD  HD2  sing N N 280 
PRO CD  HD3  sing N N 281 
PRO OXT HXT  sing N N 282 
SER N   CA   sing N N 283 
SER N   H    sing N N 284 
SER N   H2   sing N N 285 
SER CA  C    sing N N 286 
SER CA  CB   sing N N 287 
SER CA  HA   sing N N 288 
SER C   O    doub N N 289 
SER C   OXT  sing N N 290 
SER CB  OG   sing N N 291 
SER CB  HB2  sing N N 292 
SER CB  HB3  sing N N 293 
SER OG  HG   sing N N 294 
SER OXT HXT  sing N N 295 
THR N   CA   sing N N 296 
THR N   H    sing N N 297 
THR N   H2   sing N N 298 
THR CA  C    sing N N 299 
THR CA  CB   sing N N 300 
THR CA  HA   sing N N 301 
THR C   O    doub N N 302 
THR C   OXT  sing N N 303 
THR CB  OG1  sing N N 304 
THR CB  CG2  sing N N 305 
THR CB  HB   sing N N 306 
THR OG1 HG1  sing N N 307 
THR CG2 HG21 sing N N 308 
THR CG2 HG22 sing N N 309 
THR CG2 HG23 sing N N 310 
THR OXT HXT  sing N N 311 
TRP N   CA   sing N N 312 
TRP N   H    sing N N 313 
TRP N   H2   sing N N 314 
TRP CA  C    sing N N 315 
TRP CA  CB   sing N N 316 
TRP CA  HA   sing N N 317 
TRP C   O    doub N N 318 
TRP C   OXT  sing N N 319 
TRP CB  CG   sing N N 320 
TRP CB  HB2  sing N N 321 
TRP CB  HB3  sing N N 322 
TRP CG  CD1  doub Y N 323 
TRP CG  CD2  sing Y N 324 
TRP CD1 NE1  sing Y N 325 
TRP CD1 HD1  sing N N 326 
TRP CD2 CE2  doub Y N 327 
TRP CD2 CE3  sing Y N 328 
TRP NE1 CE2  sing Y N 329 
TRP NE1 HE1  sing N N 330 
TRP CE2 CZ2  sing Y N 331 
TRP CE3 CZ3  doub Y N 332 
TRP CE3 HE3  sing N N 333 
TRP CZ2 CH2  doub Y N 334 
TRP CZ2 HZ2  sing N N 335 
TRP CZ3 CH2  sing Y N 336 
TRP CZ3 HZ3  sing N N 337 
TRP CH2 HH2  sing N N 338 
TRP OXT HXT  sing N N 339 
TYR N   CA   sing N N 340 
TYR N   H    sing N N 341 
TYR N   H2   sing N N 342 
TYR CA  C    sing N N 343 
TYR CA  CB   sing N N 344 
TYR CA  HA   sing N N 345 
TYR C   O    doub N N 346 
TYR C   OXT  sing N N 347 
TYR CB  CG   sing N N 348 
TYR CB  HB2  sing N N 349 
TYR CB  HB3  sing N N 350 
TYR CG  CD1  doub Y N 351 
TYR CG  CD2  sing Y N 352 
TYR CD1 CE1  sing Y N 353 
TYR CD1 HD1  sing N N 354 
TYR CD2 CE2  doub Y N 355 
TYR CD2 HD2  sing N N 356 
TYR CE1 CZ   doub Y N 357 
TYR CE1 HE1  sing N N 358 
TYR CE2 CZ   sing Y N 359 
TYR CE2 HE2  sing N N 360 
TYR CZ  OH   sing N N 361 
TYR OH  HH   sing N N 362 
TYR OXT HXT  sing N N 363 
VAL N   CA   sing N N 364 
VAL N   H    sing N N 365 
VAL N   H2   sing N N 366 
VAL CA  C    sing N N 367 
VAL CA  CB   sing N N 368 
VAL CA  HA   sing N N 369 
VAL C   O    doub N N 370 
VAL C   OXT  sing N N 371 
VAL CB  CG1  sing N N 372 
VAL CB  CG2  sing N N 373 
VAL CB  HB   sing N N 374 
VAL CG1 HG11 sing N N 375 
VAL CG1 HG12 sing N N 376 
VAL CG1 HG13 sing N N 377 
VAL CG2 HG21 sing N N 378 
VAL CG2 HG22 sing N N 379 
VAL CG2 HG23 sing N N 380 
VAL OXT HXT  sing N N 381 
# 
_atom_sites.entry_id                    1B24 
_atom_sites.fract_transf_matrix[1][1]   0.00634371 
_atom_sites.fract_transf_matrix[1][2]   0.00087806 
_atom_sites.fract_transf_matrix[1][3]   0.00963997 
_atom_sites.fract_transf_matrix[2][1]   0.01529351 
_atom_sites.fract_transf_matrix[2][2]   0.01869450 
_atom_sites.fract_transf_matrix[2][3]   -0.01176690 
_atom_sites.fract_transf_matrix[3][1]   -0.00679416 
_atom_sites.fract_transf_matrix[3][2]   0.01325653 
_atom_sites.fract_transf_matrix[3][3]   0.01223074 
_atom_sites.fract_transf_vector[1]      0.338200 
_atom_sites.fract_transf_vector[2]      0.451575 
_atom_sites.fract_transf_vector[3]      0.252948 
# 
loop_
_atom_type.symbol 
C  
N  
O  
SE 
# 
loop_
_atom_site.group_PDB 
_atom_site.id 
_atom_site.type_symbol 
_atom_site.label_atom_id 
_atom_site.label_alt_id 
_atom_site.label_comp_id 
_atom_site.label_asym_id 
_atom_site.label_entity_id 
_atom_site.label_seq_id 
_atom_site.pdbx_PDB_ins_code 
_atom_site.Cartn_x 
_atom_site.Cartn_y 
_atom_site.Cartn_z 
_atom_site.occupancy 
_atom_site.B_iso_or_equiv 
_atom_site.pdbx_formal_charge 
_atom_site.auth_seq_id 
_atom_site.auth_comp_id 
_atom_site.auth_asym_id 
_atom_site.auth_atom_id 
_atom_site.pdbx_PDB_model_num 
ATOM   1    N  N   . VAL A 1 7   ? -2.764  -8.421  12.855  1.00 28.05 ? 7   VAL A N   1 
ATOM   2    C  CA  . VAL A 1 7   ? -2.775  -9.284  11.643  1.00 29.86 ? 7   VAL A CA  1 
ATOM   3    C  C   . VAL A 1 7   ? -3.692  -8.700  10.578  1.00 29.74 ? 7   VAL A C   1 
ATOM   4    O  O   . VAL A 1 7   ? -3.393  -8.753  9.385   1.00 29.83 ? 7   VAL A O   1 
ATOM   5    C  CB  . VAL A 1 7   ? -3.264  -10.708 11.968  1.00 32.98 ? 7   VAL A CB  1 
ATOM   6    C  CG1 . VAL A 1 7   ? -3.464  -11.497 10.672  1.00 32.86 ? 7   VAL A CG1 1 
ATOM   7    C  CG2 . VAL A 1 7   ? -2.261  -11.408 12.871  1.00 36.04 ? 7   VAL A CG2 1 
ATOM   8    N  N   . SER A 1 8   ? -4.823  -8.160  11.010  1.00 30.13 ? 8   SER A N   1 
ATOM   9    C  CA  . SER A 1 8   ? -5.758  -7.546  10.083  1.00 28.12 ? 8   SER A CA  1 
ATOM   10   C  C   . SER A 1 8   ? -5.212  -6.164  9.751   1.00 26.66 ? 8   SER A C   1 
ATOM   11   O  O   . SER A 1 8   ? -5.300  -5.699  8.611   1.00 26.24 ? 8   SER A O   1 
ATOM   12   C  CB  . SER A 1 8   ? -7.136  -7.429  10.724  1.00 26.91 ? 8   SER A CB  1 
ATOM   13   O  OG  . SER A 1 8   ? -8.075  -8.185  9.982   1.00 32.70 ? 8   SER A OG  1 
ATOM   14   N  N   . GLY A 1 9   ? -4.634  -5.525  10.762  1.00 23.48 ? 9   GLY A N   1 
ATOM   15   C  CA  . GLY A 1 9   ? -4.055  -4.207  10.577  1.00 24.42 ? 9   GLY A CA  1 
ATOM   16   C  C   . GLY A 1 9   ? -2.785  -4.288  9.752   1.00 22.00 ? 9   GLY A C   1 
ATOM   17   O  O   . GLY A 1 9   ? -2.594  -3.482  8.834   1.00 23.35 ? 9   GLY A O   1 
ATOM   18   N  N   . ILE A 1 10  ? -1.920  -5.254  10.081  1.00 19.66 ? 10  ILE A N   1 
ATOM   19   C  CA  . ILE A 1 10  ? -0.665  -5.458  9.354   1.00 18.58 ? 10  ILE A CA  1 
ATOM   20   C  C   . ILE A 1 10  ? -0.962  -5.664  7.872   1.00 14.80 ? 10  ILE A C   1 
ATOM   21   O  O   . ILE A 1 10  ? -0.424  -4.975  7.020   1.00 14.75 ? 10  ILE A O   1 
ATOM   22   C  CB  . ILE A 1 10  ? 0.106   -6.710  9.855   1.00 21.11 ? 10  ILE A CB  1 
ATOM   23   C  CG1 . ILE A 1 10  ? 0.451   -6.570  11.338  1.00 22.93 ? 10  ILE A CG1 1 
ATOM   24   C  CG2 . ILE A 1 10  ? 1.386   -6.894  9.046   1.00 17.11 ? 10  ILE A CG2 1 
ATOM   25   C  CD1 . ILE A 1 10  ? 1.196   -5.311  11.668  1.00 23.55 ? 10  ILE A CD1 1 
ATOM   26   N  N   . SER A 1 11  ? -1.838  -6.617  7.584   1.00 16.52 ? 11  SER A N   1 
ATOM   27   C  CA  . SER A 1 11  ? -2.220  -6.931  6.215   1.00 16.12 ? 11  SER A CA  1 
ATOM   28   C  C   . SER A 1 11  ? -2.719  -5.717  5.459   1.00 17.85 ? 11  SER A C   1 
ATOM   29   O  O   . SER A 1 11  ? -2.262  -5.440  4.347   1.00 21.85 ? 11  SER A O   1 
ATOM   30   C  CB  . SER A 1 11  ? -3.301  -8.008  6.205   1.00 14.62 ? 11  SER A CB  1 
ATOM   31   O  OG  . SER A 1 11  ? -2.764  -9.244  6.631   1.00 21.17 ? 11  SER A OG  1 
ATOM   32   N  N   . ALA A 1 12  ? -3.661  -4.992  6.048   1.00 15.70 ? 12  ALA A N   1 
ATOM   33   C  CA  . ALA A 1 12  ? -4.202  -3.818  5.380   1.00 13.76 ? 12  ALA A CA  1 
ATOM   34   C  C   . ALA A 1 12  ? -3.098  -2.792  5.120   1.00 12.39 ? 12  ALA A C   1 
ATOM   35   O  O   . ALA A 1 12  ? -3.094  -2.098  4.087   1.00 7.66  ? 12  ALA A O   1 
ATOM   36   C  CB  . ALA A 1 12  ? -5.325  -3.203  6.227   1.00 15.92 ? 12  ALA A CB  1 
ATOM   37   N  N   . TYR A 1 13  ? -2.166  -2.714  6.067   1.00 8.54  ? 13  TYR A N   1 
ATOM   38   C  CA  . TYR A 1 13  ? -1.056  -1.789  5.978   1.00 11.82 ? 13  TYR A CA  1 
ATOM   39   C  C   . TYR A 1 13  ? -0.162  -2.186  4.801   1.00 12.89 ? 13  TYR A C   1 
ATOM   40   O  O   . TYR A 1 13  ? 0.157   -1.360  3.944   1.00 13.38 ? 13  TYR A O   1 
ATOM   41   C  CB  . TYR A 1 13  ? -0.251  -1.808  7.288   1.00 12.88 ? 13  TYR A CB  1 
ATOM   42   C  CG  . TYR A 1 13  ? 0.969   -0.894  7.269   1.00 15.25 ? 13  TYR A CG  1 
ATOM   43   C  CD1 . TYR A 1 13  ? 0.835   0.483   7.054   1.00 12.12 ? 13  TYR A CD1 1 
ATOM   44   C  CD2 . TYR A 1 13  ? 2.262   -1.420  7.384   1.00 11.53 ? 13  TYR A CD2 1 
ATOM   45   C  CE1 . TYR A 1 13  ? 1.955   1.307   6.941   1.00 16.01 ? 13  TYR A CE1 1 
ATOM   46   C  CE2 . TYR A 1 13  ? 3.385   -0.605  7.272   1.00 12.98 ? 13  TYR A CE2 1 
ATOM   47   C  CZ  . TYR A 1 13  ? 3.228   0.754   7.045   1.00 15.59 ? 13  TYR A CZ  1 
ATOM   48   O  OH  . TYR A 1 13  ? 4.347   1.550   6.897   1.00 17.00 ? 13  TYR A OH  1 
ATOM   49   N  N   . LEU A 1 14  ? 0.225   -3.456  4.759   1.00 11.22 ? 14  LEU A N   1 
ATOM   50   C  CA  . LEU A 1 14  ? 1.085   -3.949  3.692   1.00 13.69 ? 14  LEU A CA  1 
ATOM   51   C  C   . LEU A 1 14  ? 0.412   -3.743  2.334   1.00 10.67 ? 14  LEU A C   1 
ATOM   52   O  O   . LEU A 1 14  ? 1.068   -3.343  1.376   1.00 13.21 ? 14  LEU A O   1 
ATOM   53   C  CB  . LEU A 1 14  ? 1.440   -5.433  3.931   1.00 8.99  ? 14  LEU A CB  1 
ATOM   54   C  CG  . LEU A 1 14  ? 2.274   -5.706  5.194   1.00 3.92  ? 14  LEU A CG  1 
ATOM   55   C  CD1 . LEU A 1 14  ? 2.278   -7.193  5.556   1.00 4.43  ? 14  LEU A CD1 1 
ATOM   56   C  CD2 . LEU A 1 14  ? 3.687   -5.236  4.961   1.00 6.74  ? 14  LEU A CD2 1 
ATOM   57   N  N   . LEU A 1 15  ? -0.895  -3.990  2.255   1.00 11.21 ? 15  LEU A N   1 
ATOM   58   C  CA  . LEU A 1 15  ? -1.624  -3.800  1.000   1.00 12.02 ? 15  LEU A CA  1 
ATOM   59   C  C   . LEU A 1 15  ? -1.621  -2.308  0.598   1.00 14.61 ? 15  LEU A C   1 
ATOM   60   O  O   . LEU A 1 15  ? -1.691  -1.970  -0.589  1.00 12.82 ? 15  LEU A O   1 
ATOM   61   C  CB  . LEU A 1 15  ? -3.067  -4.313  1.141   1.00 12.61 ? 15  LEU A CB  1 
ATOM   62   C  CG  . LEU A 1 15  ? -3.962  -4.200  -0.102  1.00 17.51 ? 15  LEU A CG  1 
ATOM   63   C  CD1 . LEU A 1 15  ? -3.510  -5.234  -1.130  1.00 20.76 ? 15  LEU A CD1 1 
ATOM   64   C  CD2 . LEU A 1 15  ? -5.429  -4.418  0.255   1.00 17.06 ? 15  LEU A CD2 1 
ATOM   65   N  N   . GLY A 1 16  ? -1.547  -1.420  1.592   1.00 12.36 ? 16  GLY A N   1 
ATOM   66   C  CA  . GLY A 1 16  ? -1.515  -0.001  1.300   1.00 9.49  ? 16  GLY A CA  1 
ATOM   67   C  C   . GLY A 1 16  ? -0.164  0.313   0.691   1.00 8.09  ? 16  GLY A C   1 
ATOM   68   O  O   . GLY A 1 16  ? -0.050  1.152   -0.201  1.00 6.75  ? 16  GLY A O   1 
ATOM   69   N  N   . LEU A 1 17  ? 0.863   -0.375  1.178   1.00 7.34  ? 17  LEU A N   1 
ATOM   70   C  CA  . LEU A 1 17  ? 2.234   -0.203  0.691   1.00 9.88  ? 17  LEU A CA  1 
ATOM   71   C  C   . LEU A 1 17  ? 2.378   -0.787  -0.717  1.00 12.07 ? 17  LEU A C   1 
ATOM   72   O  O   . LEU A 1 17  ? 3.081   -0.231  -1.574  1.00 10.39 ? 17  LEU A O   1 
ATOM   73   C  CB  . LEU A 1 17  ? 3.216   -0.913  1.624   1.00 9.71  ? 17  LEU A CB  1 
ATOM   74   C  CG  . LEU A 1 17  ? 3.472   -0.302  3.006   1.00 12.56 ? 17  LEU A CG  1 
ATOM   75   C  CD1 . LEU A 1 17  ? 4.325   -1.263  3.816   1.00 10.21 ? 17  LEU A CD1 1 
ATOM   76   C  CD2 . LEU A 1 17  ? 4.182   1.060   2.864   1.00 10.90 ? 17  LEU A CD2 1 
ATOM   77   N  N   . ILE A 1 18  ? 1.715   -1.916  -0.943  1.00 12.21 ? 18  ILE A N   1 
ATOM   78   C  CA  . ILE A 1 18  ? 1.741   -2.577  -2.247  1.00 13.43 ? 18  ILE A CA  1 
ATOM   79   C  C   . ILE A 1 18  ? 0.998   -1.719  -3.290  1.00 14.06 ? 18  ILE A C   1 
ATOM   80   O  O   . ILE A 1 18  ? 1.428   -1.607  -4.442  1.00 13.63 ? 18  ILE A O   1 
ATOM   81   C  CB  . ILE A 1 18  ? 1.073   -3.974  -2.169  1.00 11.69 ? 18  ILE A CB  1 
ATOM   82   C  CG1 . ILE A 1 18  ? 1.947   -4.916  -1.354  1.00 9.94  ? 18  ILE A CG1 1 
ATOM   83   C  CG2 . ILE A 1 18  ? 0.827   -4.530  -3.564  1.00 10.40 ? 18  ILE A CG2 1 
ATOM   84   C  CD1 . ILE A 1 18  ? 1.274   -6.220  -1.028  1.00 12.65 ? 18  ILE A CD1 1 
ATOM   85   N  N   . ILE A 1 19  ? -0.114  -1.110  -2.884  1.00 14.42 ? 19  ILE A N   1 
ATOM   86   C  CA  . ILE A 1 19  ? -0.883  -0.282  -3.798  1.00 14.65 ? 19  ILE A CA  1 
ATOM   87   C  C   . ILE A 1 19  ? -0.179  1.035   -4.029  1.00 18.46 ? 19  ILE A C   1 
ATOM   88   O  O   . ILE A 1 19  ? -0.103  1.520   -5.160  1.00 23.84 ? 19  ILE A O   1 
ATOM   89   C  CB  . ILE A 1 19  ? -2.281  0.028   -3.261  1.00 15.93 ? 19  ILE A CB  1 
ATOM   90   C  CG1 . ILE A 1 19  ? -3.089  -1.265  -3.120  1.00 17.77 ? 19  ILE A CG1 1 
ATOM   91   C  CG2 . ILE A 1 19  ? -2.980  1.003   -4.196  1.00 15.58 ? 19  ILE A CG2 1 
ATOM   92   C  CD1 . ILE A 1 19  ? -3.743  -1.724  -4.422  1.00 24.10 ? 19  ILE A CD1 1 
ATOM   93   N  N   . GLY A 1 20  ? 0.336   1.621   -2.957  1.00 15.38 ? 20  GLY A N   1 
ATOM   94   C  CA  . GLY A 1 20  ? 1.021   2.884   -3.089  1.00 15.68 ? 20  GLY A CA  1 
ATOM   95   C  C   . GLY A 1 20  ? 2.176   2.815   -4.065  1.00 17.41 ? 20  GLY A C   1 
ATOM   96   O  O   . GLY A 1 20  ? 2.278   3.636   -4.982  1.00 19.80 ? 20  GLY A O   1 
ATOM   97   N  N   . ASP A 1 21  ? 3.051   1.836   -3.865  1.00 18.63 ? 21  ASP A N   1 
ATOM   98   C  CA  . ASP A 1 21  ? 4.231   1.656   -4.716  1.00 21.83 ? 21  ASP A CA  1 
ATOM   99   C  C   . ASP A 1 21  ? 4.746   0.229   -4.633  1.00 19.94 ? 21  ASP A C   1 
ATOM   100  O  O   . ASP A 1 21  ? 5.612   -0.079  -3.810  1.00 14.72 ? 21  ASP A O   1 
ATOM   101  C  CB  . ASP A 1 21  ? 5.355   2.600   -4.284  1.00 26.82 ? 21  ASP A CB  1 
ATOM   102  C  CG  . ASP A 1 21  ? 6.437   2.719   -5.329  1.00 31.66 ? 21  ASP A CG  1 
ATOM   103  O  OD1 . ASP A 1 21  ? 6.299   2.064   -6.385  1.00 30.37 ? 21  ASP A OD1 1 
ATOM   104  O  OD2 . ASP A 1 21  ? 7.420   3.466   -5.095  1.00 36.15 ? 21  ASP A OD2 1 
ATOM   105  N  N   . GLY A 1 22  ? 4.199   -0.627  -5.494  1.00 18.97 ? 22  GLY A N   1 
ATOM   106  C  CA  . GLY A 1 22  ? 4.580   -2.024  -5.537  1.00 16.04 ? 22  GLY A CA  1 
ATOM   107  C  C   . GLY A 1 22  ? 3.584   -2.720  -6.431  1.00 16.53 ? 22  GLY A C   1 
ATOM   108  O  O   . GLY A 1 22  ? 3.135   -2.135  -7.418  1.00 15.32 ? 22  GLY A O   1 
ATOM   109  N  N   . GLY A 1 23  ? 3.226   -3.959  -6.103  1.00 17.45 ? 23  GLY A N   1 
ATOM   110  C  CA  . GLY A 1 23  ? 2.261   -4.653  -6.933  1.00 16.81 ? 23  GLY A CA  1 
ATOM   111  C  C   . GLY A 1 23  ? 2.134   -6.150  -6.772  1.00 14.93 ? 23  GLY A C   1 
ATOM   112  O  O   . GLY A 1 23  ? 2.914   -6.798  -6.071  1.00 10.24 ? 23  GLY A O   1 
ATOM   113  N  N   . LEU A 1 24  ? 1.103   -6.682  -7.419  1.00 16.34 ? 24  LEU A N   1 
ATOM   114  C  CA  . LEU A 1 24  ? 0.824   -8.114  -7.430  1.00 20.90 ? 24  LEU A CA  1 
ATOM   115  C  C   . LEU A 1 24  ? 1.033   -8.550  -8.887  1.00 22.32 ? 24  LEU A C   1 
ATOM   116  O  O   . LEU A 1 24  ? 0.366   -8.027  -9.792  1.00 20.00 ? 24  LEU A O   1 
ATOM   117  C  CB  . LEU A 1 24  ? -0.612  -8.371  -6.978  1.00 16.66 ? 24  LEU A CB  1 
ATOM   118  C  CG  . LEU A 1 24  ? -0.839  -7.841  -5.561  1.00 18.76 ? 24  LEU A CG  1 
ATOM   119  C  CD1 . LEU A 1 24  ? -2.321  -7.724  -5.290  1.00 20.46 ? 24  LEU A CD1 1 
ATOM   120  C  CD2 . LEU A 1 24  ? -0.187  -8.768  -4.559  1.00 15.95 ? 24  LEU A CD2 1 
ATOM   121  N  N   . TYR A 1 25  ? 1.968   -9.481  -9.104  1.00 21.70 ? 25  TYR A N   1 
ATOM   122  C  CA  . TYR A 1 25  ? 2.291   -9.949  -10.452 1.00 24.38 ? 25  TYR A CA  1 
ATOM   123  C  C   . TYR A 1 25  ? 2.317   -11.452 -10.712 1.00 26.83 ? 25  TYR A C   1 
ATOM   124  O  O   . TYR A 1 25  ? 2.764   -12.253 -9.887  1.00 29.18 ? 25  TYR A O   1 
ATOM   125  C  CB  . TYR A 1 25  ? 3.655   -9.406  -10.888 1.00 21.92 ? 25  TYR A CB  1 
ATOM   126  C  CG  . TYR A 1 25  ? 3.814   -7.916  -10.760 1.00 24.34 ? 25  TYR A CG  1 
ATOM   127  C  CD1 . TYR A 1 25  ? 3.258   -7.051  -11.705 1.00 23.52 ? 25  TYR A CD1 1 
ATOM   128  C  CD2 . TYR A 1 25  ? 4.526   -7.365  -9.698  1.00 21.95 ? 25  TYR A CD2 1 
ATOM   129  C  CE1 . TYR A 1 25  ? 3.405   -5.670  -11.596 1.00 21.94 ? 25  TYR A CE1 1 
ATOM   130  C  CE2 . TYR A 1 25  ? 4.679   -5.980  -9.580  1.00 24.65 ? 25  TYR A CE2 1 
ATOM   131  C  CZ  . TYR A 1 25  ? 4.115   -5.140  -10.536 1.00 24.31 ? 25  TYR A CZ  1 
ATOM   132  O  OH  . TYR A 1 25  ? 4.264   -3.777  -10.424 1.00 20.92 ? 25  TYR A OH  1 
ATOM   133  N  N   . LYS A 1 26  ? 1.833   -11.821 -11.887 1.00 27.72 ? 26  LYS A N   1 
ATOM   134  C  CA  . LYS A 1 26  ? 1.872   -13.201 -12.327 1.00 29.73 ? 26  LYS A CA  1 
ATOM   135  C  C   . LYS A 1 26  ? 2.806   -13.040 -13.530 1.00 30.51 ? 26  LYS A C   1 
ATOM   136  O  O   . LYS A 1 26  ? 2.394   -12.538 -14.573 1.00 27.88 ? 26  LYS A O   1 
ATOM   137  C  CB  . LYS A 1 26  ? 0.491   -13.671 -12.757 1.00 27.88 ? 26  LYS A CB  1 
ATOM   138  C  CG  . LYS A 1 26  ? 0.154   -15.053 -12.246 1.00 34.64 ? 26  LYS A CG  1 
ATOM   139  C  CD  . LYS A 1 26  ? -1.138  -15.571 -12.864 1.00 38.50 ? 26  LYS A CD  1 
ATOM   140  C  CE  . LYS A 1 26  ? -0.983  -17.000 -13.375 1.00 39.16 ? 26  LYS A CE  1 
ATOM   141  N  NZ  . LYS A 1 26  ? -2.305  -17.669 -13.604 1.00 41.15 ? 26  LYS A NZ  1 
ATOM   142  N  N   . LEU A 1 27  ? 4.070   -13.427 -13.355 1.00 29.72 ? 27  LEU A N   1 
ATOM   143  C  CA  . LEU A 1 27  ? 5.085   -13.278 -14.401 1.00 30.79 ? 27  LEU A CA  1 
ATOM   144  C  C   . LEU A 1 27  ? 5.502   -14.591 -15.077 1.00 29.84 ? 27  LEU A C   1 
ATOM   145  O  O   . LEU A 1 27  ? 5.497   -15.655 -14.458 1.00 27.25 ? 27  LEU A O   1 
ATOM   146  C  CB  . LEU A 1 27  ? 6.311   -12.561 -13.809 1.00 28.65 ? 27  LEU A CB  1 
ATOM   147  C  CG  . LEU A 1 27  ? 5.978   -11.403 -12.851 1.00 27.19 ? 27  LEU A CG  1 
ATOM   148  C  CD1 . LEU A 1 27  ? 7.021   -11.289 -11.760 1.00 23.72 ? 27  LEU A CD1 1 
ATOM   149  C  CD2 . LEU A 1 27  ? 5.896   -10.106 -13.632 1.00 28.04 ? 27  LEU A CD2 1 
ATOM   150  N  N   . LYS A 1 28  ? 5.870   -14.514 -16.352 1.00 31.41 ? 28  LYS A N   1 
ATOM   151  C  CA  . LYS A 1 28  ? 6.263   -15.720 -17.087 1.00 33.46 ? 28  LYS A CA  1 
ATOM   152  C  C   . LYS A 1 28  ? 7.638   -16.267 -16.731 1.00 33.18 ? 28  LYS A C   1 
ATOM   153  O  O   . LYS A 1 28  ? 8.643   -15.559 -16.795 1.00 33.94 ? 28  LYS A O   1 
ATOM   154  C  CB  . LYS A 1 28  ? 6.207   -15.491 -18.602 1.00 33.28 ? 28  LYS A CB  1 
ATOM   155  C  CG  . LYS A 1 28  ? 6.360   -16.778 -19.404 1.00 30.91 ? 28  LYS A CG  1 
ATOM   156  C  CD  . LYS A 1 28  ? 6.950   -16.522 -20.778 1.00 33.53 ? 28  LYS A CD  1 
ATOM   157  C  CE  . LYS A 1 28  ? 8.097   -17.483 -21.074 1.00 34.07 ? 28  LYS A CE  1 
ATOM   158  N  NZ  . LYS A 1 28  ? 8.045   -18.023 -22.470 1.00 33.92 ? 28  LYS A NZ  1 
ATOM   159  N  N   . TYR A 1 29  ? 7.668   -17.538 -16.355 1.00 31.74 ? 29  TYR A N   1 
ATOM   160  C  CA  . TYR A 1 29  ? 8.913   -18.193 -16.011 1.00 33.49 ? 29  TYR A CA  1 
ATOM   161  C  C   . TYR A 1 29  ? 9.458   -18.837 -17.279 1.00 34.16 ? 29  TYR A C   1 
ATOM   162  O  O   . TYR A 1 29  ? 10.380  -18.312 -17.904 1.00 35.17 ? 29  TYR A O   1 
ATOM   163  C  CB  . TYR A 1 29  ? 8.678   -19.268 -14.957 1.00 34.34 ? 29  TYR A CB  1 
ATOM   164  C  CG  . TYR A 1 29  ? 9.921   -20.063 -14.672 1.00 37.70 ? 29  TYR A CG  1 
ATOM   165  C  CD1 . TYR A 1 29  ? 11.135  -19.418 -14.438 1.00 37.20 ? 29  TYR A CD1 1 
ATOM   166  C  CD2 . TYR A 1 29  ? 9.898   -21.456 -14.650 1.00 39.63 ? 29  TYR A CD2 1 
ATOM   167  C  CE1 . TYR A 1 29  ? 12.298  -20.138 -14.187 1.00 39.30 ? 29  TYR A CE1 1 
ATOM   168  C  CE2 . TYR A 1 29  ? 11.061  -22.190 -14.398 1.00 41.93 ? 29  TYR A CE2 1 
ATOM   169  C  CZ  . TYR A 1 29  ? 12.260  -21.521 -14.166 1.00 39.93 ? 29  TYR A CZ  1 
ATOM   170  O  OH  . TYR A 1 29  ? 13.415  -22.228 -13.899 1.00 41.72 ? 29  TYR A OH  1 
ATOM   171  N  N   . LYS A 1 30  ? 8.869   -19.977 -17.645 1.00 35.27 ? 30  LYS A N   1 
ATOM   172  C  CA  . LYS A 1 30  ? 9.235   -20.734 -18.848 1.00 34.80 ? 30  LYS A CA  1 
ATOM   173  C  C   . LYS A 1 30  ? 7.965   -21.347 -19.447 1.00 36.08 ? 30  LYS A C   1 
ATOM   174  O  O   . LYS A 1 30  ? 7.034   -21.702 -18.720 1.00 36.15 ? 30  LYS A O   1 
ATOM   175  C  CB  . LYS A 1 30  ? 10.219  -21.855 -18.511 1.00 32.96 ? 30  LYS A CB  1 
ATOM   176  C  CG  . LYS A 1 30  ? 11.674  -21.472 -18.627 1.00 30.59 ? 30  LYS A CG  1 
ATOM   177  C  CD  . LYS A 1 30  ? 12.434  -22.014 -17.451 1.00 33.01 ? 30  LYS A CD  1 
ATOM   178  C  CE  . LYS A 1 30  ? 13.840  -22.417 -17.832 1.00 35.02 ? 30  LYS A CE  1 
ATOM   179  N  NZ  . LYS A 1 30  ? 14.495  -23.176 -16.723 1.00 35.54 ? 30  LYS A NZ  1 
ATOM   180  N  N   . GLY A 1 31  ? 7.928   -21.469 -20.769 1.00 36.09 ? 31  GLY A N   1 
ATOM   181  C  CA  . GLY A 1 31  ? 6.760   -22.032 -21.420 1.00 36.57 ? 31  GLY A CA  1 
ATOM   182  C  C   . GLY A 1 31  ? 5.491   -21.373 -20.924 1.00 37.73 ? 31  GLY A C   1 
ATOM   183  O  O   . GLY A 1 31  ? 5.337   -20.161 -21.036 1.00 38.50 ? 31  GLY A O   1 
ATOM   184  N  N   . ASN A 1 32  ? 4.582   -22.168 -20.372 1.00 39.05 ? 32  ASN A N   1 
ATOM   185  C  CA  . ASN A 1 32  ? 3.321   -21.652 -19.859 1.00 40.18 ? 32  ASN A CA  1 
ATOM   186  C  C   . ASN A 1 32  ? 3.341   -21.508 -18.344 1.00 38.55 ? 32  ASN A C   1 
ATOM   187  O  O   . ASN A 1 32  ? 2.308   -21.239 -17.732 1.00 39.49 ? 32  ASN A O   1 
ATOM   188  C  CB  . ASN A 1 32  ? 2.160   -22.568 -20.254 1.00 42.32 ? 32  ASN A CB  1 
ATOM   189  C  CG  . ASN A 1 32  ? 2.126   -22.858 -21.737 1.00 45.02 ? 32  ASN A CG  1 
ATOM   190  O  OD1 . ASN A 1 32  ? 1.280   -22.332 -22.464 1.00 44.61 ? 32  ASN A OD1 1 
ATOM   191  N  ND2 . ASN A 1 32  ? 3.050   -23.703 -22.200 1.00 44.68 ? 32  ASN A ND2 1 
ATOM   192  N  N   . ARG A 1 33  ? 4.504   -21.702 -17.734 1.00 34.56 ? 33  ARG A N   1 
ATOM   193  C  CA  . ARG A 1 33  ? 4.601   -21.555 -16.292 1.00 34.07 ? 33  ARG A CA  1 
ATOM   194  C  C   . ARG A 1 33  ? 4.680   -20.074 -15.965 1.00 35.43 ? 33  ARG A C   1 
ATOM   195  O  O   . ARG A 1 33  ? 5.299   -19.296 -16.701 1.00 35.28 ? 33  ARG A O   1 
ATOM   196  C  CB  . ARG A 1 33  ? 5.841   -22.263 -15.747 1.00 34.13 ? 33  ARG A CB  1 
ATOM   197  C  CG  . ARG A 1 33  ? 5.529   -23.284 -14.661 1.00 31.07 ? 33  ARG A CG  1 
ATOM   198  C  CD  . ARG A 1 33  ? 5.332   -22.654 -13.289 1.00 26.77 ? 33  ARG A CD  1 
ATOM   199  N  NE  . ARG A 1 33  ? 4.613   -23.563 -12.402 1.00 25.86 ? 33  ARG A NE  1 
ATOM   200  C  CZ  . ARG A 1 33  ? 4.750   -23.599 -11.077 1.00 32.04 ? 33  ARG A CZ  1 
ATOM   201  N  NH1 . ARG A 1 33  ? 5.585   -22.772 -10.458 1.00 34.85 ? 33  ARG A NH1 1 
ATOM   202  N  NH2 . ARG A 1 33  ? 4.053   -24.474 -10.362 1.00 30.58 ? 33  ARG A NH2 1 
ATOM   203  N  N   . SER A 1 34  ? 4.030   -19.687 -14.871 1.00 35.95 ? 34  SER A N   1 
ATOM   204  C  CA  . SER A 1 34  ? 4.027   -18.300 -14.428 1.00 37.81 ? 34  SER A CA  1 
ATOM   205  C  C   . SER A 1 34  ? 4.503   -18.232 -12.978 1.00 36.22 ? 34  SER A C   1 
ATOM   206  O  O   . SER A 1 34  ? 4.519   -19.241 -12.273 1.00 33.91 ? 34  SER A O   1 
ATOM   207  C  CB  . SER A 1 34  ? 2.619   -17.689 -14.543 1.00 38.82 ? 34  SER A CB  1 
ATOM   208  O  OG  . SER A 1 34  ? 1.697   -18.580 -15.155 1.00 43.33 ? 34  SER A OG  1 
ATOM   209  N  N   . GLU A 1 35  ? 4.884   -17.032 -12.550 1.00 35.17 ? 35  GLU A N   1 
ATOM   210  C  CA  . GLU A 1 35  ? 5.366   -16.787 -11.198 1.00 32.79 ? 35  GLU A CA  1 
ATOM   211  C  C   . GLU A 1 35  ? 4.473   -15.748 -10.523 1.00 32.28 ? 35  GLU A C   1 
ATOM   212  O  O   . GLU A 1 35  ? 4.223   -14.678 -11.090 1.00 28.97 ? 35  GLU A O   1 
ATOM   213  C  CB  . GLU A 1 35  ? 6.804   -16.271 -11.263 1.00 32.81 ? 35  GLU A CB  1 
ATOM   214  C  CG  . GLU A 1 35  ? 7.484   -16.043 -9.928  1.00 30.12 ? 35  GLU A CG  1 
ATOM   215  C  CD  . GLU A 1 35  ? 8.706   -15.151 -10.066 1.00 31.75 ? 35  GLU A CD  1 
ATOM   216  O  OE1 . GLU A 1 35  ? 9.009   -14.714 -11.195 1.00 30.13 ? 35  GLU A OE1 1 
ATOM   217  O  OE2 . GLU A 1 35  ? 9.372   -14.880 -9.053  1.00 34.92 ? 35  GLU A OE2 1 
ATOM   218  N  N   . TYR A 1 36  ? 3.989   -16.071 -9.322  1.00 31.52 ? 36  TYR A N   1 
ATOM   219  C  CA  . TYR A 1 36  ? 3.133   -15.158 -8.549  1.00 29.25 ? 36  TYR A CA  1 
ATOM   220  C  C   . TYR A 1 36  ? 4.014   -14.323 -7.624  1.00 27.11 ? 36  TYR A C   1 
ATOM   221  O  O   . TYR A 1 36  ? 4.440   -14.803 -6.571  1.00 31.24 ? 36  TYR A O   1 
ATOM   222  C  CB  . TYR A 1 36  ? 2.128   -15.949 -7.709  1.00 28.30 ? 36  TYR A CB  1 
ATOM   223  C  CG  . TYR A 1 36  ? 1.016   -16.571 -8.513  1.00 28.71 ? 36  TYR A CG  1 
ATOM   224  C  CD1 . TYR A 1 36  ? 1.170   -17.825 -9.099  1.00 29.55 ? 36  TYR A CD1 1 
ATOM   225  C  CD2 . TYR A 1 36  ? -0.193  -15.903 -8.696  1.00 31.03 ? 36  TYR A CD2 1 
ATOM   226  C  CE1 . TYR A 1 36  ? 0.147   -18.395 -9.845  1.00 29.59 ? 36  TYR A CE1 1 
ATOM   227  C  CE2 . TYR A 1 36  ? -1.219  -16.462 -9.439  1.00 32.56 ? 36  TYR A CE2 1 
ATOM   228  C  CZ  . TYR A 1 36  ? -1.045  -17.707 -10.010 1.00 31.86 ? 36  TYR A CZ  1 
ATOM   229  O  OH  . TYR A 1 36  ? -2.071  -18.259 -10.742 1.00 36.13 ? 36  TYR A OH  1 
ATOM   230  N  N   . ARG A 1 37  ? 4.280   -13.075 -8.013  1.00 20.67 ? 37  ARG A N   1 
ATOM   231  C  CA  . ARG A 1 37  ? 5.137   -12.191 -7.231  1.00 17.43 ? 37  ARG A CA  1 
ATOM   232  C  C   . ARG A 1 37  ? 4.467   -10.983 -6.545  1.00 18.92 ? 37  ARG A C   1 
ATOM   233  O  O   . ARG A 1 37  ? 3.812   -10.159 -7.195  1.00 19.14 ? 37  ARG A O   1 
ATOM   234  C  CB  . ARG A 1 37  ? 6.269   -11.680 -8.118  1.00 14.39 ? 37  ARG A CB  1 
ATOM   235  C  CG  . ARG A 1 37  ? 7.458   -11.145 -7.349  1.00 16.72 ? 37  ARG A CG  1 
ATOM   236  C  CD  . ARG A 1 37  ? 8.496   -10.551 -8.280  1.00 18.63 ? 37  ARG A CD  1 
ATOM   237  N  NE  . ARG A 1 37  ? 9.297   -11.587 -8.922  1.00 18.07 ? 37  ARG A NE  1 
ATOM   238  C  CZ  . ARG A 1 37  ? 10.076  -11.382 -9.976  1.00 21.85 ? 37  ARG A CZ  1 
ATOM   239  N  NH1 . ARG A 1 37  ? 10.163  -10.172 -10.512 1.00 19.54 ? 37  ARG A NH1 1 
ATOM   240  N  NH2 . ARG A 1 37  ? 10.744  -12.397 -10.515 1.00 22.20 ? 37  ARG A NH2 1 
ATOM   241  N  N   . VAL A 1 38  ? 4.660   -10.883 -5.229  1.00 18.25 ? 38  VAL A N   1 
ATOM   242  C  CA  . VAL A 1 38  ? 4.131   -9.778  -4.422  1.00 13.99 ? 38  VAL A CA  1 
ATOM   243  C  C   . VAL A 1 38  ? 5.326   -8.842  -4.193  1.00 12.43 ? 38  VAL A C   1 
ATOM   244  O  O   . VAL A 1 38  ? 6.346   -9.261  -3.651  1.00 15.11 ? 38  VAL A O   1 
ATOM   245  C  CB  . VAL A 1 38  ? 3.577   -10.293 -3.061  1.00 13.64 ? 38  VAL A CB  1 
ATOM   246  C  CG1 . VAL A 1 38  ? 3.393   -9.123  -2.082  1.00 10.84 ? 38  VAL A CG1 1 
ATOM   247  C  CG2 . VAL A 1 38  ? 2.262   -11.005 -3.280  1.00 8.82  ? 38  VAL A CG2 1 
ATOM   248  N  N   . VAL A 1 39  ? 5.208   -7.586  -4.613  1.00 10.22 ? 39  VAL A N   1 
ATOM   249  C  CA  . VAL A 1 39  ? 6.312   -6.629  -4.490  1.00 8.01  ? 39  VAL A CA  1 
ATOM   250  C  C   . VAL A 1 39  ? 6.032   -5.301  -3.777  1.00 8.08  ? 39  VAL A C   1 
ATOM   251  O  O   . VAL A 1 39  ? 4.963   -4.715  -3.921  1.00 7.05  ? 39  VAL A O   1 
ATOM   252  C  CB  . VAL A 1 39  ? 6.855   -6.255  -5.890  1.00 5.96  ? 39  VAL A CB  1 
ATOM   253  C  CG1 . VAL A 1 39  ? 8.009   -5.298  -5.765  1.00 2.42  ? 39  VAL A CG1 1 
ATOM   254  C  CG2 . VAL A 1 39  ? 7.291   -7.497  -6.623  1.00 10.32 ? 39  VAL A CG2 1 
ATOM   255  N  N   . ILE A 1 40  ? 7.011   -4.831  -3.011  1.00 10.12 ? 40  ILE A N   1 
ATOM   256  C  CA  . ILE A 1 40  ? 6.908   -3.535  -2.350  1.00 10.12 ? 40  ILE A CA  1 
ATOM   257  C  C   . ILE A 1 40  ? 8.246   -2.864  -2.541  1.00 12.03 ? 40  ILE A C   1 
ATOM   258  O  O   . ILE A 1 40  ? 9.284   -3.419  -2.177  1.00 7.61  ? 40  ILE A O   1 
ATOM   259  C  CB  . ILE A 1 40  ? 6.636   -3.614  -0.829  1.00 10.54 ? 40  ILE A CB  1 
ATOM   260  C  CG1 . ILE A 1 40  ? 5.219   -4.131  -0.573  1.00 8.73  ? 40  ILE A CG1 1 
ATOM   261  C  CG2 . ILE A 1 40  ? 6.762   -2.220  -0.216  1.00 7.45  ? 40  ILE A CG2 1 
ATOM   262  C  CD1 . ILE A 1 40  ? 4.942   -4.457  0.867   1.00 4.99  ? 40  ILE A CD1 1 
ATOM   263  N  N   . THR A 1 41  ? 8.204   -1.670  -3.125  1.00 14.42 ? 41  THR A N   1 
ATOM   264  C  CA  . THR A 1 41  ? 9.392   -0.873  -3.389  1.00 19.74 ? 41  THR A CA  1 
ATOM   265  C  C   . THR A 1 41  ? 9.474   0.308   -2.434  1.00 21.49 ? 41  THR A C   1 
ATOM   266  O  O   . THR A 1 41  ? 8.469   0.926   -2.094  1.00 24.52 ? 41  THR A O   1 
ATOM   267  C  CB  . THR A 1 41  ? 9.380   -0.302  -4.822  1.00 21.95 ? 41  THR A CB  1 
ATOM   268  O  OG1 . THR A 1 41  ? 8.995   -1.323  -5.751  1.00 24.22 ? 41  THR A OG1 1 
ATOM   269  C  CG2 . THR A 1 41  ? 10.749  0.227   -5.188  1.00 23.63 ? 41  THR A CG2 1 
ATOM   270  N  N   . GLN A 1 42  ? 10.688  0.617   -2.009  1.00 24.63 ? 42  GLN A N   1 
ATOM   271  C  CA  . GLN A 1 42  ? 10.931  1.735   -1.117  1.00 25.37 ? 42  GLN A CA  1 
ATOM   272  C  C   . GLN A 1 42  ? 12.373  2.184   -1.330  1.00 27.44 ? 42  GLN A C   1 
ATOM   273  O  O   . GLN A 1 42  ? 13.295  1.364   -1.383  1.00 27.36 ? 42  GLN A O   1 
ATOM   274  C  CB  . GLN A 1 42  ? 10.707  1.319   0.341   1.00 26.57 ? 42  GLN A CB  1 
ATOM   275  C  CG  . GLN A 1 42  ? 9.263   1.461   0.822   1.00 32.65 ? 42  GLN A CG  1 
ATOM   276  C  CD  . GLN A 1 42  ? 8.729   2.905   0.765   1.00 33.24 ? 42  GLN A CD  1 
ATOM   277  O  OE1 . GLN A 1 42  ? 7.770   3.201   0.046   1.00 28.52 ? 42  GLN A OE1 1 
ATOM   278  N  NE2 . GLN A 1 42  ? 9.346   3.797   1.532   1.00 34.40 ? 42  GLN A NE2 1 
ATOM   279  N  N   . LYS A 1 43  ? 12.559  3.489   -1.467  1.00 27.82 ? 43  LYS A N   1 
ATOM   280  C  CA  . LYS A 1 43  ? 13.885  4.051   -1.674  1.00 31.50 ? 43  LYS A CA  1 
ATOM   281  C  C   . LYS A 1 43  ? 14.855  3.598   -0.583  1.00 29.00 ? 43  LYS A C   1 
ATOM   282  O  O   . LYS A 1 43  ? 15.933  3.062   -0.859  1.00 29.15 ? 43  LYS A O   1 
ATOM   283  C  CB  . LYS A 1 43  ? 13.803  5.583   -1.679  1.00 34.73 ? 43  LYS A CB  1 
ATOM   284  C  CG  . LYS A 1 43  ? 14.134  6.235   -3.012  1.00 39.52 ? 43  LYS A CG  1 
ATOM   285  C  CD  . LYS A 1 43  ? 14.760  7.610   -2.812  1.00 45.63 ? 43  LYS A CD  1 
ATOM   286  C  CE  . LYS A 1 43  ? 16.272  7.518   -2.614  1.00 49.70 ? 43  LYS A CE  1 
ATOM   287  N  NZ  . LYS A 1 43  ? 16.987  6.966   -3.807  1.00 52.62 ? 43  LYS A NZ  1 
ATOM   288  N  N   . SER A 1 44  ? 14.436  3.809   0.657   1.00 27.18 ? 44  SER A N   1 
ATOM   289  C  CA  . SER A 1 44  ? 15.233  3.490   1.834   1.00 27.80 ? 44  SER A CA  1 
ATOM   290  C  C   . SER A 1 44  ? 15.345  2.006   2.154   1.00 27.17 ? 44  SER A C   1 
ATOM   291  O  O   . SER A 1 44  ? 14.348  1.349   2.456   1.00 26.63 ? 44  SER A O   1 
ATOM   292  C  CB  . SER A 1 44  ? 14.654  4.234   3.042   1.00 27.69 ? 44  SER A CB  1 
ATOM   293  O  OG  . SER A 1 44  ? 15.145  3.691   4.249   1.00 31.00 ? 44  SER A OG  1 
ATOM   294  N  N   . GLU A 1 45  ? 16.570  1.490   2.107   1.00 26.17 ? 45  GLU A N   1 
ATOM   295  C  CA  . GLU A 1 45  ? 16.824  0.086   2.395   1.00 27.47 ? 45  GLU A CA  1 
ATOM   296  C  C   . GLU A 1 45  ? 16.405  -0.310  3.814   1.00 26.34 ? 45  GLU A C   1 
ATOM   297  O  O   . GLU A 1 45  ? 15.886  -1.402  4.030   1.00 24.49 ? 45  GLU A O   1 
ATOM   298  C  CB  . GLU A 1 45  ? 18.303  -0.233  2.204   1.00 27.53 ? 45  GLU A CB  1 
ATOM   299  C  CG  . GLU A 1 45  ? 18.665  -1.661  2.582   1.00 37.07 ? 45  GLU A CG  1 
ATOM   300  C  CD  . GLU A 1 45  ? 20.157  -1.864  2.781   1.00 43.09 ? 45  GLU A CD  1 
ATOM   301  O  OE1 . GLU A 1 45  ? 20.851  -0.878  3.113   1.00 45.60 ? 45  GLU A OE1 1 
ATOM   302  O  OE2 . GLU A 1 45  ? 20.634  -3.010  2.607   1.00 48.65 ? 45  GLU A OE2 1 
ATOM   303  N  N   . ASN A 1 46  ? 16.622  0.579   4.777   1.00 25.69 ? 46  ASN A N   1 
ATOM   304  C  CA  . ASN A 1 46  ? 16.270  0.273   6.159   1.00 26.90 ? 46  ASN A CA  1 
ATOM   305  C  C   . ASN A 1 46  ? 14.778  0.318   6.434   1.00 24.72 ? 46  ASN A C   1 
ATOM   306  O  O   . ASN A 1 46  ? 14.302  -0.308  7.379   1.00 24.52 ? 46  ASN A O   1 
ATOM   307  C  CB  . ASN A 1 46  ? 17.003  1.210   7.114   1.00 28.71 ? 46  ASN A CB  1 
ATOM   308  C  CG  . ASN A 1 46  ? 18.296  0.614   7.615   1.00 31.76 ? 46  ASN A CG  1 
ATOM   309  O  OD1 . ASN A 1 46  ? 19.208  1.334   8.025   1.00 36.45 ? 46  ASN A OD1 1 
ATOM   310  N  ND2 . ASN A 1 46  ? 18.388  -0.713  7.584   1.00 36.52 ? 46  ASN A ND2 1 
ATOM   311  N  N   . LEU A 1 47  ? 14.041  1.065   5.620   1.00 23.49 ? 47  LEU A N   1 
ATOM   312  C  CA  . LEU A 1 47  ? 12.596  1.136   5.786   1.00 21.98 ? 47  LEU A CA  1 
ATOM   313  C  C   . LEU A 1 47  ? 12.087  -0.278  5.529   1.00 21.53 ? 47  LEU A C   1 
ATOM   314  O  O   . LEU A 1 47  ? 11.293  -0.814  6.302   1.00 21.84 ? 47  LEU A O   1 
ATOM   315  C  CB  . LEU A 1 47  ? 11.983  2.110   4.779   1.00 18.01 ? 47  LEU A CB  1 
ATOM   316  C  CG  . LEU A 1 47  ? 10.815  3.013   5.185   1.00 21.37 ? 47  LEU A CG  1 
ATOM   317  C  CD1 . LEU A 1 47  ? 9.677   2.797   4.214   1.00 18.05 ? 47  LEU A CD1 1 
ATOM   318  C  CD2 . LEU A 1 47  ? 10.363  2.737   6.610   1.00 21.50 ? 47  LEU A CD2 1 
ATOM   319  N  N   . ILE A 1 48  ? 12.558  -0.884  4.442   1.00 21.96 ? 48  ILE A N   1 
ATOM   320  C  CA  . ILE A 1 48  ? 12.156  -2.243  4.098   1.00 24.91 ? 48  ILE A CA  1 
ATOM   321  C  C   . ILE A 1 48  ? 12.791  -3.195  5.091   1.00 24.97 ? 48  ILE A C   1 
ATOM   322  O  O   . ILE A 1 48  ? 12.150  -4.117  5.584   1.00 23.41 ? 48  ILE A O   1 
ATOM   323  C  CB  . ILE A 1 48  ? 12.646  -2.677  2.684   1.00 28.83 ? 48  ILE A CB  1 
ATOM   324  C  CG1 . ILE A 1 48  ? 12.306  -1.616  1.634   1.00 30.07 ? 48  ILE A CG1 1 
ATOM   325  C  CG2 . ILE A 1 48  ? 12.000  -4.000  2.304   1.00 30.13 ? 48  ILE A CG2 1 
ATOM   326  C  CD1 . ILE A 1 48  ? 12.899  -1.905  0.276   1.00 29.04 ? 48  ILE A CD1 1 
ATOM   327  N  N   . LYS A 1 49  ? 14.062  -2.945  5.381   1.00 24.90 ? 49  LYS A N   1 
ATOM   328  C  CA  . LYS A 1 49  ? 14.832  -3.777  6.285   1.00 26.28 ? 49  LYS A CA  1 
ATOM   329  C  C   . LYS A 1 49  ? 14.347  -3.804  7.726   1.00 23.48 ? 49  LYS A C   1 
ATOM   330  O  O   . LYS A 1 49  ? 14.107  -4.868  8.290   1.00 23.02 ? 49  LYS A O   1 
ATOM   331  C  CB  . LYS A 1 49  ? 16.297  -3.333  6.259   1.00 31.89 ? 49  LYS A CB  1 
ATOM   332  C  CG  . LYS A 1 49  ? 17.285  -4.436  5.897   1.00 37.40 ? 49  LYS A CG  1 
ATOM   333  C  CD  . LYS A 1 49  ? 18.181  -4.778  7.086   1.00 42.76 ? 49  LYS A CD  1 
ATOM   334  C  CE  . LYS A 1 49  ? 17.527  -5.820  7.995   1.00 42.65 ? 49  LYS A CE  1 
ATOM   335  N  NZ  . LYS A 1 49  ? 18.514  -6.560  8.846   1.00 44.95 ? 49  LYS A NZ  1 
ATOM   336  N  N   . GLN A 1 50  ? 14.204  -2.631  8.326   1.00 25.54 ? 50  GLN A N   1 
ATOM   337  C  CA  . GLN A 1 50  ? 13.798  -2.546  9.724   1.00 25.95 ? 50  GLN A CA  1 
ATOM   338  C  C   . GLN A 1 50  ? 12.323  -2.264  10.002  1.00 24.89 ? 50  GLN A C   1 
ATOM   339  O  O   . GLN A 1 50  ? 11.905  -2.187  11.160  1.00 27.25 ? 50  GLN A O   1 
ATOM   340  C  CB  . GLN A 1 50  ? 14.662  -1.499  10.427  1.00 26.95 ? 50  GLN A CB  1 
ATOM   341  C  CG  . GLN A 1 50  ? 16.085  -1.959  10.669  1.00 28.61 ? 50  GLN A CG  1 
ATOM   342  C  CD  . GLN A 1 50  ? 17.056  -0.809  10.758  1.00 33.27 ? 50  GLN A CD  1 
ATOM   343  O  OE1 . GLN A 1 50  ? 16.731  0.257   11.283  1.00 35.56 ? 50  GLN A OE1 1 
ATOM   344  N  NE2 . GLN A 1 50  ? 18.260  -1.015  10.243  1.00 38.84 ? 50  GLN A NE2 1 
ATOM   345  N  N   . HIS A 1 51  ? 11.525  -2.125  8.953   1.00 20.75 ? 51  HIS A N   1 
ATOM   346  C  CA  . HIS A 1 51  ? 10.117  -1.842  9.144   1.00 15.27 ? 51  HIS A CA  1 
ATOM   347  C  C   . HIS A 1 51  ? 9.205   -2.760  8.327   1.00 11.86 ? 51  HIS A C   1 
ATOM   348  O  O   . HIS A 1 51  ? 8.435   -3.530  8.900   1.00 10.19 ? 51  HIS A O   1 
ATOM   349  C  CB  . HIS A 1 51  ? 9.854   -0.363  8.824   1.00 13.96 ? 51  HIS A CB  1 
ATOM   350  C  CG  . HIS A 1 51  ? 8.405   0.016   8.806   1.00 14.87 ? 51  HIS A CG  1 
ATOM   351  N  ND1 . HIS A 1 51  ? 7.542   -0.275  9.841   1.00 12.89 ? 51  HIS A ND1 1 
ATOM   352  C  CD2 . HIS A 1 51  ? 7.668   0.660   7.870   1.00 11.93 ? 51  HIS A CD2 1 
ATOM   353  C  CE1 . HIS A 1 51  ? 6.337   0.173   9.543   1.00 12.82 ? 51  HIS A CE1 1 
ATOM   354  N  NE2 . HIS A 1 51  ? 6.386   0.744   8.353   1.00 13.95 ? 51  HIS A NE2 1 
ATOM   355  N  N   . ILE A 1 52  ? 9.300   -2.704  7.002   1.00 13.16 ? 52  ILE A N   1 
ATOM   356  C  CA  . ILE A 1 52  ? 8.428   -3.524  6.141   1.00 12.20 ? 52  ILE A CA  1 
ATOM   357  C  C   . ILE A 1 52  ? 8.698   -5.041  6.126   1.00 14.21 ? 52  ILE A C   1 
ATOM   358  O  O   . ILE A 1 52  ? 7.751   -5.840  6.160   1.00 14.95 ? 52  ILE A O   1 
ATOM   359  C  CB  . ILE A 1 52  ? 8.419   -2.987  4.681   1.00 8.48  ? 52  ILE A CB  1 
ATOM   360  C  CG1 . ILE A 1 52  ? 8.000   -1.506  4.664   1.00 6.67  ? 52  ILE A CG1 1 
ATOM   361  C  CG2 . ILE A 1 52  ? 7.395   -3.763  3.844   1.00 12.65 ? 52  ILE A CG2 1 
ATOM   362  C  CD1 . ILE A 1 52  ? 8.592   -0.677  3.547   1.00 4.66  ? 52  ILE A CD1 1 
ATOM   363  N  N   . ALA A 1 53  ? 9.964   -5.452  6.094   1.00 13.82 ? 53  ALA A N   1 
ATOM   364  C  CA  . ALA A 1 53  ? 10.268  -6.883  6.064   1.00 18.84 ? 53  ALA A CA  1 
ATOM   365  C  C   . ALA A 1 53  ? 9.701   -7.592  7.287   1.00 20.24 ? 53  ALA A C   1 
ATOM   366  O  O   . ALA A 1 53  ? 9.019   -8.608  7.163   1.00 25.39 ? 53  ALA A O   1 
ATOM   367  C  CB  . ALA A 1 53  ? 11.782  -7.123  5.962   1.00 17.36 ? 53  ALA A CB  1 
ATOM   368  N  N   . PRO A 1 54  ? 10.000  -7.085  8.495   1.00 21.95 ? 54  PRO A N   1 
ATOM   369  C  CA  . PRO A 1 54  ? 9.464   -7.740  9.695   1.00 22.22 ? 54  PRO A CA  1 
ATOM   370  C  C   . PRO A 1 54  ? 7.947   -7.948  9.626   1.00 20.11 ? 54  PRO A C   1 
ATOM   371  O  O   . PRO A 1 54  ? 7.436   -9.012  9.969   1.00 22.76 ? 54  PRO A O   1 
ATOM   372  C  CB  . PRO A 1 54  ? 9.870   -6.798  10.830  1.00 20.42 ? 54  PRO A CB  1 
ATOM   373  C  CG  . PRO A 1 54  ? 11.096  -6.120  10.319  1.00 23.43 ? 54  PRO A CG  1 
ATOM   374  C  CD  . PRO A 1 54  ? 10.879  -5.952  8.834   1.00 23.59 ? 54  PRO A CD  1 
ATOM   375  N  N   . LEU A 1 55  ? 7.234   -6.927  9.174   1.00 17.75 ? 55  LEU A N   1 
ATOM   376  C  CA  . LEU A 1 55  ? 5.791   -7.017  9.072   1.00 17.45 ? 55  LEU A CA  1 
ATOM   377  C  C   . LEU A 1 55  ? 5.384   -8.116  8.075   1.00 16.89 ? 55  LEU A C   1 
ATOM   378  O  O   . LEU A 1 55  ? 4.504   -8.931  8.361   1.00 12.09 ? 55  LEU A O   1 
ATOM   379  C  CB  . LEU A 1 55  ? 5.220   -5.653  8.667   1.00 16.32 ? 55  LEU A CB  1 
ATOM   380  C  CG  . LEU A 1 55  ? 5.310   -4.534  9.717   1.00 17.06 ? 55  LEU A CG  1 
ATOM   381  C  CD1 . LEU A 1 55  ? 4.532   -3.313  9.250   1.00 8.54  ? 55  LEU A CD1 1 
ATOM   382  C  CD2 . LEU A 1 55  ? 4.758   -5.025  11.053  1.00 16.60 ? 55  LEU A CD2 1 
HETATM 383  N  N   . MSE A 1 56  ? 6.031   -8.150  6.913   1.00 16.06 ? 56  MSE A N   1 
HETATM 384  C  CA  . MSE A 1 56  ? 5.711   -9.174  5.922   1.00 15.56 ? 56  MSE A CA  1 
HETATM 385  C  C   . MSE A 1 56  ? 6.048   -10.569 6.451   1.00 15.30 ? 56  MSE A C   1 
HETATM 386  O  O   . MSE A 1 56  ? 5.258   -11.491 6.316   1.00 14.38 ? 56  MSE A O   1 
HETATM 387  C  CB  . MSE A 1 56  ? 6.463   -8.913  4.615   1.00 13.32 ? 56  MSE A CB  1 
HETATM 388  C  CG  . MSE A 1 56  ? 6.124   -9.903  3.498   1.00 11.56 ? 56  MSE A CG  1 
HETATM 389  SE SE  . MSE A 1 56  ? 4.391   -9.862  2.968   1.00 8.18  ? 56  MSE A SE  1 
HETATM 390  C  CE  . MSE A 1 56  ? 4.406   -8.405  1.929   1.00 6.33  ? 56  MSE A CE  1 
ATOM   391  N  N   . GLN A 1 57  ? 7.219   -10.717 7.063   1.00 18.71 ? 57  GLN A N   1 
ATOM   392  C  CA  . GLN A 1 57  ? 7.639   -12.002 7.622   1.00 17.44 ? 57  GLN A CA  1 
ATOM   393  C  C   . GLN A 1 57  ? 6.576   -12.540 8.576   1.00 19.83 ? 57  GLN A C   1 
ATOM   394  O  O   . GLN A 1 57  ? 6.198   -13.712 8.521   1.00 18.76 ? 57  GLN A O   1 
ATOM   395  C  CB  . GLN A 1 57  ? 8.964   -11.827 8.367   1.00 21.53 ? 57  GLN A CB  1 
ATOM   396  C  CG  . GLN A 1 57  ? 9.744   -13.123 8.624   1.00 21.12 ? 57  GLN A CG  1 
ATOM   397  C  CD  . GLN A 1 57  ? 10.018  -13.919 7.351   1.00 20.85 ? 57  GLN A CD  1 
ATOM   398  O  OE1 . GLN A 1 57  ? 10.950  -13.622 6.609   1.00 18.56 ? 57  GLN A OE1 1 
ATOM   399  N  NE2 . GLN A 1 57  ? 9.205   -14.940 7.103   1.00 21.87 ? 57  GLN A NE2 1 
ATOM   400  N  N   . PHE A 1 58  ? 6.090   -11.682 9.466   1.00 23.20 ? 58  PHE A N   1 
ATOM   401  C  CA  . PHE A 1 58  ? 5.073   -12.107 10.412  1.00 23.69 ? 58  PHE A CA  1 
ATOM   402  C  C   . PHE A 1 58  ? 3.854   -12.647 9.669   1.00 24.75 ? 58  PHE A C   1 
ATOM   403  O  O   . PHE A 1 58  ? 3.416   -13.769 9.921   1.00 29.90 ? 58  PHE A O   1 
ATOM   404  C  CB  . PHE A 1 58  ? 4.654   -10.945 11.307  1.00 23.73 ? 58  PHE A CB  1 
ATOM   405  C  CG  . PHE A 1 58  ? 3.390   -11.210 12.078  1.00 29.06 ? 58  PHE A CG  1 
ATOM   406  C  CD1 . PHE A 1 58  ? 3.410   -12.008 13.221  1.00 27.67 ? 58  PHE A CD1 1 
ATOM   407  C  CD2 . PHE A 1 58  ? 2.177   -10.684 11.654  1.00 29.98 ? 58  PHE A CD2 1 
ATOM   408  C  CE1 . PHE A 1 58  ? 2.246   -12.278 13.928  1.00 28.43 ? 58  PHE A CE1 1 
ATOM   409  C  CE2 . PHE A 1 58  ? 1.007   -10.950 12.357  1.00 31.55 ? 58  PHE A CE2 1 
ATOM   410  C  CZ  . PHE A 1 58  ? 1.046   -11.752 13.501  1.00 29.44 ? 58  PHE A CZ  1 
ATOM   411  N  N   . LEU A 1 59  ? 3.308   -11.851 8.752   1.00 24.13 ? 59  LEU A N   1 
ATOM   412  C  CA  . LEU A 1 59  ? 2.142   -12.277 7.982   1.00 21.32 ? 59  LEU A CA  1 
ATOM   413  C  C   . LEU A 1 59  ? 2.442   -13.586 7.262   1.00 23.87 ? 59  LEU A C   1 
ATOM   414  O  O   . LEU A 1 59  ? 1.692   -14.551 7.386   1.00 24.51 ? 59  LEU A O   1 
ATOM   415  C  CB  . LEU A 1 59  ? 1.745   -11.208 6.956   1.00 18.85 ? 59  LEU A CB  1 
ATOM   416  C  CG  . LEU A 1 59  ? 0.483   -11.481 6.121   1.00 17.37 ? 59  LEU A CG  1 
ATOM   417  C  CD1 . LEU A 1 59  ? -0.717  -11.721 7.030   1.00 13.09 ? 59  LEU A CD1 1 
ATOM   418  C  CD2 . LEU A 1 59  ? 0.220   -10.312 5.200   1.00 15.81 ? 59  LEU A CD2 1 
ATOM   419  N  N   . ILE A 1 60  ? 3.540   -13.601 6.506   1.00 24.83 ? 60  ILE A N   1 
ATOM   420  C  CA  . ILE A 1 60  ? 3.994   -14.781 5.763   1.00 22.73 ? 60  ILE A CA  1 
ATOM   421  C  C   . ILE A 1 60  ? 3.920   -16.015 6.656   1.00 24.19 ? 60  ILE A C   1 
ATOM   422  O  O   . ILE A 1 60  ? 3.386   -17.051 6.265   1.00 21.40 ? 60  ILE A O   1 
ATOM   423  C  CB  . ILE A 1 60  ? 5.465   -14.632 5.342   1.00 19.20 ? 60  ILE A CB  1 
ATOM   424  C  CG1 . ILE A 1 60  ? 5.577   -14.018 3.951   1.00 20.94 ? 60  ILE A CG1 1 
ATOM   425  C  CG2 . ILE A 1 60  ? 6.142   -15.983 5.360   1.00 23.67 ? 60  ILE A CG2 1 
ATOM   426  C  CD1 . ILE A 1 60  ? 7.009   -13.926 3.470   1.00 12.38 ? 60  ILE A CD1 1 
ATOM   427  N  N   . ASP A 1 61  ? 4.482   -15.880 7.858   1.00 28.08 ? 61  ASP A N   1 
ATOM   428  C  CA  . ASP A 1 61  ? 4.529   -16.955 8.839   1.00 28.54 ? 61  ASP A CA  1 
ATOM   429  C  C   . ASP A 1 61  ? 3.164   -17.264 9.450   1.00 27.53 ? 61  ASP A C   1 
ATOM   430  O  O   . ASP A 1 61  ? 2.867   -18.402 9.791   1.00 24.96 ? 61  ASP A O   1 
ATOM   431  C  CB  . ASP A 1 61  ? 5.539   -16.595 9.922   1.00 31.80 ? 61  ASP A CB  1 
ATOM   432  C  CG  . ASP A 1 61  ? 6.981   -16.786 9.457   1.00 34.37 ? 61  ASP A CG  1 
ATOM   433  O  OD1 . ASP A 1 61  ? 7.198   -17.371 8.368   1.00 37.32 ? 61  ASP A OD1 1 
ATOM   434  O  OD2 . ASP A 1 61  ? 7.896   -16.351 10.180  1.00 34.51 ? 61  ASP A OD2 1 
ATOM   435  N  N   . GLU A 1 62  ? 2.333   -16.242 9.578   1.00 28.90 ? 62  GLU A N   1 
ATOM   436  C  CA  . GLU A 1 62  ? 0.991   -16.419 10.115  1.00 30.13 ? 62  GLU A CA  1 
ATOM   437  C  C   . GLU A 1 62  ? 0.162   -17.262 9.127   1.00 28.43 ? 62  GLU A C   1 
ATOM   438  O  O   . GLU A 1 62  ? -0.583  -18.149 9.540   1.00 29.31 ? 62  GLU A O   1 
ATOM   439  C  CB  . GLU A 1 62  ? 0.343   -15.038 10.323  1.00 32.49 ? 62  GLU A CB  1 
ATOM   440  C  CG  . GLU A 1 62  ? -0.849  -14.983 11.287  1.00 36.59 ? 62  GLU A CG  1 
ATOM   441  C  CD  . GLU A 1 62  ? -0.539  -15.509 12.684  1.00 37.99 ? 62  GLU A CD  1 
ATOM   442  O  OE1 . GLU A 1 62  ? 0.628   -15.430 13.133  1.00 35.84 ? 62  GLU A OE1 1 
ATOM   443  O  OE2 . GLU A 1 62  ? -1.482  -16.001 13.338  1.00 40.48 ? 62  GLU A OE2 1 
ATOM   444  N  N   . LEU A 1 63  ? 0.317   -16.986 7.829   1.00 27.06 ? 63  LEU A N   1 
ATOM   445  C  CA  . LEU A 1 63  ? -0.409  -17.676 6.750   1.00 25.48 ? 63  LEU A CA  1 
ATOM   446  C  C   . LEU A 1 63  ? 0.233   -18.964 6.236   1.00 25.43 ? 63  LEU A C   1 
ATOM   447  O  O   . LEU A 1 63  ? -0.291  -19.614 5.326   1.00 23.80 ? 63  LEU A O   1 
ATOM   448  C  CB  . LEU A 1 63  ? -0.598  -16.726 5.565   1.00 21.97 ? 63  LEU A CB  1 
ATOM   449  C  CG  . LEU A 1 63  ? -0.966  -15.298 5.953   1.00 22.09 ? 63  LEU A CG  1 
ATOM   450  C  CD1 . LEU A 1 63  ? -0.676  -14.381 4.792   1.00 21.58 ? 63  LEU A CD1 1 
ATOM   451  C  CD2 . LEU A 1 63  ? -2.437  -15.229 6.365   1.00 19.27 ? 63  LEU A CD2 1 
ATOM   452  N  N   . ASN A 1 64  ? 1.372   -19.320 6.806   1.00 28.23 ? 64  ASN A N   1 
ATOM   453  C  CA  . ASN A 1 64  ? 2.085   -20.526 6.415   1.00 36.70 ? 64  ASN A CA  1 
ATOM   454  C  C   . ASN A 1 64  ? 2.523   -20.556 4.953   1.00 37.36 ? 64  ASN A C   1 
ATOM   455  O  O   . ASN A 1 64  ? 2.337   -21.554 4.252   1.00 35.82 ? 64  ASN A O   1 
ATOM   456  C  CB  . ASN A 1 64  ? 1.240   -21.764 6.723   1.00 41.29 ? 64  ASN A CB  1 
ATOM   457  C  CG  . ASN A 1 64  ? 1.943   -22.726 7.671   1.00 45.83 ? 64  ASN A CG  1 
ATOM   458  O  OD1 . ASN A 1 64  ? 2.999   -23.272 7.350   1.00 48.80 ? 64  ASN A OD1 1 
ATOM   459  N  ND2 . ASN A 1 64  ? 1.360   -22.932 8.850   1.00 47.70 ? 64  ASN A ND2 1 
ATOM   460  N  N   . VAL A 1 65  ? 3.097   -19.446 4.498   1.00 39.46 ? 65  VAL A N   1 
ATOM   461  C  CA  . VAL A 1 65  ? 3.619   -19.339 3.141   1.00 38.25 ? 65  VAL A CA  1 
ATOM   462  C  C   . VAL A 1 65  ? 5.069   -19.754 3.356   1.00 37.84 ? 65  VAL A C   1 
ATOM   463  O  O   . VAL A 1 65  ? 5.765   -19.164 4.176   1.00 36.29 ? 65  VAL A O   1 
ATOM   464  C  CB  . VAL A 1 65  ? 3.577   -17.877 2.614   1.00 40.11 ? 65  VAL A CB  1 
ATOM   465  C  CG1 . VAL A 1 65  ? 4.201   -17.811 1.236   1.00 42.09 ? 65  VAL A CG1 1 
ATOM   466  C  CG2 . VAL A 1 65  ? 2.142   -17.365 2.559   1.00 35.34 ? 65  VAL A CG2 1 
ATOM   467  N  N   . LYS A 1 66  ? 5.513   -20.787 2.650   1.00 40.62 ? 66  LYS A N   1 
ATOM   468  C  CA  . LYS A 1 66  ? 6.880   -21.279 2.805   1.00 38.89 ? 66  LYS A CA  1 
ATOM   469  C  C   . LYS A 1 66  ? 7.870   -20.422 2.027   1.00 35.93 ? 66  LYS A C   1 
ATOM   470  O  O   . LYS A 1 66  ? 9.085   -20.586 2.149   1.00 36.12 ? 66  LYS A O   1 
ATOM   471  C  CB  . LYS A 1 66  ? 6.966   -22.744 2.351   1.00 41.39 ? 66  LYS A CB  1 
ATOM   472  C  CG  . LYS A 1 66  ? 6.399   -23.746 3.359   1.00 41.76 ? 66  LYS A CG  1 
ATOM   473  C  CD  . LYS A 1 66  ? 4.927   -24.070 3.078   1.00 43.11 ? 66  LYS A CD  1 
ATOM   474  C  CE  . LYS A 1 66  ? 4.540   -25.453 3.612   1.00 46.12 ? 66  LYS A CE  1 
ATOM   475  N  NZ  . LYS A 1 66  ? 4.665   -25.583 5.105   1.00 45.71 ? 66  LYS A NZ  1 
ATOM   476  N  N   . SER A 1 67  ? 7.339   -19.504 1.231   1.00 33.06 ? 67  SER A N   1 
ATOM   477  C  CA  . SER A 1 67  ? 8.165   -18.609 0.439   1.00 31.49 ? 67  SER A CA  1 
ATOM   478  C  C   . SER A 1 67  ? 9.049   -17.751 1.339   1.00 30.43 ? 67  SER A C   1 
ATOM   479  O  O   . SER A 1 67  ? 8.645   -17.366 2.438   1.00 32.23 ? 67  SER A O   1 
ATOM   480  C  CB  . SER A 1 67  ? 7.278   -17.701 -0.419  1.00 32.50 ? 67  SER A CB  1 
ATOM   481  O  OG  . SER A 1 67  ? 7.581   -17.844 -1.795  1.00 32.08 ? 67  SER A OG  1 
ATOM   482  N  N   . LYS A 1 68  ? 10.258  -17.463 0.877   1.00 27.89 ? 68  LYS A N   1 
ATOM   483  C  CA  . LYS A 1 68  ? 11.180  -16.626 1.634   1.00 27.48 ? 68  LYS A CA  1 
ATOM   484  C  C   . LYS A 1 68  ? 11.052  -15.219 1.072   1.00 26.58 ? 68  LYS A C   1 
ATOM   485  O  O   . LYS A 1 68  ? 10.519  -15.037 -0.021  1.00 27.00 ? 68  LYS A O   1 
ATOM   486  C  CB  . LYS A 1 68  ? 12.625  -17.110 1.452   1.00 27.94 ? 68  LYS A CB  1 
ATOM   487  C  CG  . LYS A 1 68  ? 13.093  -18.115 2.499   1.00 32.16 ? 68  LYS A CG  1 
ATOM   488  C  CD  . LYS A 1 68  ? 12.036  -19.187 2.757   1.00 36.45 ? 68  LYS A CD  1 
ATOM   489  C  CE  . LYS A 1 68  ? 12.347  -20.013 3.999   1.00 38.32 ? 68  LYS A CE  1 
ATOM   490  N  NZ  . LYS A 1 68  ? 11.115  -20.679 4.530   1.00 40.06 ? 68  LYS A NZ  1 
ATOM   491  N  N   . ILE A 1 69  ? 11.524  -14.226 1.819   1.00 24.72 ? 69  ILE A N   1 
ATOM   492  C  CA  . ILE A 1 69  ? 11.488  -12.848 1.347   1.00 17.66 ? 69  ILE A CA  1 
ATOM   493  C  C   . ILE A 1 69  ? 12.847  -12.578 0.706   1.00 16.79 ? 69  ILE A C   1 
ATOM   494  O  O   . ILE A 1 69  ? 13.887  -13.021 1.209   1.00 16.54 ? 69  ILE A O   1 
ATOM   495  C  CB  . ILE A 1 69  ? 11.248  -11.846 2.510   1.00 17.25 ? 69  ILE A CB  1 
ATOM   496  C  CG1 . ILE A 1 69  ? 9.788   -11.920 2.958   1.00 14.87 ? 69  ILE A CG1 1 
ATOM   497  C  CG2 . ILE A 1 69  ? 11.581  -10.414 2.075   1.00 11.52 ? 69  ILE A CG2 1 
ATOM   498  C  CD1 . ILE A 1 69  ? 9.501   -11.147 4.219   1.00 11.85 ? 69  ILE A CD1 1 
ATOM   499  N  N   . GLN A 1 70  ? 12.833  -11.883 -0.421  1.00 13.43 ? 70  GLN A N   1 
ATOM   500  C  CA  . GLN A 1 70  ? 14.065  -11.549 -1.109  1.00 14.30 ? 70  GLN A CA  1 
ATOM   501  C  C   . GLN A 1 70  ? 14.039  -10.047 -1.284  1.00 13.21 ? 70  GLN A C   1 
ATOM   502  O  O   . GLN A 1 70  ? 13.005  -9.495  -1.628  1.00 16.12 ? 70  GLN A O   1 
ATOM   503  C  CB  . GLN A 1 70  ? 14.121  -12.241 -2.485  1.00 15.07 ? 70  GLN A CB  1 
ATOM   504  C  CG  . GLN A 1 70  ? 15.035  -11.559 -3.491  1.00 17.13 ? 70  GLN A CG  1 
ATOM   505  C  CD  . GLN A 1 70  ? 15.248  -12.363 -4.777  1.00 20.67 ? 70  GLN A CD  1 
ATOM   506  O  OE1 . GLN A 1 70  ? 14.320  -12.975 -5.321  1.00 18.33 ? 70  GLN A OE1 1 
ATOM   507  N  NE2 . GLN A 1 70  ? 16.480  -12.354 -5.268  1.00 13.96 ? 70  GLN A NE2 1 
ATOM   508  N  N   . ILE A 1 71  ? 15.164  -9.390  -1.021  1.00 13.75 ? 71  ILE A N   1 
ATOM   509  C  CA  . ILE A 1 71  ? 15.274  -7.943  -1.191  1.00 16.56 ? 71  ILE A CA  1 
ATOM   510  C  C   . ILE A 1 71  ? 16.272  -7.671  -2.316  1.00 17.28 ? 71  ILE A C   1 
ATOM   511  O  O   . ILE A 1 71  ? 17.459  -7.972  -2.208  1.00 21.41 ? 71  ILE A O   1 
ATOM   512  C  CB  . ILE A 1 71  ? 15.761  -7.228  0.115   1.00 17.21 ? 71  ILE A CB  1 
ATOM   513  C  CG1 . ILE A 1 71  ? 14.738  -7.414  1.244   1.00 17.23 ? 71  ILE A CG1 1 
ATOM   514  C  CG2 . ILE A 1 71  ? 15.936  -5.734  -0.144  1.00 14.19 ? 71  ILE A CG2 1 
ATOM   515  C  CD1 . ILE A 1 71  ? 13.285  -7.039  0.856   1.00 17.20 ? 71  ILE A CD1 1 
ATOM   516  N  N   . VAL A 1 72  ? 15.778  -7.114  -3.408  1.00 19.56 ? 72  VAL A N   1 
ATOM   517  C  CA  . VAL A 1 72  ? 16.622  -6.814  -4.551  1.00 20.28 ? 72  VAL A CA  1 
ATOM   518  C  C   . VAL A 1 72  ? 16.881  -5.325  -4.607  1.00 22.88 ? 72  VAL A C   1 
ATOM   519  O  O   . VAL A 1 72  ? 15.968  -4.531  -4.438  1.00 25.75 ? 72  VAL A O   1 
ATOM   520  C  CB  . VAL A 1 72  ? 15.942  -7.242  -5.867  1.00 19.58 ? 72  VAL A CB  1 
ATOM   521  C  CG1 . VAL A 1 72  ? 16.916  -7.105  -7.019  1.00 18.43 ? 72  VAL A CG1 1 
ATOM   522  C  CG2 . VAL A 1 72  ? 15.456  -8.674  -5.750  1.00 19.72 ? 72  VAL A CG2 1 
ATOM   523  N  N   . LYS A 1 73  ? 18.131  -4.949  -4.834  1.00 25.37 ? 73  LYS A N   1 
ATOM   524  C  CA  . LYS A 1 73  ? 18.496  -3.547  -4.930  1.00 25.86 ? 73  LYS A CA  1 
ATOM   525  C  C   . LYS A 1 73  ? 18.620  -3.156  -6.397  1.00 26.52 ? 73  LYS A C   1 
ATOM   526  O  O   . LYS A 1 73  ? 19.485  -3.662  -7.101  1.00 27.40 ? 73  LYS A O   1 
ATOM   527  C  CB  . LYS A 1 73  ? 19.826  -3.302  -4.194  1.00 31.56 ? 73  LYS A CB  1 
ATOM   528  C  CG  . LYS A 1 73  ? 20.872  -2.479  -4.958  1.00 35.61 ? 73  LYS A CG  1 
ATOM   529  C  CD  . LYS A 1 73  ? 21.333  -1.264  -4.164  1.00 38.52 ? 73  LYS A CD  1 
ATOM   530  C  CE  . LYS A 1 73  ? 20.371  -0.088  -4.329  1.00 44.74 ? 73  LYS A CE  1 
ATOM   531  N  NZ  . LYS A 1 73  ? 21.051  1.237   -4.191  1.00 47.11 ? 73  LYS A NZ  1 
ATOM   532  N  N   . GLY A 1 74  ? 17.732  -2.287  -6.867  1.00 28.67 ? 74  GLY A N   1 
ATOM   533  C  CA  . GLY A 1 74  ? 17.809  -1.824  -8.238  1.00 33.90 ? 74  GLY A CA  1 
ATOM   534  C  C   . GLY A 1 74  ? 18.633  -0.568  -8.095  1.00 39.73 ? 74  GLY A C   1 
ATOM   535  O  O   . GLY A 1 74  ? 19.156  -0.325  -7.009  1.00 43.59 ? 74  GLY A O   1 
ATOM   536  N  N   . ASP A 1 75  ? 18.796  0.238   -9.134  1.00 42.83 ? 75  ASP A N   1 
ATOM   537  C  CA  . ASP A 1 75  ? 19.578  1.445   -8.911  1.00 45.60 ? 75  ASP A CA  1 
ATOM   538  C  C   . ASP A 1 75  ? 18.639  2.478   -8.313  1.00 47.50 ? 75  ASP A C   1 
ATOM   539  O  O   . ASP A 1 75  ? 17.557  2.724   -8.846  1.00 49.36 ? 75  ASP A O   1 
ATOM   540  C  CB  . ASP A 1 75  ? 20.235  1.974   -10.201 1.00 49.70 ? 75  ASP A CB  1 
ATOM   541  C  CG  . ASP A 1 75  ? 19.323  1.916   -11.411 1.00 51.26 ? 75  ASP A CG  1 
ATOM   542  O  OD1 . ASP A 1 75  ? 18.247  1.288   -11.331 1.00 57.72 ? 75  ASP A OD1 1 
ATOM   543  O  OD2 . ASP A 1 75  ? 19.697  2.504   -12.453 1.00 47.28 ? 75  ASP A OD2 1 
ATOM   544  N  N   . THR A 1 76  ? 19.052  3.044   -7.182  1.00 46.64 ? 76  THR A N   1 
ATOM   545  C  CA  . THR A 1 76  ? 18.293  4.054   -6.444  1.00 45.93 ? 76  THR A CA  1 
ATOM   546  C  C   . THR A 1 76  ? 17.230  3.516   -5.477  1.00 45.12 ? 76  THR A C   1 
ATOM   547  O  O   . THR A 1 76  ? 17.055  4.066   -4.383  1.00 47.27 ? 76  THR A O   1 
ATOM   548  C  CB  . THR A 1 76  ? 17.595  5.078   -7.383  1.00 44.64 ? 76  THR A CB  1 
ATOM   549  O  OG1 . THR A 1 76  ? 16.381  4.515   -7.891  1.00 43.90 ? 76  THR A OG1 1 
ATOM   550  C  CG2 . THR A 1 76  ? 18.509  5.479   -8.528  1.00 45.84 ? 76  THR A CG2 1 
ATOM   551  N  N   . ARG A 1 77  ? 16.523  2.458   -5.860  1.00 41.01 ? 77  ARG A N   1 
ATOM   552  C  CA  . ARG A 1 77  ? 15.482  1.910   -4.991  1.00 38.57 ? 77  ARG A CA  1 
ATOM   553  C  C   . ARG A 1 77  ? 15.672  0.434   -4.657  1.00 35.12 ? 77  ARG A C   1 
ATOM   554  O  O   . ARG A 1 77  ? 16.491  -0.257  -5.268  1.00 34.44 ? 77  ARG A O   1 
ATOM   555  C  CB  . ARG A 1 77  ? 14.103  2.102   -5.637  1.00 41.68 ? 77  ARG A CB  1 
ATOM   556  C  CG  . ARG A 1 77  ? 13.385  3.372   -5.215  1.00 43.90 ? 77  ARG A CG  1 
ATOM   557  C  CD  . ARG A 1 77  ? 13.176  4.320   -6.388  1.00 50.45 ? 77  ARG A CD  1 
ATOM   558  N  NE  . ARG A 1 77  ? 12.086  5.261   -6.142  1.00 54.54 ? 77  ARG A NE  1 
ATOM   559  C  CZ  . ARG A 1 77  ? 12.254  6.549   -5.855  1.00 57.46 ? 77  ARG A CZ  1 
ATOM   560  N  NH1 . ARG A 1 77  ? 13.475  7.066   -5.779  1.00 58.88 ? 77  ARG A NH1 1 
ATOM   561  N  NH2 . ARG A 1 77  ? 11.198  7.322   -5.647  1.00 59.39 ? 77  ARG A NH2 1 
ATOM   562  N  N   . TYR A 1 78  ? 14.903  -0.043  -3.680  1.00 29.86 ? 78  TYR A N   1 
ATOM   563  C  CA  . TYR A 1 78  ? 14.956  -1.439  -3.263  1.00 23.53 ? 78  TYR A CA  1 
ATOM   564  C  C   . TYR A 1 78  ? 13.587  -2.066  -3.446  1.00 21.14 ? 78  TYR A C   1 
ATOM   565  O  O   . TYR A 1 78  ? 12.565  -1.391  -3.348  1.00 20.51 ? 78  TYR A O   1 
ATOM   566  C  CB  . TYR A 1 78  ? 15.362  -1.563  -1.800  1.00 23.55 ? 78  TYR A CB  1 
ATOM   567  C  CG  . TYR A 1 78  ? 16.788  -1.204  -1.548  1.00 25.16 ? 78  TYR A CG  1 
ATOM   568  C  CD1 . TYR A 1 78  ? 17.174  0.128   -1.416  1.00 28.71 ? 78  TYR A CD1 1 
ATOM   569  C  CD2 . TYR A 1 78  ? 17.763  -2.194  -1.455  1.00 30.79 ? 78  TYR A CD2 1 
ATOM   570  C  CE1 . TYR A 1 78  ? 18.505  0.472   -1.199  1.00 31.65 ? 78  TYR A CE1 1 
ATOM   571  C  CE2 . TYR A 1 78  ? 19.102  -1.865  -1.238  1.00 33.39 ? 78  TYR A CE2 1 
ATOM   572  C  CZ  . TYR A 1 78  ? 19.466  -0.527  -1.113  1.00 35.09 ? 78  TYR A CZ  1 
ATOM   573  O  OH  . TYR A 1 78  ? 20.792  -0.191  -0.920  1.00 38.22 ? 78  TYR A OH  1 
ATOM   574  N  N   . GLU A 1 79  ? 13.581  -3.366  -3.707  1.00 18.72 ? 79  GLU A N   1 
ATOM   575  C  CA  . GLU A 1 79  ? 12.351  -4.111  -3.898  1.00 17.11 ? 79  GLU A CA  1 
ATOM   576  C  C   . GLU A 1 79  ? 12.275  -5.266  -2.926  1.00 14.17 ? 79  GLU A C   1 
ATOM   577  O  O   . GLU A 1 79  ? 13.276  -5.912  -2.655  1.00 12.81 ? 79  GLU A O   1 
ATOM   578  C  CB  . GLU A 1 79  ? 12.300  -4.684  -5.302  1.00 19.16 ? 79  GLU A CB  1 
ATOM   579  C  CG  . GLU A 1 79  ? 11.838  -3.729  -6.358  1.00 21.90 ? 79  GLU A CG  1 
ATOM   580  C  CD  . GLU A 1 79  ? 11.287  -4.473  -7.540  1.00 25.50 ? 79  GLU A CD  1 
ATOM   581  O  OE1 . GLU A 1 79  ? 11.171  -5.719  -7.447  1.00 24.59 ? 79  GLU A OE1 1 
ATOM   582  O  OE2 . GLU A 1 79  ? 10.972  -3.818  -8.552  1.00 26.77 ? 79  GLU A OE2 1 
ATOM   583  N  N   . LEU A 1 80  ? 11.082  -5.521  -2.402  1.00 15.33 ? 80  LEU A N   1 
ATOM   584  C  CA  . LEU A 1 80  ? 10.872  -6.642  -1.502  1.00 13.53 ? 80  LEU A CA  1 
ATOM   585  C  C   . LEU A 1 80  ? 9.981   -7.593  -2.279  1.00 12.94 ? 80  LEU A C   1 
ATOM   586  O  O   . LEU A 1 80  ? 8.875   -7.230  -2.676  1.00 14.21 ? 80  LEU A O   1 
ATOM   587  C  CB  . LEU A 1 80  ? 10.167  -6.210  -0.214  1.00 12.46 ? 80  LEU A CB  1 
ATOM   588  C  CG  . LEU A 1 80  ? 9.886   -7.393  0.731   1.00 17.52 ? 80  LEU A CG  1 
ATOM   589  C  CD1 . LEU A 1 80  ? 10.206  -7.004  2.172   1.00 16.18 ? 80  LEU A CD1 1 
ATOM   590  C  CD2 . LEU A 1 80  ? 8.421   -7.830  0.603   1.00 16.00 ? 80  LEU A CD2 1 
ATOM   591  N  N   . ARG A 1 81  ? 10.451  -8.810  -2.508  1.00 13.02 ? 81  ARG A N   1 
ATOM   592  C  CA  . ARG A 1 81  ? 9.641   -9.757  -3.252  1.00 14.14 ? 81  ARG A CA  1 
ATOM   593  C  C   . ARG A 1 81  ? 9.333   -11.026 -2.490  1.00 12.60 ? 81  ARG A C   1 
ATOM   594  O  O   . ARG A 1 81  ? 10.103  -11.463 -1.640  1.00 12.34 ? 81  ARG A O   1 
ATOM   595  C  CB  . ARG A 1 81  ? 10.325  -10.162 -4.560  1.00 18.04 ? 81  ARG A CB  1 
ATOM   596  C  CG  . ARG A 1 81  ? 11.222  -9.133  -5.201  1.00 19.62 ? 81  ARG A CG  1 
ATOM   597  C  CD  . ARG A 1 81  ? 11.926  -9.781  -6.394  1.00 20.10 ? 81  ARG A CD  1 
ATOM   598  N  NE  . ARG A 1 81  ? 12.150  -8.831  -7.474  1.00 17.67 ? 81  ARG A NE  1 
ATOM   599  C  CZ  . ARG A 1 81  ? 13.055  -8.988  -8.432  1.00 20.91 ? 81  ARG A CZ  1 
ATOM   600  N  NH1 . ARG A 1 81  ? 13.828  -10.069 -8.447  1.00 19.01 ? 81  ARG A NH1 1 
ATOM   601  N  NH2 . ARG A 1 81  ? 13.201  -8.052  -9.364  1.00 15.42 ? 81  ARG A NH2 1 
ATOM   602  N  N   . VAL A 1 82  ? 8.189   -11.605 -2.818  1.00 12.36 ? 82  VAL A N   1 
ATOM   603  C  CA  . VAL A 1 82  ? 7.750   -12.873 -2.251  1.00 14.69 ? 82  VAL A CA  1 
ATOM   604  C  C   . VAL A 1 82  ? 6.988   -13.585 -3.364  1.00 16.50 ? 82  VAL A C   1 
ATOM   605  O  O   . VAL A 1 82  ? 5.872   -13.188 -3.724  1.00 15.31 ? 82  VAL A O   1 
ATOM   606  C  CB  . VAL A 1 82  ? 6.796   -12.692 -1.051  1.00 16.10 ? 82  VAL A CB  1 
ATOM   607  C  CG1 . VAL A 1 82  ? 6.505   -14.056 -0.406  1.00 13.64 ? 82  VAL A CG1 1 
ATOM   608  C  CG2 . VAL A 1 82  ? 7.402   -11.746 -0.042  1.00 10.68 ? 82  VAL A CG2 1 
ATOM   609  N  N   . SER A 1 83  ? 7.609   -14.611 -3.938  1.00 21.20 ? 83  SER A N   1 
ATOM   610  C  CA  . SER A 1 83  ? 6.959   -15.393 -4.996  1.00 22.52 ? 83  SER A CA  1 
ATOM   611  C  C   . SER A 1 83  ? 6.117   -16.458 -4.309  1.00 21.60 ? 83  SER A C   1 
ATOM   612  O  O   . SER A 1 83  ? 6.637   -17.492 -3.893  1.00 23.87 ? 83  SER A O   1 
ATOM   613  C  CB  . SER A 1 83  ? 8.001   -16.058 -5.895  1.00 20.13 ? 83  SER A CB  1 
ATOM   614  O  OG  . SER A 1 83  ? 8.468   -15.126 -6.850  1.00 24.02 ? 83  SER A OG  1 
ATOM   615  N  N   . SER A 1 84  ? 4.820   -16.189 -4.177  1.00 21.28 ? 84  SER A N   1 
ATOM   616  C  CA  . SER A 1 84  ? 3.905   -17.109 -3.505  1.00 19.26 ? 84  SER A CA  1 
ATOM   617  C  C   . SER A 1 84  ? 2.522   -16.953 -4.096  1.00 22.71 ? 84  SER A C   1 
ATOM   618  O  O   . SER A 1 84  ? 1.985   -15.843 -4.156  1.00 21.84 ? 84  SER A O   1 
ATOM   619  C  CB  . SER A 1 84  ? 3.859   -16.801 -2.000  1.00 22.94 ? 84  SER A CB  1 
ATOM   620  O  OG  . SER A 1 84  ? 2.675   -17.285 -1.384  1.00 19.80 ? 84  SER A OG  1 
ATOM   621  N  N   . LYS A 1 85  ? 1.956   -18.068 -4.547  1.00 22.15 ? 85  LYS A N   1 
ATOM   622  C  CA  . LYS A 1 85  ? 0.630   -18.066 -5.134  1.00 21.84 ? 85  LYS A CA  1 
ATOM   623  C  C   . LYS A 1 85  ? -0.388  -17.750 -4.043  1.00 23.95 ? 85  LYS A C   1 
ATOM   624  O  O   . LYS A 1 85  ? -1.297  -16.943 -4.251  1.00 23.68 ? 85  LYS A O   1 
ATOM   625  C  CB  . LYS A 1 85  ? 0.328   -19.435 -5.745  1.00 19.71 ? 85  LYS A CB  1 
ATOM   626  C  CG  . LYS A 1 85  ? -1.051  -19.545 -6.372  1.00 19.89 ? 85  LYS A CG  1 
ATOM   627  C  CD  . LYS A 1 85  ? -1.409  -20.983 -6.707  1.00 23.40 ? 85  LYS A CD  1 
ATOM   628  C  CE  . LYS A 1 85  ? -1.634  -21.793 -5.446  1.00 27.08 ? 85  LYS A CE  1 
ATOM   629  N  NZ  . LYS A 1 85  ? -3.066  -21.843 -5.012  1.00 33.26 ? 85  LYS A NZ  1 
ATOM   630  N  N   . LYS A 1 86  ? -0.225  -18.391 -2.882  1.00 23.80 ? 86  LYS A N   1 
ATOM   631  C  CA  . LYS A 1 86  ? -1.130  -18.197 -1.754  1.00 25.40 ? 86  LYS A CA  1 
ATOM   632  C  C   . LYS A 1 86  ? -1.112  -16.745 -1.287  1.00 25.92 ? 86  LYS A C   1 
ATOM   633  O  O   . LYS A 1 86  ? -2.163  -16.148 -1.067  1.00 26.66 ? 86  LYS A O   1 
ATOM   634  C  CB  . LYS A 1 86  ? -0.741  -19.115 -0.595  1.00 29.17 ? 86  LYS A CB  1 
ATOM   635  C  CG  . LYS A 1 86  ? -1.144  -20.577 -0.781  1.00 34.42 ? 86  LYS A CG  1 
ATOM   636  C  CD  . LYS A 1 86  ? -2.640  -20.740 -1.066  1.00 38.44 ? 86  LYS A CD  1 
ATOM   637  C  CE  . LYS A 1 86  ? -3.119  -22.186 -0.836  1.00 37.83 ? 86  LYS A CE  1 
ATOM   638  N  NZ  . LYS A 1 86  ? -4.254  -22.574 -1.735  1.00 37.52 ? 86  LYS A NZ  1 
ATOM   639  N  N   . LEU A 1 87  ? 0.081   -16.175 -1.139  1.00 23.77 ? 87  LEU A N   1 
ATOM   640  C  CA  . LEU A 1 87  ? 0.198   -14.791 -0.706  1.00 20.63 ? 87  LEU A CA  1 
ATOM   641  C  C   . LEU A 1 87  ? -0.386  -13.825 -1.735  1.00 21.27 ? 87  LEU A C   1 
ATOM   642  O  O   . LEU A 1 87  ? -1.080  -12.865 -1.382  1.00 21.21 ? 87  LEU A O   1 
ATOM   643  C  CB  . LEU A 1 87  ? 1.657   -14.427 -0.453  1.00 17.80 ? 87  LEU A CB  1 
ATOM   644  C  CG  . LEU A 1 87  ? 1.801   -13.080 0.261   1.00 17.30 ? 87  LEU A CG  1 
ATOM   645  C  CD1 . LEU A 1 87  ? 1.116   -13.183 1.612   1.00 12.80 ? 87  LEU A CD1 1 
ATOM   646  C  CD2 . LEU A 1 87  ? 3.274   -12.700 0.418   1.00 8.30  ? 87  LEU A CD2 1 
ATOM   647  N  N   . TYR A 1 88  ? -0.096  -14.073 -3.008  1.00 18.28 ? 88  TYR A N   1 
ATOM   648  C  CA  . TYR A 1 88  ? -0.593  -13.215 -4.076  1.00 17.77 ? 88  TYR A CA  1 
ATOM   649  C  C   . TYR A 1 88  ? -2.111  -13.153 -4.009  1.00 18.75 ? 88  TYR A C   1 
ATOM   650  O  O   . TYR A 1 88  ? -2.699  -12.077 -4.096  1.00 19.62 ? 88  TYR A O   1 
ATOM   651  C  CB  . TYR A 1 88  ? -0.141  -13.769 -5.436  1.00 18.70 ? 88  TYR A CB  1 
ATOM   652  C  CG  . TYR A 1 88  ? -0.782  -13.123 -6.659  1.00 17.25 ? 88  TYR A CG  1 
ATOM   653  C  CD1 . TYR A 1 88  ? -2.119  -13.372 -6.999  1.00 17.97 ? 88  TYR A CD1 1 
ATOM   654  C  CD2 . TYR A 1 88  ? -0.044  -12.290 -7.496  1.00 15.16 ? 88  TYR A CD2 1 
ATOM   655  C  CE1 . TYR A 1 88  ? -2.693  -12.803 -8.144  1.00 15.50 ? 88  TYR A CE1 1 
ATOM   656  C  CE2 . TYR A 1 88  ? -0.614  -11.720 -8.641  1.00 12.73 ? 88  TYR A CE2 1 
ATOM   657  C  CZ  . TYR A 1 88  ? -1.932  -11.983 -8.955  1.00 11.44 ? 88  TYR A CZ  1 
ATOM   658  O  OH  . TYR A 1 88  ? -2.480  -11.432 -10.098 1.00 18.57 ? 88  TYR A OH  1 
ATOM   659  N  N   . TYR A 1 89  ? -2.737  -14.317 -3.857  1.00 18.71 ? 89  TYR A N   1 
ATOM   660  C  CA  . TYR A 1 89  ? -4.188  -14.428 -3.798  1.00 22.42 ? 89  TYR A CA  1 
ATOM   661  C  C   . TYR A 1 89  ? -4.742  -13.862 -2.495  1.00 22.57 ? 89  TYR A C   1 
ATOM   662  O  O   . TYR A 1 89  ? -5.809  -13.241 -2.473  1.00 22.02 ? 89  TYR A O   1 
ATOM   663  C  CB  . TYR A 1 89  ? -4.605  -15.897 -3.957  1.00 26.85 ? 89  TYR A CB  1 
ATOM   664  C  CG  . TYR A 1 89  ? -5.870  -16.092 -4.770  1.00 31.84 ? 89  TYR A CG  1 
ATOM   665  C  CD1 . TYR A 1 89  ? -5.900  -15.809 -6.138  1.00 33.63 ? 89  TYR A CD1 1 
ATOM   666  C  CD2 . TYR A 1 89  ? -7.056  -16.513 -4.158  1.00 36.42 ? 89  TYR A CD2 1 
ATOM   667  C  CE1 . TYR A 1 89  ? -7.094  -15.935 -6.877  1.00 37.46 ? 89  TYR A CE1 1 
ATOM   668  C  CE2 . TYR A 1 89  ? -8.249  -16.641 -4.886  1.00 35.39 ? 89  TYR A CE2 1 
ATOM   669  C  CZ  . TYR A 1 89  ? -8.261  -16.346 -6.237  1.00 34.55 ? 89  TYR A CZ  1 
ATOM   670  O  OH  . TYR A 1 89  ? -9.450  -16.416 -6.923  1.00 31.59 ? 89  TYR A OH  1 
ATOM   671  N  N   . TYR A 1 90  ? -4.009  -14.082 -1.413  1.00 22.73 ? 90  TYR A N   1 
ATOM   672  C  CA  . TYR A 1 90  ? -4.413  -13.578 -0.110  1.00 23.57 ? 90  TYR A CA  1 
ATOM   673  C  C   . TYR A 1 90  ? -4.642  -12.066 -0.190  1.00 22.49 ? 90  TYR A C   1 
ATOM   674  O  O   . TYR A 1 90  ? -5.613  -11.540 0.370   1.00 23.26 ? 90  TYR A O   1 
ATOM   675  C  CB  . TYR A 1 90  ? -3.330  -13.885 0.930   1.00 22.74 ? 90  TYR A CB  1 
ATOM   676  C  CG  . TYR A 1 90  ? -3.590  -13.240 2.271   1.00 23.09 ? 90  TYR A CG  1 
ATOM   677  C  CD1 . TYR A 1 90  ? -4.438  -13.837 3.189   1.00 19.86 ? 90  TYR A CD1 1 
ATOM   678  C  CD2 . TYR A 1 90  ? -3.025  -12.004 2.597   1.00 21.87 ? 90  TYR A CD2 1 
ATOM   679  C  CE1 . TYR A 1 90  ? -4.727  -13.223 4.398   1.00 23.35 ? 90  TYR A CE1 1 
ATOM   680  C  CE2 . TYR A 1 90  ? -3.308  -11.386 3.802   1.00 18.60 ? 90  TYR A CE2 1 
ATOM   681  C  CZ  . TYR A 1 90  ? -4.165  -12.001 4.695   1.00 21.82 ? 90  TYR A CZ  1 
ATOM   682  O  OH  . TYR A 1 90  ? -4.497  -11.389 5.878   1.00 21.46 ? 90  TYR A OH  1 
ATOM   683  N  N   . PHE A 1 91  ? -3.745  -11.373 -0.888  1.00 20.68 ? 91  PHE A N   1 
ATOM   684  C  CA  . PHE A 1 91  ? -3.845  -9.927  -1.037  1.00 18.89 ? 91  PHE A CA  1 
ATOM   685  C  C   . PHE A 1 91  ? -4.857  -9.599  -2.127  1.00 19.21 ? 91  PHE A C   1 
ATOM   686  O  O   . PHE A 1 91  ? -5.498  -8.560  -2.085  1.00 21.21 ? 91  PHE A O   1 
ATOM   687  C  CB  . PHE A 1 91  ? -2.481  -9.316  -1.413  1.00 15.42 ? 91  PHE A CB  1 
ATOM   688  C  CG  . PHE A 1 91  ? -1.565  -9.040  -0.227  1.00 15.14 ? 91  PHE A CG  1 
ATOM   689  C  CD1 . PHE A 1 91  ? -1.920  -8.115  0.752   1.00 11.97 ? 91  PHE A CD1 1 
ATOM   690  C  CD2 . PHE A 1 91  ? -0.326  -9.672  -0.123  1.00 11.59 ? 91  PHE A CD2 1 
ATOM   691  C  CE1 . PHE A 1 91  ? -1.051  -7.822  1.815   1.00 11.05 ? 91  PHE A CE1 1 
ATOM   692  C  CE2 . PHE A 1 91  ? 0.541   -9.388  0.931   1.00 11.15 ? 91  PHE A CE2 1 
ATOM   693  C  CZ  . PHE A 1 91  ? 0.177   -8.457  1.903   1.00 11.11 ? 91  PHE A CZ  1 
ATOM   694  N  N   . ALA A 1 92  ? -4.996  -10.489 -3.102  1.00 22.11 ? 92  ALA A N   1 
ATOM   695  C  CA  . ALA A 1 92  ? -5.920  -10.277 -4.216  1.00 21.97 ? 92  ALA A CA  1 
ATOM   696  C  C   . ALA A 1 92  ? -7.356  -10.181 -3.734  1.00 22.06 ? 92  ALA A C   1 
ATOM   697  O  O   . ALA A 1 92  ? -8.121  -9.329  -4.195  1.00 16.63 ? 92  ALA A O   1 
ATOM   698  C  CB  . ALA A 1 92  ? -5.791  -11.416 -5.240  1.00 23.38 ? 92  ALA A CB  1 
ATOM   699  N  N   . ASN A 1 93  ? -7.715  -11.075 -2.818  1.00 24.33 ? 93  ASN A N   1 
ATOM   700  C  CA  . ASN A 1 93  ? -9.061  -11.091 -2.261  1.00 29.60 ? 93  ASN A CA  1 
ATOM   701  C  C   . ASN A 1 93  ? -9.274  -9.873  -1.335  1.00 30.68 ? 93  ASN A C   1 
ATOM   702  O  O   . ASN A 1 93  ? -10.357 -9.277  -1.317  1.00 30.57 ? 93  ASN A O   1 
ATOM   703  C  CB  . ASN A 1 93  ? -9.291  -12.403 -1.498  1.00 32.20 ? 93  ASN A CB  1 
ATOM   704  C  CG  . ASN A 1 93  ? -10.570 -12.388 -0.676  1.00 35.57 ? 93  ASN A CG  1 
ATOM   705  O  OD1 . ASN A 1 93  ? -10.532 -12.374 0.556   1.00 37.31 ? 93  ASN A OD1 1 
ATOM   706  N  ND2 . ASN A 1 93  ? -11.713 -12.390 -1.356  1.00 37.65 ? 93  ASN A ND2 1 
HETATM 707  N  N   . MSE A 1 94  ? -8.232  -9.509  -0.584  1.00 29.61 ? 94  MSE A N   1 
HETATM 708  C  CA  . MSE A 1 94  ? -8.278  -8.368  0.331   1.00 25.36 ? 94  MSE A CA  1 
HETATM 709  C  C   . MSE A 1 94  ? -8.635  -7.124  -0.462  1.00 25.69 ? 94  MSE A C   1 
HETATM 710  O  O   . MSE A 1 94  ? -9.418  -6.291  -0.018  1.00 25.65 ? 94  MSE A O   1 
HETATM 711  C  CB  . MSE A 1 94  ? -6.911  -8.156  0.981   1.00 25.15 ? 94  MSE A CB  1 
HETATM 712  C  CG  . MSE A 1 94  ? -6.765  -8.713  2.388   1.00 20.34 ? 94  MSE A CG  1 
HETATM 713  SE SE  . MSE A 1 94  ? -5.357  -7.960  3.228   1.00 16.99 ? 94  MSE A SE  1 
HETATM 714  C  CE  . MSE A 1 94  ? -6.006  -6.389  3.633   1.00 7.94  ? 94  MSE A CE  1 
ATOM   715  N  N   . LEU A 1 95  ? -8.051  -7.013  -1.648  1.00 25.21 ? 95  LEU A N   1 
ATOM   716  C  CA  . LEU A 1 95  ? -8.275  -5.871  -2.525  1.00 26.42 ? 95  LEU A CA  1 
ATOM   717  C  C   . LEU A 1 95  ? -9.641  -5.915  -3.220  1.00 28.49 ? 95  LEU A C   1 
ATOM   718  O  O   . LEU A 1 95  ? -10.118 -4.909  -3.768  1.00 28.25 ? 95  LEU A O   1 
ATOM   719  C  CB  . LEU A 1 95  ? -7.155  -5.815  -3.558  1.00 23.15 ? 95  LEU A CB  1 
ATOM   720  C  CG  . LEU A 1 95  ? -7.420  -5.055  -4.845  1.00 26.78 ? 95  LEU A CG  1 
ATOM   721  C  CD1 . LEU A 1 95  ? -7.754  -3.611  -4.540  1.00 27.41 ? 95  LEU A CD1 1 
ATOM   722  C  CD2 . LEU A 1 95  ? -6.181  -5.150  -5.720  1.00 27.01 ? 95  LEU A CD2 1 
ATOM   723  N  N   . GLU A 1 96  ? -10.267 -7.087  -3.201  1.00 26.80 ? 96  GLU A N   1 
ATOM   724  C  CA  . GLU A 1 96  ? -11.574 -7.250  -3.811  1.00 27.66 ? 96  GLU A CA  1 
ATOM   725  C  C   . GLU A 1 96  ? -12.608 -6.733  -2.831  1.00 25.08 ? 96  GLU A C   1 
ATOM   726  O  O   . GLU A 1 96  ? -13.438 -5.906  -3.174  1.00 29.27 ? 96  GLU A O   1 
ATOM   727  C  CB  . GLU A 1 96  ? -11.849 -8.724  -4.118  1.00 30.22 ? 96  GLU A CB  1 
ATOM   728  C  CG  . GLU A 1 96  ? -11.175 -9.223  -5.389  1.00 34.88 ? 96  GLU A CG  1 
ATOM   729  C  CD  . GLU A 1 96  ? -11.475 -10.682 -5.690  1.00 38.20 ? 96  GLU A CD  1 
ATOM   730  O  OE1 . GLU A 1 96  ? -11.722 -11.472 -4.744  1.00 38.28 ? 96  GLU A OE1 1 
ATOM   731  O  OE2 . GLU A 1 96  ? -11.461 -11.035 -6.885  1.00 38.85 ? 96  GLU A OE2 1 
ATOM   732  N  N   . ARG A 1 97  ? -12.536 -7.212  -1.601  1.00 26.32 ? 97  ARG A N   1 
ATOM   733  C  CA  . ARG A 1 97  ? -13.475 -6.804  -0.573  1.00 29.86 ? 97  ARG A CA  1 
ATOM   734  C  C   . ARG A 1 97  ? -12.942 -5.687  0.313   1.00 27.73 ? 97  ARG A C   1 
ATOM   735  O  O   . ARG A 1 97  ? -13.115 -5.709  1.533   1.00 27.96 ? 97  ARG A O   1 
ATOM   736  C  CB  . ARG A 1 97  ? -13.847 -8.018  0.271   1.00 35.24 ? 97  ARG A CB  1 
ATOM   737  C  CG  . ARG A 1 97  ? -14.423 -9.148  -0.565  1.00 39.66 ? 97  ARG A CG  1 
ATOM   738  C  CD  . ARG A 1 97  ? -14.029 -10.505 -0.019  1.00 42.51 ? 97  ARG A CD  1 
ATOM   739  N  NE  . ARG A 1 97  ? -15.152 -11.435 -0.069  1.00 44.73 ? 97  ARG A NE  1 
ATOM   740  C  CZ  . ARG A 1 97  ? -15.055 -12.729 0.200   1.00 45.25 ? 97  ARG A CZ  1 
ATOM   741  N  NH1 . ARG A 1 97  ? -13.883 -13.252 0.541   1.00 42.80 ? 97  ARG A NH1 1 
ATOM   742  N  NH2 . ARG A 1 97  ? -16.133 -13.497 0.130   1.00 47.82 ? 97  ARG A NH2 1 
ATOM   743  N  N   . ILE A 1 98  ? -12.296 -4.708  -0.309  1.00 26.94 ? 98  ILE A N   1 
ATOM   744  C  CA  . ILE A 1 98  ? -11.738 -3.567  0.419   1.00 24.66 ? 98  ILE A CA  1 
ATOM   745  C  C   . ILE A 1 98  ? -12.850 -2.765  1.081   1.00 22.35 ? 98  ILE A C   1 
ATOM   746  O  O   . ILE A 1 98  ? -12.674 -2.233  2.171   1.00 20.04 ? 98  ILE A O   1 
ATOM   747  C  CB  . ILE A 1 98  ? -10.939 -2.626  -0.526  1.00 23.22 ? 98  ILE A CB  1 
ATOM   748  C  CG1 . ILE A 1 98  ? -10.472 -1.387  0.247   1.00 23.69 ? 98  ILE A CG1 1 
ATOM   749  C  CG2 . ILE A 1 98  ? -11.797 -2.244  -1.738  1.00 22.80 ? 98  ILE A CG2 1 
ATOM   750  C  CD1 . ILE A 1 98  ? -9.859  -0.312  -0.628  1.00 24.56 ? 98  ILE A CD1 1 
ATOM   751  N  N   . ARG A 1 99  ? -13.997 -2.696  0.409   1.00 23.71 ? 99  ARG A N   1 
ATOM   752  C  CA  . ARG A 1 99  ? -15.152 -1.961  0.910   1.00 25.57 ? 99  ARG A CA  1 
ATOM   753  C  C   . ARG A 1 99  ? -15.632 -2.509  2.245   1.00 24.94 ? 99  ARG A C   1 
ATOM   754  O  O   . ARG A 1 99  ? -16.182 -1.773  3.052   1.00 25.87 ? 99  ARG A O   1 
ATOM   755  C  CB  . ARG A 1 99  ? -16.285 -1.999  -0.112  1.00 22.32 ? 99  ARG A CB  1 
ATOM   756  C  CG  . ARG A 1 99  ? -16.170 -0.894  -1.143  1.00 25.57 ? 99  ARG A CG  1 
ATOM   757  C  CD  . ARG A 1 99  ? -17.220 -1.008  -2.226  1.00 23.80 ? 99  ARG A CD  1 
ATOM   758  N  NE  . ARG A 1 99  ? -16.677 -0.644  -3.535  1.00 33.72 ? 99  ARG A NE  1 
ATOM   759  C  CZ  . ARG A 1 99  ? -15.988 -1.470  -4.326  1.00 31.64 ? 99  ARG A CZ  1 
ATOM   760  N  NH1 . ARG A 1 99  ? -15.748 -2.723  -3.946  1.00 31.68 ? 99  ARG A NH1 1 
ATOM   761  N  NH2 . ARG A 1 99  ? -15.536 -1.041  -5.499  1.00 26.38 ? 99  ARG A NH2 1 
ATOM   762  N  N   . LEU A 1 100 ? -15.422 -3.798  2.486   1.00 25.03 ? 100 LEU A N   1 
ATOM   763  C  CA  . LEU A 1 100 ? -15.841 -4.374  3.763   1.00 25.14 ? 100 LEU A CA  1 
ATOM   764  C  C   . LEU A 1 100 ? -14.784 -4.133  4.850   1.00 22.16 ? 100 LEU A C   1 
ATOM   765  O  O   . LEU A 1 100 ? -14.876 -4.686  5.946   1.00 23.60 ? 100 LEU A O   1 
ATOM   766  C  CB  . LEU A 1 100 ? -16.115 -5.886  3.634   1.00 23.85 ? 100 LEU A CB  1 
ATOM   767  C  CG  . LEU A 1 100 ? -16.692 -6.460  2.334   1.00 19.86 ? 100 LEU A CG  1 
ATOM   768  C  CD1 . LEU A 1 100 ? -16.639 -7.967  2.423   1.00 16.84 ? 100 LEU A CD1 1 
ATOM   769  C  CD2 . LEU A 1 100 ? -18.128 -5.977  2.099   1.00 16.32 ? 100 LEU A CD2 1 
ATOM   770  N  N   . PHE A 1 101 ? -13.777 -3.316  4.548   1.00 21.71 ? 101 PHE A N   1 
ATOM   771  C  CA  . PHE A 1 101 ? -12.726 -3.014  5.525   1.00 22.11 ? 101 PHE A CA  1 
ATOM   772  C  C   . PHE A 1 101 ? -13.316 -2.450  6.827   1.00 20.80 ? 101 PHE A C   1 
ATOM   773  O  O   . PHE A 1 101 ? -14.176 -1.572  6.787   1.00 18.57 ? 101 PHE A O   1 
ATOM   774  C  CB  . PHE A 1 101 ? -11.748 -1.981  4.951   1.00 22.29 ? 101 PHE A CB  1 
ATOM   775  C  CG  . PHE A 1 101 ? -10.531 -2.580  4.298   1.00 20.73 ? 101 PHE A CG  1 
ATOM   776  C  CD1 . PHE A 1 101 ? -10.566 -3.868  3.760   1.00 23.07 ? 101 PHE A CD1 1 
ATOM   777  C  CD2 . PHE A 1 101 ? -9.353  -1.852  4.213   1.00 16.42 ? 101 PHE A CD2 1 
ATOM   778  C  CE1 . PHE A 1 101 ? -9.435  -4.424  3.144   1.00 20.66 ? 101 PHE A CE1 1 
ATOM   779  C  CE2 . PHE A 1 101 ? -8.226  -2.391  3.605   1.00 19.45 ? 101 PHE A CE2 1 
ATOM   780  C  CZ  . PHE A 1 101 ? -8.265  -3.683  3.066   1.00 20.22 ? 101 PHE A CZ  1 
ATOM   781  N  N   . ASN A 1 102 ? -12.862 -2.948  7.975   1.00 19.38 ? 102 ASN A N   1 
ATOM   782  C  CA  . ASN A 1 102 ? -13.360 -2.417  9.235   1.00 23.52 ? 102 ASN A CA  1 
ATOM   783  C  C   . ASN A 1 102 ? -12.610 -1.134  9.568   1.00 25.03 ? 102 ASN A C   1 
ATOM   784  O  O   . ASN A 1 102 ? -11.770 -0.678  8.793   1.00 26.76 ? 102 ASN A O   1 
ATOM   785  C  CB  . ASN A 1 102 ? -13.234 -3.443  10.371  1.00 23.83 ? 102 ASN A CB  1 
ATOM   786  C  CG  . ASN A 1 102 ? -11.807 -3.663  10.830  1.00 24.63 ? 102 ASN A CG  1 
ATOM   787  O  OD1 . ASN A 1 102 ? -10.921 -2.854  10.586  1.00 30.53 ? 102 ASN A OD1 1 
ATOM   788  N  ND2 . ASN A 1 102 ? -11.583 -4.779  11.509  1.00 32.73 ? 102 ASN A ND2 1 
HETATM 789  N  N   . MSE A 1 103 ? -12.906 -0.537  10.710  1.00 27.52 ? 103 MSE A N   1 
HETATM 790  C  CA  . MSE A 1 103 ? -12.244 0.711   11.062  1.00 30.39 ? 103 MSE A CA  1 
HETATM 791  C  C   . MSE A 1 103 ? -10.725 0.612   11.225  1.00 28.03 ? 103 MSE A C   1 
HETATM 792  O  O   . MSE A 1 103 ? -9.983  1.451   10.711  1.00 25.76 ? 103 MSE A O   1 
HETATM 793  C  CB  . MSE A 1 103 ? -12.884 1.292   12.318  1.00 34.67 ? 103 MSE A CB  1 
HETATM 794  C  CG  . MSE A 1 103 ? -13.859 2.419   11.999  1.00 44.55 ? 103 MSE A CG  1 
HETATM 795  SE SE  . MSE A 1 103 ? -13.091 3.725   10.988  1.00 53.41 ? 103 MSE A SE  1 
HETATM 796  C  CE  . MSE A 1 103 ? -11.506 3.913   11.798  1.00 51.02 ? 103 MSE A CE  1 
ATOM   797  N  N   . ARG A 1 104 ? -10.265 -0.415  11.929  1.00 25.70 ? 104 ARG A N   1 
ATOM   798  C  CA  . ARG A 1 104 ? -8.839  -0.607  12.142  1.00 27.84 ? 104 ARG A CA  1 
ATOM   799  C  C   . ARG A 1 104 ? -8.111  -0.899  10.828  1.00 28.46 ? 104 ARG A C   1 
ATOM   800  O  O   . ARG A 1 104 ? -6.933  -0.571  10.683  1.00 28.85 ? 104 ARG A O   1 
ATOM   801  C  CB  . ARG A 1 104 ? -8.606  -1.758  13.114  1.00 30.20 ? 104 ARG A CB  1 
ATOM   802  C  CG  . ARG A 1 104 ? -8.175  -1.339  14.508  1.00 38.17 ? 104 ARG A CG  1 
ATOM   803  C  CD  . ARG A 1 104 ? -7.815  -2.558  15.351  1.00 44.61 ? 104 ARG A CD  1 
ATOM   804  N  NE  . ARG A 1 104 ? -6.585  -3.196  14.884  1.00 51.76 ? 104 ARG A NE  1 
ATOM   805  C  CZ  . ARG A 1 104 ? -6.521  -4.081  13.890  1.00 55.47 ? 104 ARG A CZ  1 
ATOM   806  N  NH1 . ARG A 1 104 ? -7.620  -4.453  13.239  1.00 57.72 ? 104 ARG A NH1 1 
ATOM   807  N  NH2 . ARG A 1 104 ? -5.349  -4.589  13.535  1.00 56.79 ? 104 ARG A NH2 1 
ATOM   808  N  N   . GLU A 1 105 ? -8.810  -1.517  9.878   1.00 24.21 ? 105 GLU A N   1 
ATOM   809  C  CA  . GLU A 1 105 ? -8.223  -1.853  8.590   1.00 21.86 ? 105 GLU A CA  1 
ATOM   810  C  C   . GLU A 1 105 ? -8.176  -0.632  7.684   1.00 21.20 ? 105 GLU A C   1 
ATOM   811  O  O   . GLU A 1 105 ? -7.211  -0.442  6.937   1.00 23.02 ? 105 GLU A O   1 
ATOM   812  C  CB  . GLU A 1 105 ? -9.021  -2.978  7.918   1.00 23.26 ? 105 GLU A CB  1 
ATOM   813  C  CG  . GLU A 1 105 ? -8.836  -4.336  8.597   1.00 26.55 ? 105 GLU A CG  1 
ATOM   814  C  CD  . GLU A 1 105 ? -9.795  -5.401  8.096   1.00 27.30 ? 105 GLU A CD  1 
ATOM   815  O  OE1 . GLU A 1 105 ? -10.959 -5.070  7.794   1.00 27.61 ? 105 GLU A OE1 1 
ATOM   816  O  OE2 . GLU A 1 105 ? -9.384  -6.579  8.006   1.00 32.57 ? 105 GLU A OE2 1 
ATOM   817  N  N   . GLN A 1 106 ? -9.209  0.204   7.755   1.00 17.38 ? 106 GLN A N   1 
ATOM   818  C  CA  . GLN A 1 106 ? -9.264  1.404   6.930   1.00 16.16 ? 106 GLN A CA  1 
ATOM   819  C  C   . GLN A 1 106 ? -8.117  2.342   7.267   1.00 16.69 ? 106 GLN A C   1 
ATOM   820  O  O   . GLN A 1 106 ? -7.473  2.892   6.380   1.00 18.46 ? 106 GLN A O   1 
ATOM   821  C  CB  . GLN A 1 106 ? -10.585 2.139   7.135   1.00 15.62 ? 106 GLN A CB  1 
ATOM   822  C  CG  . GLN A 1 106 ? -11.792 1.351   6.720   1.00 14.99 ? 106 GLN A CG  1 
ATOM   823  C  CD  . GLN A 1 106 ? -13.062 1.946   7.251   1.00 18.01 ? 106 GLN A CD  1 
ATOM   824  O  OE1 . GLN A 1 106 ? -13.092 3.107   7.663   1.00 20.76 ? 106 GLN A OE1 1 
ATOM   825  N  NE2 . GLN A 1 106 ? -14.128 1.157   7.251   1.00 19.99 ? 106 GLN A NE2 1 
ATOM   826  N  N   . ILE A 1 107 ? -7.861  2.529   8.555   1.00 17.04 ? 107 ILE A N   1 
ATOM   827  C  CA  . ILE A 1 107 ? -6.784  3.410   8.963   1.00 14.83 ? 107 ILE A CA  1 
ATOM   828  C  C   . ILE A 1 107 ? -5.448  2.830   8.534   1.00 11.57 ? 107 ILE A C   1 
ATOM   829  O  O   . ILE A 1 107 ? -4.595  3.553   8.036   1.00 11.09 ? 107 ILE A O   1 
ATOM   830  C  CB  . ILE A 1 107 ? -6.790  3.631   10.488  1.00 14.53 ? 107 ILE A CB  1 
ATOM   831  C  CG1 . ILE A 1 107 ? -7.953  4.552   10.861  1.00 14.41 ? 107 ILE A CG1 1 
ATOM   832  C  CG2 . ILE A 1 107 ? -5.483  4.276   10.926  1.00 16.98 ? 107 ILE A CG2 1 
ATOM   833  C  CD1 . ILE A 1 107 ? -8.390  4.444   12.306  1.00 21.71 ? 107 ILE A CD1 1 
ATOM   834  N  N   . ALA A 1 108 ? -5.278  1.522   8.723   1.00 9.98  ? 108 ALA A N   1 
ATOM   835  C  CA  . ALA A 1 108 ? -4.040  0.836   8.365   1.00 7.89  ? 108 ALA A CA  1 
ATOM   836  C  C   . ALA A 1 108 ? -3.779  0.984   6.879   1.00 9.13  ? 108 ALA A C   1 
ATOM   837  O  O   . ALA A 1 108 ? -2.673  1.319   6.467   1.00 7.51  ? 108 ALA A O   1 
ATOM   838  C  CB  . ALA A 1 108 ? -4.135  -0.625  8.728   1.00 8.62  ? 108 ALA A CB  1 
ATOM   839  N  N   . PHE A 1 109 ? -4.809  0.735   6.079   1.00 10.16 ? 109 PHE A N   1 
ATOM   840  C  CA  . PHE A 1 109 ? -4.698  0.870   4.637   1.00 12.69 ? 109 PHE A CA  1 
ATOM   841  C  C   . PHE A 1 109 ? -4.185  2.263   4.281   1.00 12.53 ? 109 PHE A C   1 
ATOM   842  O  O   . PHE A 1 109 ? -3.209  2.409   3.545   1.00 11.30 ? 109 PHE A O   1 
ATOM   843  C  CB  . PHE A 1 109 ? -6.060  0.640   3.972   1.00 15.94 ? 109 PHE A CB  1 
ATOM   844  C  CG  . PHE A 1 109 ? -6.006  0.668   2.461   1.00 18.45 ? 109 PHE A CG  1 
ATOM   845  C  CD1 . PHE A 1 109 ? -5.212  -0.245  1.762   1.00 18.47 ? 109 PHE A CD1 1 
ATOM   846  C  CD2 . PHE A 1 109 ? -6.709  1.632   1.740   1.00 20.18 ? 109 PHE A CD2 1 
ATOM   847  C  CE1 . PHE A 1 109 ? -5.109  -0.199  0.364   1.00 17.01 ? 109 PHE A CE1 1 
ATOM   848  C  CE2 . PHE A 1 109 ? -6.614  1.688   0.345   1.00 22.61 ? 109 PHE A CE2 1 
ATOM   849  C  CZ  . PHE A 1 109 ? -5.807  0.767   -0.343  1.00 18.43 ? 109 PHE A CZ  1 
ATOM   850  N  N   . ILE A 1 110 ? -4.855  3.281   4.816   1.00 16.30 ? 110 ILE A N   1 
ATOM   851  C  CA  . ILE A 1 110 ? -4.504  4.681   4.575   1.00 17.76 ? 110 ILE A CA  1 
ATOM   852  C  C   . ILE A 1 110 ? -3.087  5.035   5.038   1.00 17.97 ? 110 ILE A C   1 
ATOM   853  O  O   . ILE A 1 110 ? -2.420  5.867   4.419   1.00 18.00 ? 110 ILE A O   1 
ATOM   854  C  CB  . ILE A 1 110 ? -5.511  5.647   5.270   1.00 17.96 ? 110 ILE A CB  1 
ATOM   855  C  CG1 . ILE A 1 110 ? -6.931  5.380   4.762   1.00 18.11 ? 110 ILE A CG1 1 
ATOM   856  C  CG2 . ILE A 1 110 ? -5.110  7.093   5.010   1.00 12.92 ? 110 ILE A CG2 1 
ATOM   857  C  CD1 . ILE A 1 110 ? -8.014  6.131   5.508   1.00 15.64 ? 110 ILE A CD1 1 
ATOM   858  N  N   . LYS A 1 111 ? -2.630  4.418   6.123   1.00 19.50 ? 111 LYS A N   1 
ATOM   859  C  CA  . LYS A 1 111 ? -1.286  4.688   6.634   1.00 19.75 ? 111 LYS A CA  1 
ATOM   860  C  C   . LYS A 1 111 ? -0.225  4.173   5.650   1.00 17.45 ? 111 LYS A C   1 
ATOM   861  O  O   . LYS A 1 111 ? 0.798   4.817   5.433   1.00 19.10 ? 111 LYS A O   1 
ATOM   862  C  CB  . LYS A 1 111 ? -1.103  4.043   8.016   1.00 21.84 ? 111 LYS A CB  1 
ATOM   863  C  CG  . LYS A 1 111 ? 0.231   4.354   8.691   1.00 24.69 ? 111 LYS A CG  1 
ATOM   864  C  CD  . LYS A 1 111 ? 0.392   3.588   9.997   1.00 29.50 ? 111 LYS A CD  1 
ATOM   865  C  CE  . LYS A 1 111 ? 1.811   3.010   10.155  1.00 36.33 ? 111 LYS A CE  1 
ATOM   866  N  NZ  . LYS A 1 111 ? 2.895   4.044   10.229  1.00 36.49 ? 111 LYS A NZ  1 
ATOM   867  N  N   . GLY A 1 112 ? -0.477  3.015   5.050   1.00 16.92 ? 112 GLY A N   1 
ATOM   868  C  CA  . GLY A 1 112 ? 0.463   2.460   4.082   1.00 14.99 ? 112 GLY A CA  1 
ATOM   869  C  C   . GLY A 1 112 ? 0.434   3.239   2.772   1.00 11.47 ? 112 GLY A C   1 
ATOM   870  O  O   . GLY A 1 112 ? 1.446   3.363   2.094   1.00 12.15 ? 112 GLY A O   1 
ATOM   871  N  N   . LEU A 1 113 ? -0.734  3.765   2.420   1.00 11.34 ? 113 LEU A N   1 
ATOM   872  C  CA  . LEU A 1 113 ? -0.899  4.552   1.204   1.00 15.78 ? 113 LEU A CA  1 
ATOM   873  C  C   . LEU A 1 113 ? -0.055  5.818   1.294   1.00 19.00 ? 113 LEU A C   1 
ATOM   874  O  O   . LEU A 1 113 ? 0.593   6.220   0.325   1.00 19.34 ? 113 LEU A O   1 
ATOM   875  C  CB  . LEU A 1 113 ? -2.369  4.937   1.028   1.00 15.83 ? 113 LEU A CB  1 
ATOM   876  C  CG  . LEU A 1 113 ? -3.122  4.520   -0.236  1.00 21.54 ? 113 LEU A CG  1 
ATOM   877  C  CD1 . LEU A 1 113 ? -2.674  3.146   -0.718  1.00 15.75 ? 113 LEU A CD1 1 
ATOM   878  C  CD2 . LEU A 1 113 ? -4.624  4.537   0.070   1.00 19.61 ? 113 LEU A CD2 1 
ATOM   879  N  N   . TYR A 1 114 ? -0.068  6.454   2.463   1.00 21.68 ? 114 TYR A N   1 
ATOM   880  C  CA  . TYR A 1 114 ? 0.712   7.670   2.655   1.00 21.39 ? 114 TYR A CA  1 
ATOM   881  C  C   . TYR A 1 114 ? 2.182   7.367   2.903   1.00 18.39 ? 114 TYR A C   1 
ATOM   882  O  O   . TYR A 1 114 ? 3.049   8.132   2.504   1.00 20.69 ? 114 TYR A O   1 
ATOM   883  C  CB  . TYR A 1 114 ? 0.169   8.498   3.818   1.00 23.63 ? 114 TYR A CB  1 
ATOM   884  C  CG  . TYR A 1 114 ? 0.751   9.882   3.833   1.00 27.79 ? 114 TYR A CG  1 
ATOM   885  C  CD1 . TYR A 1 114 ? 1.965   10.138  4.474   1.00 30.90 ? 114 TYR A CD1 1 
ATOM   886  C  CD2 . TYR A 1 114 ? 0.124   10.929  3.158   1.00 27.82 ? 114 TYR A CD2 1 
ATOM   887  C  CE1 . TYR A 1 114 ? 2.546   11.402  4.443   1.00 33.61 ? 114 TYR A CE1 1 
ATOM   888  C  CE2 . TYR A 1 114 ? 0.696   12.197  3.118   1.00 33.04 ? 114 TYR A CE2 1 
ATOM   889  C  CZ  . TYR A 1 114 ? 1.908   12.428  3.762   1.00 33.98 ? 114 TYR A CZ  1 
ATOM   890  O  OH  . TYR A 1 114 ? 2.487   13.680  3.718   1.00 35.01 ? 114 TYR A OH  1 
ATOM   891  N  N   . VAL A 1 115 ? 2.463   6.263   3.580   1.00 14.29 ? 115 VAL A N   1 
ATOM   892  C  CA  . VAL A 1 115 ? 3.839   5.893   3.822   1.00 16.17 ? 115 VAL A CA  1 
ATOM   893  C  C   . VAL A 1 115 ? 4.462   5.516   2.481   1.00 18.67 ? 115 VAL A C   1 
ATOM   894  O  O   . VAL A 1 115 ? 5.643   5.756   2.254   1.00 19.00 ? 115 VAL A O   1 
ATOM   895  C  CB  . VAL A 1 115 ? 3.942   4.686   4.775   1.00 17.15 ? 115 VAL A CB  1 
ATOM   896  C  CG1 . VAL A 1 115 ? 5.264   3.977   4.567   1.00 22.94 ? 115 VAL A CG1 1 
ATOM   897  C  CG2 . VAL A 1 115 ? 3.831   5.145   6.217   1.00 16.67 ? 115 VAL A CG2 1 
ATOM   898  N  N   . ALA A 1 116 ? 3.658   4.929   1.594   1.00 18.53 ? 116 ALA A N   1 
ATOM   899  C  CA  . ALA A 1 116 ? 4.133   4.505   0.280   1.00 20.86 ? 116 ALA A CA  1 
ATOM   900  C  C   . ALA A 1 116 ? 4.663   5.627   -0.607  1.00 22.59 ? 116 ALA A C   1 
ATOM   901  O  O   . ALA A 1 116 ? 5.774   5.528   -1.132  1.00 18.43 ? 116 ALA A O   1 
ATOM   902  C  CB  . ALA A 1 116 ? 3.031   3.749   -0.454  1.00 19.29 ? 116 ALA A CB  1 
ATOM   903  N  N   . GLU A 1 117 ? 3.874   6.690   -0.768  1.00 27.39 ? 117 GLU A N   1 
ATOM   904  C  CA  . GLU A 1 117 ? 4.261   7.817   -1.622  1.00 32.64 ? 117 GLU A CA  1 
ATOM   905  C  C   . GLU A 1 117 ? 4.039   9.188   -0.981  1.00 33.78 ? 117 GLU A C   1 
ATOM   906  O  O   . GLU A 1 117 ? 4.154   10.209  -1.660  1.00 33.42 ? 117 GLU A O   1 
ATOM   907  C  CB  . GLU A 1 117 ? 3.477   7.759   -2.946  1.00 37.18 ? 117 GLU A CB  1 
ATOM   908  C  CG  . GLU A 1 117 ? 4.301   7.391   -4.186  1.00 43.94 ? 117 GLU A CG  1 
ATOM   909  C  CD  . GLU A 1 117 ? 3.447   6.854   -5.338  1.00 47.75 ? 117 GLU A CD  1 
ATOM   910  O  OE1 . GLU A 1 117 ? 2.324   7.363   -5.543  1.00 47.57 ? 117 GLU A OE1 1 
ATOM   911  O  OE2 . GLU A 1 117 ? 3.903   5.923   -6.043  1.00 49.35 ? 117 GLU A OE2 1 
ATOM   912  N  N   . GLY A 1 118 ? 3.732   9.214   0.313   1.00 34.35 ? 118 GLY A N   1 
ATOM   913  C  CA  . GLY A 1 118 ? 3.476   10.477  0.993   1.00 37.03 ? 118 GLY A CA  1 
ATOM   914  C  C   . GLY A 1 118 ? 4.659   11.292  1.503   1.00 38.21 ? 118 GLY A C   1 
ATOM   915  O  O   . GLY A 1 118 ? 5.758   10.766  1.725   1.00 39.23 ? 118 GLY A O   1 
ATOM   916  N  N   . ASP A 1 119 ? 4.415   12.588  1.699   1.00 37.97 ? 119 ASP A N   1 
ATOM   917  C  CA  . ASP A 1 119 ? 5.428   13.539  2.188   1.00 39.01 ? 119 ASP A CA  1 
ATOM   918  C  C   . ASP A 1 119 ? 5.756   13.331  3.676   1.00 37.33 ? 119 ASP A C   1 
ATOM   919  O  O   . ASP A 1 119 ? 4.974   13.698  4.551   1.00 37.00 ? 119 ASP A O   1 
ATOM   920  C  CB  . ASP A 1 119 ? 4.924   14.972  1.958   1.00 36.82 ? 119 ASP A CB  1 
ATOM   921  C  CG  . ASP A 1 119 ? 5.986   16.023  2.206   1.00 34.69 ? 119 ASP A CG  1 
ATOM   922  O  OD1 . ASP A 1 119 ? 7.110   15.664  2.606   1.00 33.68 ? 119 ASP A OD1 1 
ATOM   923  O  OD2 . ASP A 1 119 ? 5.693   17.218  1.998   1.00 33.79 ? 119 ASP A OD2 1 
ATOM   924  N  N   . LYS A 1 120 ? 6.917   12.744  3.951   1.00 37.34 ? 120 LYS A N   1 
ATOM   925  C  CA  . LYS A 1 120 ? 7.342   12.474  5.322   1.00 39.19 ? 120 LYS A CA  1 
ATOM   926  C  C   . LYS A 1 120 ? 7.562   13.769  6.098   1.00 38.37 ? 120 LYS A C   1 
ATOM   927  O  O   . LYS A 1 120 ? 7.633   13.773  7.326   1.00 37.83 ? 120 LYS A O   1 
ATOM   928  C  CB  . LYS A 1 120 ? 8.627   11.635  5.314   1.00 42.92 ? 120 LYS A CB  1 
ATOM   929  C  CG  . LYS A 1 120 ? 8.421   10.120  5.082   1.00 46.25 ? 120 LYS A CG  1 
ATOM   930  C  CD  . LYS A 1 120 ? 7.160   9.802   4.273   1.00 46.32 ? 120 LYS A CD  1 
ATOM   931  C  CE  . LYS A 1 120 ? 6.046   9.286   5.171   1.00 46.22 ? 120 LYS A CE  1 
ATOM   932  N  NZ  . LYS A 1 120 ? 6.592   8.483   6.300   1.00 44.55 ? 120 LYS A NZ  1 
ATOM   933  N  N   . THR A 1 121 ? 7.664   14.864  5.360   1.00 38.45 ? 121 THR A N   1 
ATOM   934  C  CA  . THR A 1 121 ? 7.854   16.184  5.931   1.00 39.62 ? 121 THR A CA  1 
ATOM   935  C  C   . THR A 1 121 ? 6.483   16.714  6.344   1.00 42.09 ? 121 THR A C   1 
ATOM   936  O  O   . THR A 1 121 ? 6.367   17.544  7.242   1.00 43.37 ? 121 THR A O   1 
ATOM   937  C  CB  . THR A 1 121 ? 8.498   17.125  4.889   1.00 40.16 ? 121 THR A CB  1 
ATOM   938  O  OG1 . THR A 1 121 ? 9.904   17.215  5.141   1.00 44.70 ? 121 THR A OG1 1 
ATOM   939  C  CG2 . THR A 1 121 ? 7.887   18.507  4.939   1.00 40.38 ? 121 THR A CG2 1 
ATOM   940  N  N   . LEU A 1 122 ? 5.446   16.212  5.687   1.00 43.51 ? 122 LEU A N   1 
ATOM   941  C  CA  . LEU A 1 122 ? 4.075   16.612  5.969   1.00 45.86 ? 122 LEU A CA  1 
ATOM   942  C  C   . LEU A 1 122 ? 3.767   18.036  5.516   1.00 45.92 ? 122 LEU A C   1 
ATOM   943  O  O   . LEU A 1 122 ? 2.776   18.629  5.936   1.00 43.54 ? 122 LEU A O   1 
ATOM   944  C  CB  . LEU A 1 122 ? 3.769   16.470  7.462   1.00 47.66 ? 122 LEU A CB  1 
ATOM   945  C  CG  . LEU A 1 122 ? 4.005   15.120  8.149   1.00 49.94 ? 122 LEU A CG  1 
ATOM   946  C  CD1 . LEU A 1 122 ? 2.968   14.957  9.244   1.00 50.82 ? 122 LEU A CD1 1 
ATOM   947  C  CD2 . LEU A 1 122 ? 3.917   13.970  7.156   1.00 50.30 ? 122 LEU A CD2 1 
ATOM   948  N  N   . LYS A 1 123 ? 4.624   18.589  4.666   1.00 47.56 ? 123 LYS A N   1 
ATOM   949  C  CA  . LYS A 1 123 ? 4.393   19.929  4.145   1.00 48.30 ? 123 LYS A CA  1 
ATOM   950  C  C   . LYS A 1 123 ? 3.297   19.750  3.104   1.00 46.28 ? 123 LYS A C   1 
ATOM   951  O  O   . LYS A 1 123 ? 2.473   20.635  2.876   1.00 45.29 ? 123 LYS A O   1 
ATOM   952  C  CB  . LYS A 1 123 ? 5.665   20.481  3.492   1.00 54.25 ? 123 LYS A CB  1 
ATOM   953  C  CG  . LYS A 1 123 ? 5.619   20.567  1.964   1.00 61.34 ? 123 LYS A CG  1 
ATOM   954  C  CD  . LYS A 1 123 ? 6.890   21.188  1.392   1.00 67.26 ? 123 LYS A CD  1 
ATOM   955  C  CE  . LYS A 1 123 ? 6.709   22.681  1.118   1.00 71.92 ? 123 LYS A CE  1 
ATOM   956  N  NZ  . LYS A 1 123 ? 7.904   23.491  1.526   1.00 74.76 ? 123 LYS A NZ  1 
ATOM   957  N  N   . ARG A 1 124 ? 3.312   18.575  2.480   1.00 45.31 ? 124 ARG A N   1 
ATOM   958  C  CA  . ARG A 1 124 ? 2.343   18.190  1.464   1.00 43.17 ? 124 ARG A CA  1 
ATOM   959  C  C   . ARG A 1 124 ? 1.701   16.885  1.928   1.00 40.20 ? 124 ARG A C   1 
ATOM   960  O  O   . ARG A 1 124 ? 2.391   15.959  2.348   1.00 39.53 ? 124 ARG A O   1 
ATOM   961  C  CB  . ARG A 1 124 ? 3.040   17.962  0.115   1.00 46.61 ? 124 ARG A CB  1 
ATOM   962  C  CG  . ARG A 1 124 ? 3.488   19.226  -0.599  1.00 45.62 ? 124 ARG A CG  1 
ATOM   963  C  CD  . ARG A 1 124 ? 2.384   20.257  -0.618  1.00 46.76 ? 124 ARG A CD  1 
ATOM   964  N  NE  . ARG A 1 124 ? 1.473   20.069  -1.739  1.00 49.86 ? 124 ARG A NE  1 
ATOM   965  C  CZ  . ARG A 1 124 ? 0.155   19.944  -1.620  1.00 53.07 ? 124 ARG A CZ  1 
ATOM   966  N  NH1 . ARG A 1 124 ? -0.414  19.985  -0.420  1.00 54.96 ? 124 ARG A NH1 1 
ATOM   967  N  NH2 . ARG A 1 124 ? -0.600  19.796  -2.702  1.00 54.21 ? 124 ARG A NH2 1 
ATOM   968  N  N   . LEU A 1 125 ? 0.378   16.813  1.861   1.00 36.84 ? 125 LEU A N   1 
ATOM   969  C  CA  . LEU A 1 125 ? -0.332  15.612  2.279   1.00 32.02 ? 125 LEU A CA  1 
ATOM   970  C  C   . LEU A 1 125 ? -1.124  15.091  1.093   1.00 29.88 ? 125 LEU A C   1 
ATOM   971  O  O   . LEU A 1 125 ? -2.318  15.366  0.957   1.00 26.40 ? 125 LEU A O   1 
ATOM   972  C  CB  . LEU A 1 125 ? -1.278  15.927  3.445   1.00 30.52 ? 125 LEU A CB  1 
ATOM   973  C  CG  . LEU A 1 125 ? -0.675  16.554  4.709   1.00 30.67 ? 125 LEU A CG  1 
ATOM   974  C  CD1 . LEU A 1 125 ? -1.715  17.421  5.395   1.00 28.12 ? 125 LEU A CD1 1 
ATOM   975  C  CD2 . LEU A 1 125 ? -0.196  15.467  5.645   1.00 29.51 ? 125 LEU A CD2 1 
ATOM   976  N  N   . ARG A 1 126 ? -0.461  14.328  0.232   1.00 29.56 ? 126 ARG A N   1 
ATOM   977  C  CA  . ARG A 1 126 ? -1.137  13.807  -0.946  1.00 29.86 ? 126 ARG A CA  1 
ATOM   978  C  C   . ARG A 1 126 ? -0.923  12.322  -1.222  1.00 30.04 ? 126 ARG A C   1 
ATOM   979  O  O   . ARG A 1 126 ? 0.094   11.732  -0.854  1.00 30.58 ? 126 ARG A O   1 
ATOM   980  C  CB  . ARG A 1 126 ? -0.739  14.632  -2.173  1.00 28.92 ? 126 ARG A CB  1 
ATOM   981  C  CG  . ARG A 1 126 ? 0.746   14.653  -2.452  1.00 33.44 ? 126 ARG A CG  1 
ATOM   982  C  CD  . ARG A 1 126 ? 1.299   16.076  -2.516  1.00 32.26 ? 126 ARG A CD  1 
ATOM   983  N  NE  . ARG A 1 126 ? 0.914   16.771  -3.740  1.00 26.62 ? 126 ARG A NE  1 
ATOM   984  C  CZ  . ARG A 1 126 ? 1.742   17.525  -4.462  1.00 24.12 ? 126 ARG A CZ  1 
ATOM   985  N  NH1 . ARG A 1 126 ? 3.006   17.681  -4.085  1.00 25.25 ? 126 ARG A NH1 1 
ATOM   986  N  NH2 . ARG A 1 126 ? 1.301   18.154  -5.544  1.00 23.16 ? 126 ARG A NH2 1 
ATOM   987  N  N   . ILE A 1 127 ? -1.927  11.727  -1.857  1.00 33.50 ? 127 ILE A N   1 
ATOM   988  C  CA  . ILE A 1 127 ? -1.923  10.318  -2.244  1.00 34.18 ? 127 ILE A CA  1 
ATOM   989  C  C   . ILE A 1 127 ? -2.371  10.294  -3.717  1.00 33.33 ? 127 ILE A C   1 
ATOM   990  O  O   . ILE A 1 127 ? -3.361  10.931  -4.083  1.00 31.46 ? 127 ILE A O   1 
ATOM   991  C  CB  . ILE A 1 127 ? -2.917  9.493   -1.372  1.00 34.64 ? 127 ILE A CB  1 
ATOM   992  C  CG1 . ILE A 1 127 ? -2.385  9.392   0.064   1.00 32.29 ? 127 ILE A CG1 1 
ATOM   993  C  CG2 . ILE A 1 127 ? -3.136  8.102   -1.980  1.00 32.33 ? 127 ILE A CG2 1 
ATOM   994  C  CD1 . ILE A 1 127 ? -3.470  9.338   1.119   1.00 25.15 ? 127 ILE A CD1 1 
ATOM   995  N  N   . TRP A 1 128 ? -1.639  9.580   -4.563  1.00 32.13 ? 128 TRP A N   1 
ATOM   996  C  CA  . TRP A 1 128 ? -1.981  9.522   -5.981  1.00 32.66 ? 128 TRP A CA  1 
ATOM   997  C  C   . TRP A 1 128 ? -2.307  8.122   -6.468  1.00 32.92 ? 128 TRP A C   1 
ATOM   998  O  O   . TRP A 1 128 ? -1.738  7.140   -6.003  1.00 36.19 ? 128 TRP A O   1 
ATOM   999  C  CB  . TRP A 1 128 ? -0.841  10.081  -6.830  1.00 31.96 ? 128 TRP A CB  1 
ATOM   1000 C  CG  . TRP A 1 128 ? 0.128   10.937  -6.080  1.00 34.86 ? 128 TRP A CG  1 
ATOM   1001 C  CD1 . TRP A 1 128 ? 0.747   10.646  -4.892  1.00 35.61 ? 128 TRP A CD1 1 
ATOM   1002 C  CD2 . TRP A 1 128 ? 0.620   12.217  -6.483  1.00 35.11 ? 128 TRP A CD2 1 
ATOM   1003 N  NE1 . TRP A 1 128 ? 1.595   11.665  -4.533  1.00 37.00 ? 128 TRP A NE1 1 
ATOM   1004 C  CE2 . TRP A 1 128 ? 1.537   12.644  -5.492  1.00 37.03 ? 128 TRP A CE2 1 
ATOM   1005 C  CE3 . TRP A 1 128 ? 0.379   13.047  -7.586  1.00 32.17 ? 128 TRP A CE3 1 
ATOM   1006 C  CZ2 . TRP A 1 128 ? 2.211   13.863  -5.571  1.00 36.61 ? 128 TRP A CZ2 1 
ATOM   1007 C  CZ3 . TRP A 1 128 ? 1.051   14.258  -7.665  1.00 33.47 ? 128 TRP A CZ3 1 
ATOM   1008 C  CH2 . TRP A 1 128 ? 1.955   14.653  -6.663  1.00 37.49 ? 128 TRP A CH2 1 
ATOM   1009 N  N   . ASN A 1 129 ? -3.230  8.039   -7.413  1.00 31.39 ? 129 ASN A N   1 
ATOM   1010 C  CA  . ASN A 1 129 ? -3.614  6.759   -7.979  1.00 31.61 ? 129 ASN A CA  1 
ATOM   1011 C  C   . ASN A 1 129 ? -4.406  6.930   -9.264  1.00 30.87 ? 129 ASN A C   1 
ATOM   1012 O  O   . ASN A 1 129 ? -5.232  7.835   -9.389  1.00 27.72 ? 129 ASN A O   1 
ATOM   1013 C  CB  . ASN A 1 129 ? -4.434  5.942   -6.979  1.00 33.53 ? 129 ASN A CB  1 
ATOM   1014 C  CG  . ASN A 1 129 ? -4.294  4.451   -7.209  1.00 35.80 ? 129 ASN A CG  1 
ATOM   1015 O  OD1 . ASN A 1 129 ? -5.025  3.856   -8.007  1.00 37.93 ? 129 ASN A OD1 1 
ATOM   1016 N  ND2 . ASN A 1 129 ? -3.338  3.837   -6.519  1.00 37.11 ? 129 ASN A ND2 1 
ATOM   1017 N  N   . LYS A 1 130 ? -4.146  6.054   -10.224 1.00 28.56 ? 130 LYS A N   1 
ATOM   1018 C  CA  . LYS A 1 130 ? -4.840  6.116   -11.492 1.00 28.70 ? 130 LYS A CA  1 
ATOM   1019 C  C   . LYS A 1 130 ? -6.231  5.499   -11.350 1.00 26.42 ? 130 LYS A C   1 
ATOM   1020 O  O   . LYS A 1 130 ? -7.061  5.576   -12.252 1.00 28.75 ? 130 LYS A O   1 
ATOM   1021 C  CB  . LYS A 1 130 ? -4.016  5.388   -12.552 1.00 34.24 ? 130 LYS A CB  1 
ATOM   1022 C  CG  . LYS A 1 130 ? -2.556  5.143   -12.142 1.00 34.20 ? 130 LYS A CG  1 
ATOM   1023 C  CD  . LYS A 1 130 ? -1.559  5.726   -13.144 1.00 33.31 ? 130 LYS A CD  1 
ATOM   1024 C  CE  . LYS A 1 130 ? -1.810  5.241   -14.568 1.00 27.31 ? 130 LYS A CE  1 
ATOM   1025 N  NZ  . LYS A 1 130 ? -0.873  5.880   -15.542 1.00 25.01 ? 130 LYS A NZ  1 
ATOM   1026 N  N   . ASN A 1 131 ? -6.492  4.904   -10.195 1.00 26.15 ? 131 ASN A N   1 
ATOM   1027 C  CA  . ASN A 1 131 ? -7.785  4.287   -9.939  1.00 25.74 ? 131 ASN A CA  1 
ATOM   1028 C  C   . ASN A 1 131 ? -8.663  5.181   -9.053  1.00 28.16 ? 131 ASN A C   1 
ATOM   1029 O  O   . ASN A 1 131 ? -8.627  5.074   -7.822  1.00 28.14 ? 131 ASN A O   1 
ATOM   1030 C  CB  . ASN A 1 131 ? -7.582  2.930   -9.272  1.00 23.43 ? 131 ASN A CB  1 
ATOM   1031 C  CG  . ASN A 1 131 ? -8.860  2.136   -9.182  1.00 25.25 ? 131 ASN A CG  1 
ATOM   1032 O  OD1 . ASN A 1 131 ? -9.937  2.643   -9.475  1.00 26.66 ? 131 ASN A OD1 1 
ATOM   1033 N  ND2 . ASN A 1 131 ? -8.748  0.883   -8.774  1.00 27.79 ? 131 ASN A ND2 1 
ATOM   1034 N  N   . LYS A 1 132 ? -9.463  6.044   -9.680  1.00 27.33 ? 132 LYS A N   1 
ATOM   1035 C  CA  . LYS A 1 132 ? -10.328 6.967   -8.939  1.00 26.80 ? 132 LYS A CA  1 
ATOM   1036 C  C   . LYS A 1 132 ? -11.252 6.302   -7.932  1.00 26.41 ? 132 LYS A C   1 
ATOM   1037 O  O   . LYS A 1 132 ? -11.361 6.746   -6.794  1.00 24.06 ? 132 LYS A O   1 
ATOM   1038 C  CB  . LYS A 1 132 ? -11.172 7.811   -9.904  1.00 27.83 ? 132 LYS A CB  1 
ATOM   1039 C  CG  . LYS A 1 132 ? -11.916 8.976   -9.239  1.00 25.42 ? 132 LYS A CG  1 
ATOM   1040 C  CD  . LYS A 1 132 ? -12.537 9.898   -10.276 1.00 27.75 ? 132 LYS A CD  1 
ATOM   1041 C  CE  . LYS A 1 132 ? -13.386 10.997  -9.647  1.00 31.46 ? 132 LYS A CE  1 
ATOM   1042 N  NZ  . LYS A 1 132 ? -14.851 10.681  -9.649  1.00 28.41 ? 132 LYS A NZ  1 
ATOM   1043 N  N   . ALA A 1 133 ? -11.916 5.237   -8.354  1.00 25.54 ? 133 ALA A N   1 
ATOM   1044 C  CA  . ALA A 1 133 ? -12.853 4.539   -7.485  1.00 27.70 ? 133 ALA A CA  1 
ATOM   1045 C  C   . ALA A 1 133 ? -12.268 4.109   -6.139  1.00 28.15 ? 133 ALA A C   1 
ATOM   1046 O  O   . ALA A 1 133 ? -12.997 4.013   -5.149  1.00 30.43 ? 133 ALA A O   1 
ATOM   1047 C  CB  . ALA A 1 133 ? -13.428 3.328   -8.218  1.00 25.72 ? 133 ALA A CB  1 
ATOM   1048 N  N   . LEU A 1 134 ? -10.965 3.837   -6.101  1.00 26.75 ? 134 LEU A N   1 
ATOM   1049 C  CA  . LEU A 1 134 ? -10.318 3.408   -4.863  1.00 22.88 ? 134 LEU A CA  1 
ATOM   1050 C  C   . LEU A 1 134 ? -10.058 4.617   -3.979  1.00 19.26 ? 134 LEU A C   1 
ATOM   1051 O  O   . LEU A 1 134 ? -10.223 4.557   -2.769  1.00 19.61 ? 134 LEU A O   1 
ATOM   1052 C  CB  . LEU A 1 134 ? -8.995  2.678   -5.173  1.00 21.96 ? 134 LEU A CB  1 
ATOM   1053 C  CG  . LEU A 1 134 ? -7.912  2.539   -4.090  1.00 18.72 ? 134 LEU A CG  1 
ATOM   1054 C  CD1 . LEU A 1 134 ? -8.259  1.424   -3.131  1.00 22.01 ? 134 LEU A CD1 1 
ATOM   1055 C  CD2 . LEU A 1 134 ? -6.579  2.239   -4.737  1.00 20.78 ? 134 LEU A CD2 1 
ATOM   1056 N  N   . LEU A 1 135 ? -9.653  5.717   -4.599  1.00 17.08 ? 135 LEU A N   1 
ATOM   1057 C  CA  . LEU A 1 135 ? -9.357  6.950   -3.877  1.00 20.63 ? 135 LEU A CA  1 
ATOM   1058 C  C   . LEU A 1 135 ? -10.597 7.506   -3.187  1.00 21.96 ? 135 LEU A C   1 
ATOM   1059 O  O   . LEU A 1 135 ? -10.525 8.039   -2.086  1.00 22.25 ? 135 LEU A O   1 
ATOM   1060 C  CB  . LEU A 1 135 ? -8.814  8.003   -4.844  1.00 15.45 ? 135 LEU A CB  1 
ATOM   1061 C  CG  . LEU A 1 135 ? -7.379  7.846   -5.329  1.00 17.47 ? 135 LEU A CG  1 
ATOM   1062 C  CD1 . LEU A 1 135 ? -7.043  8.986   -6.285  1.00 11.82 ? 135 LEU A CD1 1 
ATOM   1063 C  CD2 . LEU A 1 135 ? -6.436  7.844   -4.136  1.00 17.21 ? 135 LEU A CD2 1 
ATOM   1064 N  N   . GLU A 1 136 ? -11.731 7.369   -3.863  1.00 23.45 ? 136 GLU A N   1 
ATOM   1065 C  CA  . GLU A 1 136 ? -13.007 7.847   -3.379  1.00 21.34 ? 136 GLU A CA  1 
ATOM   1066 C  C   . GLU A 1 136 ? -13.485 7.078   -2.174  1.00 21.74 ? 136 GLU A C   1 
ATOM   1067 O  O   . GLU A 1 136 ? -14.172 7.633   -1.330  1.00 23.21 ? 136 GLU A O   1 
ATOM   1068 C  CB  . GLU A 1 136 ? -14.050 7.746   -4.488  1.00 25.33 ? 136 GLU A CB  1 
ATOM   1069 C  CG  . GLU A 1 136 ? -13.580 8.290   -5.818  1.00 26.37 ? 136 GLU A CG  1 
ATOM   1070 C  CD  . GLU A 1 136 ? -14.605 9.177   -6.478  1.00 31.41 ? 136 GLU A CD  1 
ATOM   1071 O  OE1 . GLU A 1 136 ? -15.545 8.638   -7.102  1.00 34.19 ? 136 GLU A OE1 1 
ATOM   1072 O  OE2 . GLU A 1 136 ? -14.469 10.414  -6.373  1.00 34.76 ? 136 GLU A OE2 1 
ATOM   1073 N  N   . ILE A 1 137 ? -13.149 5.797   -2.096  1.00 20.86 ? 137 ILE A N   1 
ATOM   1074 C  CA  . ILE A 1 137 ? -13.569 5.006   -0.949  1.00 22.86 ? 137 ILE A CA  1 
ATOM   1075 C  C   . ILE A 1 137 ? -12.630 5.348   0.201   1.00 22.71 ? 137 ILE A C   1 
ATOM   1076 O  O   . ILE A 1 137 ? -12.980 5.205   1.374   1.00 25.01 ? 137 ILE A O   1 
ATOM   1077 C  CB  . ILE A 1 137 ? -13.555 3.488   -1.270  1.00 24.14 ? 137 ILE A CB  1 
ATOM   1078 C  CG1 . ILE A 1 137 ? -13.066 2.683   -0.071  1.00 25.36 ? 137 ILE A CG1 1 
ATOM   1079 C  CG2 . ILE A 1 137 ? -12.698 3.217   -2.478  1.00 32.88 ? 137 ILE A CG2 1 
ATOM   1080 C  CD1 . ILE A 1 137 ? -13.851 1.403   0.134   1.00 30.16 ? 137 ILE A CD1 1 
ATOM   1081 N  N   . VAL A 1 138 ? -11.442 5.824   -0.160  1.00 21.90 ? 138 VAL A N   1 
ATOM   1082 C  CA  . VAL A 1 138 ? -10.421 6.245   0.788   1.00 20.51 ? 138 VAL A CA  1 
ATOM   1083 C  C   . VAL A 1 138 ? -10.830 7.631   1.319   1.00 22.79 ? 138 VAL A C   1 
ATOM   1084 O  O   . VAL A 1 138 ? -10.749 7.914   2.517   1.00 21.17 ? 138 VAL A O   1 
ATOM   1085 C  CB  . VAL A 1 138 ? -9.059  6.336   0.085   1.00 21.38 ? 138 VAL A CB  1 
ATOM   1086 C  CG1 . VAL A 1 138 ? -8.065  7.113   0.927   1.00 19.43 ? 138 VAL A CG1 1 
ATOM   1087 C  CG2 . VAL A 1 138 ? -8.543  4.929   -0.191  1.00 24.03 ? 138 VAL A CG2 1 
ATOM   1088 N  N   . SER A 1 139 ? -11.283 8.480   0.403   1.00 22.58 ? 139 SER A N   1 
ATOM   1089 C  CA  . SER A 1 139 ? -11.736 9.828   0.715   1.00 22.62 ? 139 SER A CA  1 
ATOM   1090 C  C   . SER A 1 139 ? -12.895 9.785   1.709   1.00 22.58 ? 139 SER A C   1 
ATOM   1091 O  O   . SER A 1 139 ? -13.001 10.640  2.589   1.00 23.22 ? 139 SER A O   1 
ATOM   1092 C  CB  . SER A 1 139 ? -12.175 10.528  -0.575  1.00 21.72 ? 139 SER A CB  1 
ATOM   1093 O  OG  . SER A 1 139 ? -12.633 11.846  -0.332  1.00 23.38 ? 139 SER A OG  1 
ATOM   1094 N  N   . ARG A 1 140 ? -13.758 8.786   1.574   1.00 23.06 ? 140 ARG A N   1 
ATOM   1095 C  CA  . ARG A 1 140 ? -14.909 8.642   2.462   1.00 23.68 ? 140 ARG A CA  1 
ATOM   1096 C  C   . ARG A 1 140 ? -14.454 8.148   3.812   1.00 23.33 ? 140 ARG A C   1 
ATOM   1097 O  O   . ARG A 1 140 ? -15.074 8.427   4.836   1.00 25.55 ? 140 ARG A O   1 
ATOM   1098 C  CB  . ARG A 1 140 ? -15.907 7.648   1.890   1.00 24.19 ? 140 ARG A CB  1 
ATOM   1099 C  CG  . ARG A 1 140 ? -17.306 8.171   1.829   1.00 28.94 ? 140 ARG A CG  1 
ATOM   1100 C  CD  . ARG A 1 140 ? -18.243 7.110   1.321   1.00 31.69 ? 140 ARG A CD  1 
ATOM   1101 N  NE  . ARG A 1 140 ? -18.617 7.354   -0.065  1.00 39.68 ? 140 ARG A NE  1 
ATOM   1102 C  CZ  . ARG A 1 140 ? -19.705 6.849   -0.640  1.00 45.49 ? 140 ARG A CZ  1 
ATOM   1103 N  NH1 . ARG A 1 140 ? -20.520 6.074   0.063   1.00 48.29 ? 140 ARG A NH1 1 
ATOM   1104 N  NH2 . ARG A 1 140 ? -19.981 7.115   -1.914  1.00 46.57 ? 140 ARG A NH2 1 
ATOM   1105 N  N   . TRP A 1 141 ? -13.370 7.393   3.812   1.00 23.94 ? 141 TRP A N   1 
ATOM   1106 C  CA  . TRP A 1 141 ? -12.836 6.879   5.057   1.00 21.44 ? 141 TRP A CA  1 
ATOM   1107 C  C   . TRP A 1 141 ? -12.252 8.042   5.841   1.00 18.97 ? 141 TRP A C   1 
ATOM   1108 O  O   . TRP A 1 141 ? -12.404 8.117   7.054   1.00 21.28 ? 141 TRP A O   1 
ATOM   1109 C  CB  . TRP A 1 141 ? -11.782 5.809   4.766   1.00 22.75 ? 141 TRP A CB  1 
ATOM   1110 C  CG  . TRP A 1 141 ? -12.417 4.529   4.258   1.00 29.45 ? 141 TRP A CG  1 
ATOM   1111 C  CD1 . TRP A 1 141 ? -13.759 4.264   4.158   1.00 29.34 ? 141 TRP A CD1 1 
ATOM   1112 C  CD2 . TRP A 1 141 ? -11.745 3.337   3.825   1.00 29.62 ? 141 TRP A CD2 1 
ATOM   1113 N  NE1 . TRP A 1 141 ? -13.959 2.986   3.696   1.00 30.84 ? 141 TRP A NE1 1 
ATOM   1114 C  CE2 . TRP A 1 141 ? -12.744 2.392   3.485   1.00 29.04 ? 141 TRP A CE2 1 
ATOM   1115 C  CE3 . TRP A 1 141 ? -10.399 2.973   3.694   1.00 28.66 ? 141 TRP A CE3 1 
ATOM   1116 C  CZ2 . TRP A 1 141 ? -12.439 1.109   3.023   1.00 29.12 ? 141 TRP A CZ2 1 
ATOM   1117 C  CZ3 . TRP A 1 141 ? -10.096 1.688   3.231   1.00 33.70 ? 141 TRP A CZ3 1 
ATOM   1118 C  CH2 . TRP A 1 141 ? -11.116 0.775   2.903   1.00 30.59 ? 141 TRP A CH2 1 
ATOM   1119 N  N   . LEU A 1 142 ? -11.609 8.962   5.136   1.00 15.41 ? 142 LEU A N   1 
ATOM   1120 C  CA  . LEU A 1 142 ? -11.018 10.130  5.768   1.00 16.80 ? 142 LEU A CA  1 
ATOM   1121 C  C   . LEU A 1 142 ? -12.105 11.074  6.313   1.00 17.49 ? 142 LEU A C   1 
ATOM   1122 O  O   . LEU A 1 142 ? -12.007 11.559  7.438   1.00 16.31 ? 142 LEU A O   1 
ATOM   1123 C  CB  . LEU A 1 142 ? -10.133 10.874  4.767   1.00 12.14 ? 142 LEU A CB  1 
ATOM   1124 C  CG  . LEU A 1 142 ? -8.627  10.591  4.752   1.00 18.83 ? 142 LEU A CG  1 
ATOM   1125 C  CD1 . LEU A 1 142 ? -8.298  9.448   5.697   1.00 23.37 ? 142 LEU A CD1 1 
ATOM   1126 C  CD2 . LEU A 1 142 ? -8.171  10.257  3.339   1.00 16.37 ? 142 LEU A CD2 1 
ATOM   1127 N  N   . ASN A 1 143 ? -13.141 11.327  5.527   1.00 17.93 ? 143 ASN A N   1 
ATOM   1128 C  CA  . ASN A 1 143 ? -14.207 12.219  5.969   1.00 21.08 ? 143 ASN A CA  1 
ATOM   1129 C  C   . ASN A 1 143 ? -14.848 11.665  7.223   1.00 24.22 ? 143 ASN A C   1 
ATOM   1130 O  O   . ASN A 1 143 ? -15.242 12.409  8.124   1.00 26.35 ? 143 ASN A O   1 
ATOM   1131 C  CB  . ASN A 1 143 ? -15.267 12.369  4.881   1.00 19.34 ? 143 ASN A CB  1 
ATOM   1132 C  CG  . ASN A 1 143 ? -14.863 13.354  3.812   1.00 19.42 ? 143 ASN A CG  1 
ATOM   1133 O  OD1 . ASN A 1 143 ? -15.011 13.101  2.622   1.00 21.12 ? 143 ASN A OD1 1 
ATOM   1134 N  ND2 . ASN A 1 143 ? -14.344 14.487  4.236   1.00 23.84 ? 143 ASN A ND2 1 
ATOM   1135 N  N   . ASN A 1 144 ? -14.935 10.343  7.279   1.00 24.81 ? 144 ASN A N   1 
ATOM   1136 C  CA  . ASN A 1 144 ? -15.542 9.667   8.405   1.00 23.61 ? 144 ASN A CA  1 
ATOM   1137 C  C   . ASN A 1 144 ? -14.776 9.865   9.695   1.00 23.97 ? 144 ASN A C   1 
ATOM   1138 O  O   . ASN A 1 144 ? -15.356 9.816   10.772  1.00 26.85 ? 144 ASN A O   1 
ATOM   1139 C  CB  . ASN A 1 144 ? -15.664 8.181   8.119   1.00 22.87 ? 144 ASN A CB  1 
ATOM   1140 C  CG  . ASN A 1 144 ? -16.565 7.494   9.094   1.00 24.46 ? 144 ASN A CG  1 
ATOM   1141 O  OD1 . ASN A 1 144 ? -17.728 7.865   9.233   1.00 28.41 ? 144 ASN A OD1 1 
ATOM   1142 N  ND2 . ASN A 1 144 ? -16.040 6.498   9.789   1.00 26.64 ? 144 ASN A ND2 1 
ATOM   1143 N  N   . LEU A 1 145 ? -13.469 10.066  9.584   1.00 23.80 ? 145 LEU A N   1 
ATOM   1144 C  CA  . LEU A 1 145 ? -12.627 10.285  10.749  1.00 22.09 ? 145 LEU A CA  1 
ATOM   1145 C  C   . LEU A 1 145 ? -12.449 11.777  10.974  1.00 23.47 ? 145 LEU A C   1 
ATOM   1146 O  O   . LEU A 1 145 ? -11.609 12.189  11.766  1.00 28.10 ? 145 LEU A O   1 
ATOM   1147 C  CB  . LEU A 1 145 ? -11.256 9.647   10.546  1.00 23.81 ? 145 LEU A CB  1 
ATOM   1148 C  CG  . LEU A 1 145 ? -11.255 8.183   10.127  1.00 17.61 ? 145 LEU A CG  1 
ATOM   1149 C  CD1 . LEU A 1 145 ? -9.894  7.822   9.554   1.00 16.47 ? 145 LEU A CD1 1 
ATOM   1150 C  CD2 . LEU A 1 145 ? -11.590 7.319   11.324  1.00 16.69 ? 145 LEU A CD2 1 
ATOM   1151 N  N   . GLY A 1 146 ? -13.209 12.589  10.249  1.00 23.72 ? 146 GLY A N   1 
ATOM   1152 C  CA  . GLY A 1 146 ? -13.121 14.027  10.425  1.00 25.30 ? 146 GLY A CA  1 
ATOM   1153 C  C   . GLY A 1 146 ? -11.954 14.751  9.786   1.00 27.67 ? 146 GLY A C   1 
ATOM   1154 O  O   . GLY A 1 146 ? -11.619 15.871  10.175  1.00 29.15 ? 146 GLY A O   1 
ATOM   1155 N  N   . VAL A 1 147 ? -11.322 14.131  8.805   1.00 27.19 ? 147 VAL A N   1 
ATOM   1156 C  CA  . VAL A 1 147 ? -10.203 14.772  8.139   1.00 24.47 ? 147 VAL A CA  1 
ATOM   1157 C  C   . VAL A 1 147 ? -10.729 15.279  6.813   1.00 26.19 ? 147 VAL A C   1 
ATOM   1158 O  O   . VAL A 1 147 ? -11.250 14.508  6.015   1.00 28.45 ? 147 VAL A O   1 
ATOM   1159 C  CB  . VAL A 1 147 ? -9.059  13.776  7.886   1.00 22.23 ? 147 VAL A CB  1 
ATOM   1160 C  CG1 . VAL A 1 147 ? -7.842  14.507  7.342   1.00 20.32 ? 147 VAL A CG1 1 
ATOM   1161 C  CG2 . VAL A 1 147 ? -8.721  13.043  9.167   1.00 16.39 ? 147 VAL A CG2 1 
ATOM   1162 N  N   . ARG A 1 148 ? -10.612 16.576  6.574   1.00 25.99 ? 148 ARG A N   1 
ATOM   1163 C  CA  . ARG A 1 148 ? -11.096 17.117  5.320   1.00 26.08 ? 148 ARG A CA  1 
ATOM   1164 C  C   . ARG A 1 148 ? -10.080 16.814  4.214   1.00 24.44 ? 148 ARG A C   1 
ATOM   1165 O  O   . ARG A 1 148 ? -8.867  16.950  4.407   1.00 19.97 ? 148 ARG A O   1 
ATOM   1166 C  CB  . ARG A 1 148 ? -11.350 18.621  5.461   1.00 28.92 ? 148 ARG A CB  1 
ATOM   1167 C  CG  . ARG A 1 148 ? -12.839 18.980  5.559   1.00 31.97 ? 148 ARG A CG  1 
ATOM   1168 C  CD  . ARG A 1 148 ? -13.252 19.521  6.933   1.00 33.47 ? 148 ARG A CD  1 
ATOM   1169 N  NE  . ARG A 1 148 ? -12.205 20.313  7.579   1.00 34.72 ? 148 ARG A NE  1 
ATOM   1170 C  CZ  . ARG A 1 148 ? -12.414 21.453  8.239   1.00 34.21 ? 148 ARG A CZ  1 
ATOM   1171 N  NH1 . ARG A 1 148 ? -13.639 21.945  8.346   1.00 31.54 ? 148 ARG A NH1 1 
ATOM   1172 N  NH2 . ARG A 1 148 ? -11.397 22.096  8.798   1.00 30.44 ? 148 ARG A NH2 1 
ATOM   1173 N  N   . ASN A 1 149 ? -10.590 16.411  3.051   1.00 24.24 ? 149 ASN A N   1 
ATOM   1174 C  CA  . ASN A 1 149 ? -9.745  16.038  1.920   1.00 22.32 ? 149 ASN A CA  1 
ATOM   1175 C  C   . ASN A 1 149 ? -10.411 16.254  0.570   1.00 24.97 ? 149 ASN A C   1 
ATOM   1176 O  O   . ASN A 1 149 ? -11.637 16.198  0.454   1.00 24.27 ? 149 ASN A O   1 
ATOM   1177 C  CB  . ASN A 1 149 ? -9.420  14.565  2.023   1.00 20.31 ? 149 ASN A CB  1 
ATOM   1178 C  CG  . ASN A 1 149 ? -10.602 13.701  1.646   1.00 16.18 ? 149 ASN A CG  1 
ATOM   1179 O  OD1 . ASN A 1 149 ? -11.373 13.265  2.509   1.00 14.77 ? 149 ASN A OD1 1 
ATOM   1180 N  ND2 . ASN A 1 149 ? -10.766 13.463  0.348   1.00 12.10 ? 149 ASN A ND2 1 
ATOM   1181 N  N   . THR A 1 150 ? -9.589  16.435  -0.460  1.00 27.27 ? 150 THR A N   1 
ATOM   1182 C  CA  . THR A 1 150 ? -10.081 16.645  -1.823  1.00 31.51 ? 150 THR A CA  1 
ATOM   1183 C  C   . THR A 1 150 ? -9.388  15.741  -2.855  1.00 33.46 ? 150 THR A C   1 
ATOM   1184 O  O   . THR A 1 150 ? -8.209  15.397  -2.719  1.00 34.35 ? 150 THR A O   1 
ATOM   1185 C  CB  . THR A 1 150 ? -9.869  18.100  -2.278  1.00 29.56 ? 150 THR A CB  1 
ATOM   1186 O  OG1 . THR A 1 150 ? -8.546  18.237  -2.807  1.00 29.78 ? 150 THR A OG1 1 
ATOM   1187 C  CG2 . THR A 1 150 ? -10.034 19.064  -1.116  1.00 31.66 ? 150 THR A CG2 1 
ATOM   1188 N  N   . ILE A 1 151 ? -10.132 15.369  -3.891  1.00 32.86 ? 151 ILE A N   1 
ATOM   1189 C  CA  . ILE A 1 151 ? -9.602  14.535  -4.970  1.00 32.49 ? 151 ILE A CA  1 
ATOM   1190 C  C   . ILE A 1 151 ? -9.770  15.288  -6.282  1.00 32.00 ? 151 ILE A C   1 
ATOM   1191 O  O   . ILE A 1 151 ? -10.755 15.998  -6.467  1.00 33.62 ? 151 ILE A O   1 
ATOM   1192 C  CB  . ILE A 1 151 ? -10.379 13.203  -5.115  1.00 29.01 ? 151 ILE A CB  1 
ATOM   1193 C  CG1 . ILE A 1 151 ? -10.216 12.340  -3.871  1.00 20.90 ? 151 ILE A CG1 1 
ATOM   1194 C  CG2 . ILE A 1 151 ? -9.884  12.447  -6.337  1.00 31.27 ? 151 ILE A CG2 1 
ATOM   1195 C  CD1 . ILE A 1 151 ? -11.159 11.159  -3.860  1.00 17.44 ? 151 ILE A CD1 1 
ATOM   1196 N  N   . HIS A 1 152 ? -8.817  15.134  -7.191  1.00 33.70 ? 152 HIS A N   1 
ATOM   1197 C  CA  . HIS A 1 152 ? -8.907  15.782  -8.494  1.00 35.04 ? 152 HIS A CA  1 
ATOM   1198 C  C   . HIS A 1 152 ? -7.834  15.272  -9.458  1.00 36.39 ? 152 HIS A C   1 
ATOM   1199 O  O   . HIS A 1 152 ? -6.663  15.154  -9.087  1.00 38.17 ? 152 HIS A O   1 
ATOM   1200 C  CB  . HIS A 1 152 ? -8.826  17.305  -8.343  1.00 33.58 ? 152 HIS A CB  1 
ATOM   1201 C  CG  . HIS A 1 152 ? -7.433  17.834  -8.259  1.00 30.38 ? 152 HIS A CG  1 
ATOM   1202 N  ND1 . HIS A 1 152 ? -6.703  17.821  -7.093  1.00 32.34 ? 152 HIS A ND1 1 
ATOM   1203 C  CD2 . HIS A 1 152 ? -6.644  18.413  -9.193  1.00 33.64 ? 152 HIS A CD2 1 
ATOM   1204 C  CE1 . HIS A 1 152 ? -5.521  18.369  -7.311  1.00 31.65 ? 152 HIS A CE1 1 
ATOM   1205 N  NE2 . HIS A 1 152 ? -5.460  18.737  -8.577  1.00 34.48 ? 152 HIS A NE2 1 
ATOM   1206 N  N   . LEU A 1 153 ? -8.255  14.962  -10.687 1.00 36.27 ? 153 LEU A N   1 
ATOM   1207 C  CA  . LEU A 1 153 ? -7.366  14.449  -11.727 1.00 32.16 ? 153 LEU A CA  1 
ATOM   1208 C  C   . LEU A 1 153 ? -6.116  15.298  -11.820 1.00 29.65 ? 153 LEU A C   1 
ATOM   1209 O  O   . LEU A 1 153 ? -6.188  16.478  -12.137 1.00 31.25 ? 153 LEU A O   1 
ATOM   1210 C  CB  . LEU A 1 153 ? -8.085  14.448  -13.079 1.00 35.77 ? 153 LEU A CB  1 
ATOM   1211 C  CG  . LEU A 1 153 ? -7.957  13.233  -14.007 1.00 35.99 ? 153 LEU A CG  1 
ATOM   1212 C  CD1 . LEU A 1 153 ? -6.935  12.239  -13.478 1.00 37.38 ? 153 LEU A CD1 1 
ATOM   1213 C  CD2 . LEU A 1 153 ? -9.320  12.576  -14.135 1.00 37.78 ? 153 LEU A CD2 1 
ATOM   1214 N  N   . ASP A 1 154 ? -4.973  14.687  -11.542 1.00 28.98 ? 154 ASP A N   1 
ATOM   1215 C  CA  . ASP A 1 154 ? -3.682  15.370  -11.575 1.00 30.82 ? 154 ASP A CA  1 
ATOM   1216 C  C   . ASP A 1 154 ? -3.038  15.303  -12.963 1.00 31.84 ? 154 ASP A C   1 
ATOM   1217 O  O   . ASP A 1 154 ? -2.795  16.323  -13.601 1.00 29.76 ? 154 ASP A O   1 
ATOM   1218 C  CB  . ASP A 1 154 ? -2.745  14.733  -10.543 1.00 31.27 ? 154 ASP A CB  1 
ATOM   1219 C  CG  . ASP A 1 154 ? -1.596  15.628  -10.168 1.00 31.99 ? 154 ASP A CG  1 
ATOM   1220 O  OD1 . ASP A 1 154 ? -1.371  16.642  -10.849 1.00 34.82 ? 154 ASP A OD1 1 
ATOM   1221 O  OD2 . ASP A 1 154 ? -0.909  15.316  -9.184  1.00 34.09 ? 154 ASP A OD2 1 
ATOM   1222 N  N   . ASP A 1 155 ? -2.751  14.086  -13.410 1.00 33.65 ? 155 ASP A N   1 
ATOM   1223 C  CA  . ASP A 1 155 ? -2.148  13.859  -14.715 1.00 35.64 ? 155 ASP A CA  1 
ATOM   1224 C  C   . ASP A 1 155 ? -3.267  13.423  -15.637 1.00 37.07 ? 155 ASP A C   1 
ATOM   1225 O  O   . ASP A 1 155 ? -3.768  12.309  -15.529 1.00 35.61 ? 155 ASP A O   1 
ATOM   1226 C  CB  . ASP A 1 155 ? -1.090  12.757  -14.634 1.00 36.39 ? 155 ASP A CB  1 
ATOM   1227 C  CG  . ASP A 1 155 ? -0.136  12.782  -15.809 1.00 37.12 ? 155 ASP A CG  1 
ATOM   1228 O  OD1 . ASP A 1 155 ? -0.573  13.134  -16.922 1.00 37.93 ? 155 ASP A OD1 1 
ATOM   1229 O  OD2 . ASP A 1 155 ? 1.054   12.449  -15.615 1.00 36.41 ? 155 ASP A OD2 1 
ATOM   1230 N  N   . HIS A 1 156 ? -3.661  14.310  -16.541 1.00 41.38 ? 156 HIS A N   1 
ATOM   1231 C  CA  . HIS A 1 156 ? -4.743  14.011  -17.465 1.00 42.04 ? 156 HIS A CA  1 
ATOM   1232 C  C   . HIS A 1 156 ? -4.337  13.071  -18.595 1.00 38.94 ? 156 HIS A C   1 
ATOM   1233 O  O   . HIS A 1 156 ? -5.134  12.245  -19.035 1.00 37.81 ? 156 HIS A O   1 
ATOM   1234 C  CB  . HIS A 1 156 ? -5.314  15.316  -18.024 1.00 47.72 ? 156 HIS A CB  1 
ATOM   1235 C  CG  . HIS A 1 156 ? -6.666  15.654  -17.479 1.00 53.18 ? 156 HIS A CG  1 
ATOM   1236 N  ND1 . HIS A 1 156 ? -7.828  15.466  -18.199 1.00 53.74 ? 156 HIS A ND1 1 
ATOM   1237 C  CD2 . HIS A 1 156 ? -7.046  16.128  -16.268 1.00 53.46 ? 156 HIS A CD2 1 
ATOM   1238 C  CE1 . HIS A 1 156 ? -8.864  15.807  -17.456 1.00 54.04 ? 156 HIS A CE1 1 
ATOM   1239 N  NE2 . HIS A 1 156 ? -8.417  16.212  -16.280 1.00 56.37 ? 156 HIS A NE2 1 
ATOM   1240 N  N   . ARG A 1 157 ? -3.100  13.190  -19.064 1.00 38.28 ? 157 ARG A N   1 
ATOM   1241 C  CA  . ARG A 1 157 ? -2.639  12.319  -20.135 1.00 37.56 ? 157 ARG A CA  1 
ATOM   1242 C  C   . ARG A 1 157 ? -2.701  10.878  -19.660 1.00 35.92 ? 157 ARG A C   1 
ATOM   1243 O  O   . ARG A 1 157 ? -3.328  10.029  -20.296 1.00 35.42 ? 157 ARG A O   1 
ATOM   1244 C  CB  . ARG A 1 157 ? -1.201  12.654  -20.544 1.00 41.06 ? 157 ARG A CB  1 
ATOM   1245 C  CG  . ARG A 1 157 ? -0.652  11.752  -21.655 1.00 44.07 ? 157 ARG A CG  1 
ATOM   1246 C  CD  . ARG A 1 157 ? 0.646   12.296  -22.260 1.00 46.20 ? 157 ARG A CD  1 
ATOM   1247 N  NE  . ARG A 1 157 ? 0.427   12.990  -23.529 1.00 48.03 ? 157 ARG A NE  1 
ATOM   1248 C  CZ  . ARG A 1 157 ? 0.097   12.391  -24.672 1.00 49.53 ? 157 ARG A CZ  1 
ATOM   1249 N  NH1 . ARG A 1 157 ? -0.056  11.072  -24.714 1.00 50.79 ? 157 ARG A NH1 1 
ATOM   1250 N  NH2 . ARG A 1 157 ? -0.081  13.110  -25.776 1.00 47.64 ? 157 ARG A NH2 1 
ATOM   1251 N  N   . HIS A 1 158 ? -2.060  10.613  -18.526 1.00 31.86 ? 158 HIS A N   1 
ATOM   1252 C  CA  . HIS A 1 158 ? -2.017  9.273   -17.970 1.00 25.90 ? 158 HIS A CA  1 
ATOM   1253 C  C   . HIS A 1 158 ? -3.106  8.961   -16.956 1.00 26.36 ? 158 HIS A C   1 
ATOM   1254 O  O   . HIS A 1 158 ? -3.094  7.889   -16.347 1.00 26.44 ? 158 HIS A O   1 
ATOM   1255 C  CB  . HIS A 1 158 ? -0.651  9.041   -17.351 1.00 26.33 ? 158 HIS A CB  1 
ATOM   1256 C  CG  . HIS A 1 158 ? 0.467   9.614   -18.159 1.00 27.29 ? 158 HIS A CG  1 
ATOM   1257 N  ND1 . HIS A 1 158 ? 0.631   9.337   -19.500 1.00 26.56 ? 158 HIS A ND1 1 
ATOM   1258 C  CD2 . HIS A 1 158 ? 1.475   10.453  -17.822 1.00 27.82 ? 158 HIS A CD2 1 
ATOM   1259 C  CE1 . HIS A 1 158 ? 1.690   9.982   -19.952 1.00 30.75 ? 158 HIS A CE1 1 
ATOM   1260 N  NE2 . HIS A 1 158 ? 2.221   10.666  -18.954 1.00 31.58 ? 158 HIS A NE2 1 
ATOM   1261 N  N   . GLY A 1 159 ? -4.045  9.886   -16.774 1.00 24.23 ? 159 GLY A N   1 
ATOM   1262 C  CA  . GLY A 1 159 ? -5.133  9.659   -15.834 1.00 24.60 ? 159 GLY A CA  1 
ATOM   1263 C  C   . GLY A 1 159 ? -4.770  9.285   -14.402 1.00 24.08 ? 159 GLY A C   1 
ATOM   1264 O  O   . GLY A 1 159 ? -5.278  8.300   -13.862 1.00 24.33 ? 159 GLY A O   1 
ATOM   1265 N  N   . VAL A 1 160 ? -3.893  10.071  -13.787 1.00 24.55 ? 160 VAL A N   1 
ATOM   1266 C  CA  . VAL A 1 160 ? -3.478  9.849   -12.405 1.00 26.46 ? 160 VAL A CA  1 
ATOM   1267 C  C   . VAL A 1 160 ? -4.191  10.884  -11.518 1.00 25.31 ? 160 VAL A C   1 
ATOM   1268 O  O   . VAL A 1 160 ? -3.959  12.088  -11.644 1.00 22.10 ? 160 VAL A O   1 
ATOM   1269 C  CB  . VAL A 1 160 ? -1.930  10.017  -12.233 1.00 26.45 ? 160 VAL A CB  1 
ATOM   1270 C  CG1 . VAL A 1 160 ? -1.543  9.900   -10.764 1.00 23.67 ? 160 VAL A CG1 1 
ATOM   1271 C  CG2 . VAL A 1 160 ? -1.191  8.971   -13.047 1.00 24.45 ? 160 VAL A CG2 1 
ATOM   1272 N  N   . TYR A 1 161 ? -5.066  10.418  -10.630 1.00 26.62 ? 161 TYR A N   1 
ATOM   1273 C  CA  . TYR A 1 161 ? -5.783  11.332  -9.744  1.00 26.56 ? 161 TYR A CA  1 
ATOM   1274 C  C   . TYR A 1 161 ? -4.989  11.553  -8.477  1.00 25.09 ? 161 TYR A C   1 
ATOM   1275 O  O   . TYR A 1 161 ? -4.149  10.730  -8.113  1.00 22.14 ? 161 TYR A O   1 
ATOM   1276 C  CB  . TYR A 1 161 ? -7.153  10.776  -9.367  1.00 29.37 ? 161 TYR A CB  1 
ATOM   1277 C  CG  . TYR A 1 161 ? -7.936  10.224  -10.524 1.00 34.03 ? 161 TYR A CG  1 
ATOM   1278 C  CD1 . TYR A 1 161 ? -7.532  9.055   -11.166 1.00 34.18 ? 161 TYR A CD1 1 
ATOM   1279 C  CD2 . TYR A 1 161 ? -9.082  10.865  -10.979 1.00 35.59 ? 161 TYR A CD2 1 
ATOM   1280 C  CE1 . TYR A 1 161 ? -8.244  8.533   -12.225 1.00 36.59 ? 161 TYR A CE1 1 
ATOM   1281 C  CE2 . TYR A 1 161 ? -9.806  10.349  -12.043 1.00 42.17 ? 161 TYR A CE2 1 
ATOM   1282 C  CZ  . TYR A 1 161 ? -9.380  9.180   -12.663 1.00 40.01 ? 161 TYR A CZ  1 
ATOM   1283 O  OH  . TYR A 1 161 ? -10.093 8.655   -13.714 1.00 42.90 ? 161 TYR A OH  1 
ATOM   1284 N  N   . VAL A 1 162 ? -5.248  12.672  -7.809  1.00 26.50 ? 162 VAL A N   1 
ATOM   1285 C  CA  . VAL A 1 162 ? -4.565  12.965  -6.558  1.00 27.99 ? 162 VAL A CA  1 
ATOM   1286 C  C   . VAL A 1 162 ? -5.552  13.272  -5.436  1.00 27.79 ? 162 VAL A C   1 
ATOM   1287 O  O   . VAL A 1 162 ? -6.592  13.903  -5.635  1.00 25.93 ? 162 VAL A O   1 
ATOM   1288 C  CB  . VAL A 1 162 ? -3.580  14.137  -6.700  1.00 26.70 ? 162 VAL A CB  1 
ATOM   1289 C  CG1 . VAL A 1 162 ? -4.337  15.433  -6.843  1.00 30.39 ? 162 VAL A CG1 1 
ATOM   1290 C  CG2 . VAL A 1 162 ? -2.660  14.185  -5.493  1.00 25.98 ? 162 VAL A CG2 1 
ATOM   1291 N  N   . LEU A 1 163 ? -5.211  12.797  -4.248  1.00 28.24 ? 163 LEU A N   1 
ATOM   1292 C  CA  . LEU A 1 163 ? -6.029  13.002  -3.068  1.00 26.44 ? 163 LEU A CA  1 
ATOM   1293 C  C   . LEU A 1 163 ? -5.246  13.950  -2.154  1.00 24.62 ? 163 LEU A C   1 
ATOM   1294 O  O   . LEU A 1 163 ? -4.149  13.621  -1.705  1.00 25.30 ? 163 LEU A O   1 
ATOM   1295 C  CB  . LEU A 1 163 ? -6.281  11.647  -2.388  1.00 23.64 ? 163 LEU A CB  1 
ATOM   1296 C  CG  . LEU A 1 163 ? -7.057  11.454  -1.075  1.00 25.34 ? 163 LEU A CG  1 
ATOM   1297 C  CD1 . LEU A 1 163 ? -7.221  12.750  -0.308  1.00 25.07 ? 163 LEU A CD1 1 
ATOM   1298 C  CD2 . LEU A 1 163 ? -8.400  10.866  -1.391  1.00 26.65 ? 163 LEU A CD2 1 
ATOM   1299 N  N   . ASN A 1 164 ? -5.804  15.133  -1.902  1.00 24.68 ? 164 ASN A N   1 
ATOM   1300 C  CA  . ASN A 1 164 ? -5.161  16.115  -1.022  1.00 23.71 ? 164 ASN A CA  1 
ATOM   1301 C  C   . ASN A 1 164 ? -5.855  16.205  0.348   1.00 21.14 ? 164 ASN A C   1 
ATOM   1302 O  O   . ASN A 1 164 ? -7.077  16.271  0.433   1.00 18.10 ? 164 ASN A O   1 
ATOM   1303 C  CB  . ASN A 1 164 ? -5.177  17.503  -1.664  1.00 23.82 ? 164 ASN A CB  1 
ATOM   1304 C  CG  . ASN A 1 164 ? -4.164  17.649  -2.790  1.00 26.05 ? 164 ASN A CG  1 
ATOM   1305 O  OD1 . ASN A 1 164 ? -4.486  17.444  -3.963  1.00 24.80 ? 164 ASN A OD1 1 
ATOM   1306 N  ND2 . ASN A 1 164 ? -2.939  18.022  -2.440  1.00 23.73 ? 164 ASN A ND2 1 
ATOM   1307 N  N   . ILE A 1 165 ? -5.061  16.188  1.417   1.00 23.13 ? 165 ILE A N   1 
ATOM   1308 C  CA  . ILE A 1 165 ? -5.596  16.310  2.772   1.00 25.02 ? 165 ILE A CA  1 
ATOM   1309 C  C   . ILE A 1 165 ? -5.577  17.812  3.045   1.00 23.88 ? 165 ILE A C   1 
ATOM   1310 O  O   . ILE A 1 165 ? -4.532  18.449  2.904   1.00 20.62 ? 165 ILE A O   1 
ATOM   1311 C  CB  . ILE A 1 165 ? -4.694  15.597  3.832   1.00 27.74 ? 165 ILE A CB  1 
ATOM   1312 C  CG1 . ILE A 1 165 ? -4.626  14.089  3.543   1.00 27.87 ? 165 ILE A CG1 1 
ATOM   1313 C  CG2 . ILE A 1 165 ? -5.209  15.896  5.256   1.00 23.95 ? 165 ILE A CG2 1 
ATOM   1314 C  CD1 . ILE A 1 165 ? -5.540  13.229  4.398   1.00 27.43 ? 165 ILE A CD1 1 
ATOM   1315 N  N   . SER A 1 166 ? -6.729  18.376  3.406   1.00 26.13 ? 166 SER A N   1 
ATOM   1316 C  CA  . SER A 1 166 ? -6.812  19.805  3.682   1.00 27.75 ? 166 SER A CA  1 
ATOM   1317 C  C   . SER A 1 166 ? -5.754  20.150  4.716   1.00 29.26 ? 166 SER A C   1 
ATOM   1318 O  O   . SER A 1 166 ? -5.451  19.351  5.606   1.00 28.34 ? 166 SER A O   1 
ATOM   1319 C  CB  . SER A 1 166 ? -8.200  20.171  4.195   1.00 27.54 ? 166 SER A CB  1 
ATOM   1320 O  OG  . SER A 1 166 ? -8.130  20.652  5.523   1.00 34.73 ? 166 SER A OG  1 
ATOM   1321 N  N   . LEU A 1 167 ? -5.185  21.342  4.592   1.00 33.11 ? 167 LEU A N   1 
ATOM   1322 C  CA  . LEU A 1 167 ? -4.128  21.780  5.495   1.00 34.98 ? 167 LEU A CA  1 
ATOM   1323 C  C   . LEU A 1 167 ? -4.590  22.131  6.908   1.00 34.78 ? 167 LEU A C   1 
ATOM   1324 O  O   . LEU A 1 167 ? -3.832  21.972  7.864   1.00 34.49 ? 167 LEU A O   1 
ATOM   1325 C  CB  . LEU A 1 167 ? -3.387  22.965  4.875   1.00 37.91 ? 167 LEU A CB  1 
ATOM   1326 C  CG  . LEU A 1 167 ? -2.758  22.684  3.509   1.00 39.15 ? 167 LEU A CG  1 
ATOM   1327 C  CD1 . LEU A 1 167 ? -2.357  23.999  2.887   1.00 39.10 ? 167 LEU A CD1 1 
ATOM   1328 C  CD2 . LEU A 1 167 ? -1.548  21.757  3.650   1.00 40.91 ? 167 LEU A CD2 1 
ATOM   1329 N  N   . ARG A 1 168 ? -5.826  22.606  7.041   1.00 34.97 ? 168 ARG A N   1 
ATOM   1330 C  CA  . ARG A 1 168 ? -6.361  22.957  8.351   1.00 35.95 ? 168 ARG A CA  1 
ATOM   1331 C  C   . ARG A 1 168 ? -6.698  21.682  9.116   1.00 34.89 ? 168 ARG A C   1 
ATOM   1332 O  O   . ARG A 1 168 ? -7.361  21.722  10.152  1.00 34.67 ? 168 ARG A O   1 
ATOM   1333 C  CB  . ARG A 1 168 ? -7.615  23.822  8.212   1.00 38.28 ? 168 ARG A CB  1 
ATOM   1334 C  CG  . ARG A 1 168 ? -7.380  25.214  7.615   1.00 46.14 ? 168 ARG A CG  1 
ATOM   1335 C  CD  . ARG A 1 168 ? -6.090  25.889  8.114   1.00 54.09 ? 168 ARG A CD  1 
ATOM   1336 N  NE  . ARG A 1 168 ? -5.928  27.234  7.540   1.00 61.84 ? 168 ARG A NE  1 
ATOM   1337 C  CZ  . ARG A 1 168 ? -5.468  28.302  8.200   1.00 63.00 ? 168 ARG A CZ  1 
ATOM   1338 N  NH1 . ARG A 1 168 ? -5.109  28.208  9.478   1.00 66.57 ? 168 ARG A NH1 1 
ATOM   1339 N  NH2 . ARG A 1 168 ? -5.372  29.474  7.582   1.00 63.79 ? 168 ARG A NH2 1 
ATOM   1340 N  N   . ASP A 1 169 ? -6.236  20.547  8.601   1.00 31.43 ? 169 ASP A N   1 
ATOM   1341 C  CA  . ASP A 1 169 ? -6.490  19.275  9.249   1.00 30.36 ? 169 ASP A CA  1 
ATOM   1342 C  C   . ASP A 1 169 ? -5.265  18.370  9.252   1.00 29.33 ? 169 ASP A C   1 
ATOM   1343 O  O   . ASP A 1 169 ? -5.394  17.151  9.299   1.00 30.56 ? 169 ASP A O   1 
ATOM   1344 C  CB  . ASP A 1 169 ? -7.659  18.569  8.565   1.00 32.04 ? 169 ASP A CB  1 
ATOM   1345 C  CG  . ASP A 1 169 ? -8.996  18.963  9.153   1.00 34.94 ? 169 ASP A CG  1 
ATOM   1346 O  OD1 . ASP A 1 169 ? -9.018  19.865  10.018  1.00 37.80 ? 169 ASP A OD1 1 
ATOM   1347 O  OD2 . ASP A 1 169 ? -10.025 18.371  8.755   1.00 33.99 ? 169 ASP A OD2 1 
ATOM   1348 N  N   . ARG A 1 170 ? -4.076  18.971  9.215   1.00 30.76 ? 170 ARG A N   1 
ATOM   1349 C  CA  . ARG A 1 170 ? -2.818  18.222  9.210   1.00 30.27 ? 170 ARG A CA  1 
ATOM   1350 C  C   . ARG A 1 170 ? -2.606  17.399  10.473  1.00 30.63 ? 170 ARG A C   1 
ATOM   1351 O  O   . ARG A 1 170 ? -2.318  16.203  10.401  1.00 31.26 ? 170 ARG A O   1 
ATOM   1352 C  CB  . ARG A 1 170 ? -1.635  19.166  9.040   1.00 31.59 ? 170 ARG A CB  1 
ATOM   1353 C  CG  . ARG A 1 170 ? -0.301  18.498  9.284   1.00 33.57 ? 170 ARG A CG  1 
ATOM   1354 C  CD  . ARG A 1 170 ? 0.831   19.497  9.234   1.00 40.52 ? 170 ARG A CD  1 
ATOM   1355 N  NE  . ARG A 1 170 ? 0.957   20.120  7.919   1.00 41.45 ? 170 ARG A NE  1 
ATOM   1356 C  CZ  . ARG A 1 170 ? 0.432   21.297  7.598   1.00 42.27 ? 170 ARG A CZ  1 
ATOM   1357 N  NH1 . ARG A 1 170 ? -0.255  21.984  8.499   1.00 45.43 ? 170 ARG A NH1 1 
ATOM   1358 N  NH2 . ARG A 1 170 ? 0.589   21.787  6.379   1.00 43.28 ? 170 ARG A NH2 1 
ATOM   1359 N  N   . ILE A 1 171 ? -2.728  18.042  11.628  1.00 27.83 ? 171 ILE A N   1 
ATOM   1360 C  CA  . ILE A 1 171 ? -2.562  17.348  12.902  1.00 29.04 ? 171 ILE A CA  1 
ATOM   1361 C  C   . ILE A 1 171 ? -3.616  16.241  13.018  1.00 27.24 ? 171 ILE A C   1 
ATOM   1362 O  O   . ILE A 1 171 ? -3.335  15.139  13.491  1.00 28.23 ? 171 ILE A O   1 
ATOM   1363 C  CB  . ILE A 1 171 ? -2.708  18.338  14.095  1.00 29.49 ? 171 ILE A CB  1 
ATOM   1364 C  CG1 . ILE A 1 171 ? -1.800  19.553  13.874  1.00 27.33 ? 171 ILE A CG1 1 
ATOM   1365 C  CG2 . ILE A 1 171 ? -2.358  17.646  15.405  1.00 25.90 ? 171 ILE A CG2 1 
ATOM   1366 C  CD1 . ILE A 1 171 ? -0.391  19.202  13.435  1.00 29.09 ? 171 ILE A CD1 1 
ATOM   1367 N  N   . LYS A 1 172 ? -4.830  16.550  12.576  1.00 26.16 ? 172 LYS A N   1 
ATOM   1368 C  CA  . LYS A 1 172 ? -5.946  15.607  12.596  1.00 26.85 ? 172 LYS A CA  1 
ATOM   1369 C  C   . LYS A 1 172 ? -5.581  14.303  11.874  1.00 25.21 ? 172 LYS A C   1 
ATOM   1370 O  O   . LYS A 1 172 ? -5.866  13.209  12.365  1.00 23.31 ? 172 LYS A O   1 
ATOM   1371 C  CB  . LYS A 1 172 ? -7.163  16.241  11.919  1.00 29.14 ? 172 LYS A CB  1 
ATOM   1372 C  CG  . LYS A 1 172 ? -8.480  16.050  12.656  1.00 32.62 ? 172 LYS A CG  1 
ATOM   1373 C  CD  . LYS A 1 172 ? -9.251  17.360  12.708  1.00 34.93 ? 172 LYS A CD  1 
ATOM   1374 C  CE  . LYS A 1 172 ? -10.752 17.150  12.589  1.00 36.15 ? 172 LYS A CE  1 
ATOM   1375 N  NZ  . LYS A 1 172 ? -11.368 18.249  11.778  1.00 40.02 ? 172 LYS A NZ  1 
ATOM   1376 N  N   . PHE A 1 173 ? -4.944  14.432  10.713  1.00 22.76 ? 173 PHE A N   1 
ATOM   1377 C  CA  . PHE A 1 173 ? -4.546  13.268  9.928   1.00 23.72 ? 173 PHE A CA  1 
ATOM   1378 C  C   . PHE A 1 173 ? -3.463  12.455  10.640  1.00 23.92 ? 173 PHE A C   1 
ATOM   1379 O  O   . PHE A 1 173 ? -3.616  11.256  10.833  1.00 19.70 ? 173 PHE A O   1 
ATOM   1380 C  CB  . PHE A 1 173 ? -4.052  13.681  8.526   1.00 18.84 ? 173 PHE A CB  1 
ATOM   1381 C  CG  . PHE A 1 173 ? -3.559  12.521  7.701   1.00 21.02 ? 173 PHE A CG  1 
ATOM   1382 C  CD1 . PHE A 1 173 ? -4.455  11.598  7.174   1.00 21.46 ? 173 PHE A CD1 1 
ATOM   1383 C  CD2 . PHE A 1 173 ? -2.201  12.309  7.511   1.00 21.37 ? 173 PHE A CD2 1 
ATOM   1384 C  CE1 . PHE A 1 173 ? -4.007  10.477  6.478   1.00 21.63 ? 173 PHE A CE1 1 
ATOM   1385 C  CE2 . PHE A 1 173 ? -1.745  11.190  6.818   1.00 21.71 ? 173 PHE A CE2 1 
ATOM   1386 C  CZ  . PHE A 1 173 ? -2.654  10.273  6.303   1.00 21.14 ? 173 PHE A CZ  1 
ATOM   1387 N  N   . VAL A 1 174 ? -2.364  13.095  11.022  1.00 25.76 ? 174 VAL A N   1 
ATOM   1388 C  CA  . VAL A 1 174 ? -1.318  12.359  11.706  1.00 28.90 ? 174 VAL A CA  1 
ATOM   1389 C  C   . VAL A 1 174 ? -1.894  11.788  12.998  1.00 32.86 ? 174 VAL A C   1 
ATOM   1390 O  O   . VAL A 1 174 ? -1.568  10.665  13.384  1.00 35.43 ? 174 VAL A O   1 
ATOM   1391 C  CB  . VAL A 1 174 ? -0.083  13.250  12.035  1.00 31.00 ? 174 VAL A CB  1 
ATOM   1392 C  CG1 . VAL A 1 174 ? 0.021   14.389  11.030  1.00 30.40 ? 174 VAL A CG1 1 
ATOM   1393 C  CG2 . VAL A 1 174 ? -0.178  13.794  13.461  1.00 32.57 ? 174 VAL A CG2 1 
ATOM   1394 N  N   . HIS A 1 175 ? -2.765  12.559  13.650  1.00 33.36 ? 175 HIS A N   1 
ATOM   1395 C  CA  . HIS A 1 175 ? -3.389  12.141  14.903  1.00 32.49 ? 175 HIS A CA  1 
ATOM   1396 C  C   . HIS A 1 175 ? -4.262  10.910  14.717  1.00 35.74 ? 175 HIS A C   1 
ATOM   1397 O  O   . HIS A 1 175 ? -4.265  10.022  15.564  1.00 35.16 ? 175 HIS A O   1 
ATOM   1398 C  CB  . HIS A 1 175 ? -4.240  13.275  15.485  1.00 29.59 ? 175 HIS A CB  1 
ATOM   1399 C  CG  . HIS A 1 175 ? -4.961  12.914  16.752  1.00 26.49 ? 175 HIS A CG  1 
ATOM   1400 N  ND1 . HIS A 1 175 ? -4.328  12.344  17.837  1.00 27.78 ? 175 HIS A ND1 1 
ATOM   1401 C  CD2 . HIS A 1 175 ? -6.261  13.052  17.108  1.00 24.69 ? 175 HIS A CD2 1 
ATOM   1402 C  CE1 . HIS A 1 175 ? -5.205  12.145  18.805  1.00 23.19 ? 175 HIS A CE1 1 
ATOM   1403 N  NE2 . HIS A 1 175 ? -6.385  12.566  18.389  1.00 26.37 ? 175 HIS A NE2 1 
ATOM   1404 N  N   . THR A 1 176 ? -4.997  10.854  13.610  1.00 38.02 ? 176 THR A N   1 
ATOM   1405 C  CA  . THR A 1 176 ? -5.888  9.724   13.357  1.00 39.92 ? 176 THR A CA  1 
ATOM   1406 C  C   . THR A 1 176 ? -5.217  8.464   12.799  1.00 38.99 ? 176 THR A C   1 
ATOM   1407 O  O   . THR A 1 176 ? -5.602  7.351   13.156  1.00 36.60 ? 176 THR A O   1 
ATOM   1408 C  CB  . THR A 1 176 ? -7.050  10.128  12.415  1.00 41.21 ? 176 THR A CB  1 
ATOM   1409 O  OG1 . THR A 1 176 ? -8.004  10.926  13.136  1.00 39.54 ? 176 THR A OG1 1 
ATOM   1410 C  CG2 . THR A 1 176 ? -7.741  8.883   11.867  1.00 40.35 ? 176 THR A CG2 1 
ATOM   1411 N  N   . ILE A 1 177 ? -4.221  8.630   11.933  1.00 39.71 ? 177 ILE A N   1 
ATOM   1412 C  CA  . ILE A 1 177 ? -3.530  7.480   11.348  1.00 39.92 ? 177 ILE A CA  1 
ATOM   1413 C  C   . ILE A 1 177 ? -2.446  6.895   12.247  1.00 41.41 ? 177 ILE A C   1 
ATOM   1414 O  O   . ILE A 1 177 ? -1.774  5.935   11.865  1.00 40.42 ? 177 ILE A O   1 
ATOM   1415 C  CB  . ILE A 1 177 ? -2.890  7.829   9.985   1.00 40.34 ? 177 ILE A CB  1 
ATOM   1416 C  CG1 . ILE A 1 177 ? -1.996  9.064   10.126  1.00 42.41 ? 177 ILE A CG1 1 
ATOM   1417 C  CG2 . ILE A 1 177 ? -3.974  8.052   8.943   1.00 38.31 ? 177 ILE A CG2 1 
ATOM   1418 C  CD1 . ILE A 1 177 ? -0.520  8.814   9.825   1.00 41.63 ? 177 ILE A CD1 1 
ATOM   1419 N  N   . LEU A 1 178 ? -2.276  7.473   13.436  1.00 42.42 ? 178 LEU A N   1 
ATOM   1420 C  CA  . LEU A 1 178 ? -1.278  6.994   14.396  1.00 41.38 ? 178 LEU A CA  1 
ATOM   1421 C  C   . LEU A 1 178 ? -1.904  6.727   15.767  1.00 40.54 ? 178 LEU A C   1 
ATOM   1422 O  O   . LEU A 1 178 ? -1.187  6.878   16.777  1.00 39.88 ? 178 LEU A O   1 
ATOM   1423 C  CB  . LEU A 1 178 ? -0.141  8.010   14.545  1.00 39.44 ? 178 LEU A CB  1 
ATOM   1424 C  CG  . LEU A 1 178 ? 0.741   8.265   13.321  1.00 42.00 ? 178 LEU A CG  1 
ATOM   1425 C  CD1 . LEU A 1 178 ? 1.967   9.045   13.749  1.00 41.21 ? 178 LEU A CD1 1 
ATOM   1426 C  CD2 . LEU A 1 178 ? 1.147   6.948   12.671  1.00 42.32 ? 178 LEU A CD2 1 
ATOM   1427 N  N   . SER A 1 179 ? -3.101  6.366   15.819  1.00 39.37 ? 179 SER A N   1 
HETATM 1428 O  O   . HOH B 2 .   ? 14.776  1.708   -9.266  1.00 17.78 ? 189 HOH A O   1 
HETATM 1429 O  O   . HOH B 2 .   ? -7.518  23.630  2.898   1.00 25.30 ? 190 HOH A O   1 
HETATM 1430 O  O   . HOH B 2 .   ? 3.698   -20.608 -0.543  1.00 18.42 ? 191 HOH A O   1 
HETATM 1431 O  O   . HOH B 2 .   ? -5.396  0.813   12.243  1.00 29.92 ? 192 HOH A O   1 
HETATM 1432 O  O   . HOH B 2 .   ? 11.618  4.737   1.199   1.00 26.36 ? 193 HOH A O   1 
HETATM 1433 O  O   . HOH B 2 .   ? 5.659   1.078   -1.185  1.00 19.18 ? 194 HOH A O   1 
HETATM 1434 O  O   . HOH B 2 .   ? -10.218 -7.385  5.045   1.00 36.25 ? 195 HOH A O   1 
HETATM 1435 O  O   . HOH B 2 .   ? -16.846 4.508   11.204  1.00 35.83 ? 196 HOH A O   1 
HETATM 1436 O  O   . HOH B 2 .   ? 11.474  -14.621 4.356   1.00 16.74 ? 197 HOH A O   1 
HETATM 1437 O  O   . HOH B 2 .   ? 8.562   11.842  1.444   1.00 44.22 ? 198 HOH A O   1 
HETATM 1438 O  O   . HOH B 2 .   ? 20.120  -7.102  -5.159  1.00 23.90 ? 199 HOH A O   1 
HETATM 1439 O  O   . HOH B 2 .   ? -14.076 17.046  2.599   1.00 28.30 ? 200 HOH A O   1 
HETATM 1440 O  O   . HOH B 2 .   ? 1.835   -15.024 -16.507 1.00 21.26 ? 201 HOH A O   1 
HETATM 1441 O  O   . HOH B 2 .   ? -1.185  12.834  -28.565 1.00 31.00 ? 202 HOH A O   1 
HETATM 1442 O  O   . HOH B 2 .   ? 10.027  7.783   8.922   1.00 45.97 ? 203 HOH A O   1 
HETATM 1443 O  O   . HOH B 2 .   ? -13.787 17.860  9.343   1.00 38.67 ? 204 HOH A O   1 
HETATM 1444 O  O   . HOH B 2 .   ? 16.633  -13.599 -8.246  1.00 49.92 ? 205 HOH A O   1 
HETATM 1445 O  O   . HOH B 2 .   ? 1.284   -23.634 -8.163  1.00 27.25 ? 206 HOH A O   1 
HETATM 1446 O  O   . HOH B 2 .   ? -21.907 7.683   -4.159  1.00 25.94 ? 207 HOH A O   1 
HETATM 1447 O  O   . HOH B 2 .   ? 20.739  0.462   9.987   1.00 20.16 ? 208 HOH A O   1 
HETATM 1448 O  O   . HOH B 2 .   ? 0.198   5.905   -2.269  1.00 22.99 ? 209 HOH A O   1 
HETATM 1449 O  O   . HOH B 2 .   ? 6.441   4.101   9.211   1.00 41.66 ? 210 HOH A O   1 
HETATM 1450 O  O   . HOH B 2 .   ? 8.761   -23.160 -24.895 1.00 46.25 ? 211 HOH A O   1 
HETATM 1451 O  O   . HOH B 2 .   ? 18.462  -11.284 -3.757  1.00 35.26 ? 212 HOH A O   1 
HETATM 1452 O  O   . HOH B 2 .   ? 21.831  -5.572  4.683   1.00 37.43 ? 213 HOH A O   1 
HETATM 1453 O  O   . HOH B 2 .   ? -16.796 -1.990  6.142   1.00 53.84 ? 214 HOH A O   1 
HETATM 1454 O  O   . HOH B 2 .   ? -3.681  3.891   13.787  1.00 30.91 ? 215 HOH A O   1 
HETATM 1455 O  O   . HOH B 2 .   ? 2.984   -25.515 -7.883  1.00 36.99 ? 216 HOH A O   1 
HETATM 1456 O  O   . HOH B 2 .   ? 10.346  -13.101 -6.489  1.00 38.53 ? 217 HOH A O   1 
HETATM 1457 O  O   . HOH B 2 .   ? 15.309  -7.555  6.965   1.00 29.05 ? 218 HOH A O   1 
HETATM 1458 O  O   . HOH B 2 .   ? 15.837  -14.734 0.095   1.00 30.12 ? 219 HOH A O   1 
HETATM 1459 O  O   . HOH B 2 .   ? -9.746  21.938  0.310   1.00 61.31 ? 220 HOH A O   1 
HETATM 1460 O  O   . HOH B 2 .   ? -3.932  -17.417 -8.577  1.00 23.35 ? 221 HOH A O   1 
HETATM 1461 O  O   . HOH B 2 .   ? 14.505  -20.971 -0.167  1.00 35.27 ? 222 HOH A O   1 
HETATM 1462 O  O   . HOH B 2 .   ? -16.877 2.535   7.089   1.00 48.85 ? 223 HOH A O   1 
HETATM 1463 O  O   . HOH B 2 .   ? -19.175 -2.403  -4.683  1.00 24.99 ? 224 HOH A O   1 
HETATM 1464 O  O   . HOH B 2 .   ? -4.386  -17.701 0.090   1.00 33.66 ? 225 HOH A O   1 
HETATM 1465 O  O   . HOH B 2 .   ? 12.328  -9.509  8.927   1.00 28.22 ? 226 HOH A O   1 
HETATM 1466 O  O   . HOH B 2 .   ? 20.338  -6.351  -7.572  1.00 47.25 ? 227 HOH A O   1 
HETATM 1467 O  O   . HOH B 2 .   ? 17.780  -10.809 0.405   1.00 26.19 ? 228 HOH A O   1 
HETATM 1468 O  O   . HOH B 2 .   ? 11.423  -13.918 -4.328  1.00 24.80 ? 229 HOH A O   1 
HETATM 1469 O  O   . HOH B 2 .   ? 9.873   5.914   8.144   1.00 61.92 ? 230 HOH A O   1 
HETATM 1470 O  O   . HOH B 2 .   ? -4.972  -12.088 8.374   1.00 49.16 ? 231 HOH A O   1 
HETATM 1471 O  O   . HOH B 2 .   ? -7.568  -11.192 10.378  1.00 41.84 ? 232 HOH A O   1 
HETATM 1472 O  O   . HOH B 2 .   ? 0.808   -18.428 14.170  1.00 58.28 ? 233 HOH A O   1 
HETATM 1473 O  O   . HOH B 2 .   ? 10.642  -14.705 -2.804  1.00 22.58 ? 234 HOH A O   1 
HETATM 1474 O  O   . HOH B 2 .   ? -7.322  -9.942  5.820   1.00 48.94 ? 235 HOH A O   1 
HETATM 1475 O  O   . HOH B 2 .   ? 0.572   7.742   -3.757  1.00 24.87 ? 236 HOH A O   1 
HETATM 1476 O  O   . HOH B 2 .   ? 3.424   -10.056 -16.283 1.00 59.44 ? 237 HOH A O   1 
HETATM 1477 O  O   . HOH B 2 .   ? 18.064  4.416   7.946   1.00 46.33 ? 238 HOH A O   1 
HETATM 1478 O  O   . HOH B 2 .   ? -4.611  -20.265 0.875   1.00 33.81 ? 239 HOH A O   1 
HETATM 1479 O  O   . HOH B 2 .   ? -5.210  -3.749  2.841   1.00 56.84 ? 240 HOH A O   1 
HETATM 1480 O  O   . HOH B 2 .   ? -3.486  -18.107 -5.587  1.00 49.03 ? 241 HOH A O   1 
HETATM 1481 O  O   . HOH B 2 .   ? 10.544  -18.991 -22.765 1.00 41.60 ? 242 HOH A O   1 
HETATM 1482 O  O   . HOH B 2 .   ? -1.077  -4.690  -8.102  1.00 29.11 ? 243 HOH A O   1 
HETATM 1483 O  O   . HOH B 2 .   ? 2.885   11.061  -14.342 1.00 53.88 ? 244 HOH A O   1 
HETATM 1484 O  O   . HOH B 2 .   ? 17.437  2.927   10.580  1.00 20.73 ? 245 HOH A O   1 
HETATM 1485 O  O   . HOH B 2 .   ? -6.316  -0.139  -7.663  1.00 35.11 ? 246 HOH A O   1 
HETATM 1486 O  O   . HOH B 2 .   ? -1.208  6.030   -18.143 1.00 28.32 ? 247 HOH A O   1 
HETATM 1487 O  O   . HOH B 2 .   ? -17.802 4.404   3.787   1.00 23.46 ? 248 HOH A O   1 
HETATM 1488 O  O   . HOH B 2 .   ? -3.545  -20.118 -9.542  1.00 46.70 ? 249 HOH A O   1 
HETATM 1489 O  O   . HOH B 2 .   ? 6.183   -3.037  -8.499  1.00 28.47 ? 250 HOH A O   1 
HETATM 1490 O  O   . HOH B 2 .   ? 18.573  -3.546  10.644  1.00 46.49 ? 251 HOH A O   1 
HETATM 1491 O  O   . HOH B 2 .   ? -16.690 2.482   3.990   1.00 52.98 ? 252 HOH A O   1 
HETATM 1492 O  O   . HOH B 2 .   ? -17.022 8.646   12.497  1.00 36.84 ? 253 HOH A O   1 
HETATM 1493 O  O   . HOH B 2 .   ? 5.578   -18.651 -23.347 1.00 40.22 ? 254 HOH A O   1 
HETATM 1494 O  O   . HOH B 2 .   ? 7.939   5.140   8.822   1.00 51.72 ? 255 HOH A O   1 
HETATM 1495 O  O   . HOH B 2 .   ? -12.062 -0.075  -7.615  1.00 34.74 ? 256 HOH A O   1 
HETATM 1496 O  O   . HOH B 2 .   ? 4.188   -11.458 -17.408 1.00 44.21 ? 257 HOH A O   1 
HETATM 1497 O  O   . HOH B 2 .   ? -3.592  18.114  -12.134 1.00 33.49 ? 258 HOH A O   1 
HETATM 1498 O  O   . HOH B 2 .   ? -11.546 16.063  -20.933 1.00 46.80 ? 259 HOH A O   1 
HETATM 1499 O  O   . HOH B 2 .   ? -8.191  -2.759  -1.828  1.00 35.37 ? 260 HOH A O   1 
HETATM 1500 O  O   . HOH B 2 .   ? -16.314 23.801  9.038   1.00 38.57 ? 261 HOH A O   1 
HETATM 1501 O  O   . HOH B 2 .   ? -2.716  -4.109  -3.530  1.00 42.59 ? 262 HOH A O   1 
HETATM 1502 O  O   . HOH B 2 .   ? -17.377 -0.282  7.882   1.00 62.30 ? 263 HOH A O   1 
HETATM 1503 O  O   . HOH B 2 .   ? -17.506 -4.642  7.279   1.00 40.51 ? 264 HOH A O   1 
HETATM 1504 O  O   . HOH B 2 .   ? 3.655   -13.661 15.883  1.00 51.90 ? 265 HOH A O   1 
HETATM 1505 O  O   . HOH B 2 .   ? 3.364   -20.762 -4.313  1.00 25.13 ? 266 HOH A O   1 
# 
